data_2UWE
#
_entry.id   2UWE
#
_cell.length_a   93.489
_cell.length_b   84.178
_cell.length_c   121.773
_cell.angle_alpha   90.00
_cell.angle_beta   92.05
_cell.angle_gamma   90.00
#
_symmetry.space_group_name_H-M   'P 1 21 1'
#
loop_
_entity.id
_entity.type
_entity.pdbx_description
1 polymer 'HLA CLASS I HISTOCOMPATIBILITY ANTIGEN, A-2 ALPHA CHAIN'
2 polymer BETA-2-MICROGLOBULIN
3 polymer 'UNCHARACTERIZED PROTEIN C15ORF24'
4 polymer 'AHIII TCR ALPHA CHAIN'
5 polymer 'AHIII TCR BETA CHAIN'
6 water water
#
loop_
_entity_poly.entity_id
_entity_poly.type
_entity_poly.pdbx_seq_one_letter_code
_entity_poly.pdbx_strand_id
1 'polypeptide(L)'
;GSHSMRYFFTSVSRPGRGEPRFIAVGYVDDTQFVRFDSDAASQRMEPRAPWIEQEGPEYWDGETRKVKAHSQTHRVDLGT
LRGYYNQSEAGSHTVQRMYGCDVGSDWRFLRGYHQYAYDGKDYIALKEDLRSWTAADMAAQTTKHKWEAAHVAEQLRAYL
EGACVEWLRRYLENGKETLQRTDAPKTHMTHHAVSDHEATLRCWALSFYPAEITLTWQRDGEDQTQDTELVETRPAGDGT
FQKWAAVVVPSGQEQRYTCHVQHEGLPKPLTLRWE
;
A,H
2 'polypeptide(L)'
;MIQRTPKIQVYSRHPAENGKSNFLNCYVSGFHPSDIEVDLLKNGERIEKVEHSDLSFSKDWSFYLLYYTEFTPTEKDEYA
CRVNHVTLSQPKIVKWDRDM
;
B,I
3 'polypeptide(L)' ALWGFFPVL C,J
4 'polypeptide(L)'
;MDSVTQTEGLVTLTEGLPVMLNCTYQSTYSPFLFWYVQHLNEAPKLLLKSFTDNKRPEHQGFHATLHKSSSSFHLQKSSA
QLSDSALYYCALFLASSSFSKLVFGQGTSLSVVPNIQNPEPAVYQLKDPRSQDSTLCLFTDFDSQINVPKTMESGTFITD
KTVLDMKAMDSKSNGAIAWSNQTSFTCQDIFKET
;
E,L
5 'polypeptide(L)'
;MEAAVTQSPRSKVAVTGGKVTLSCHQTNNHDYMYWYRQDTGHGLRLIHYSYVADSTEKGDIPDGYKASRPSQENFSLILE
LASLSQTAVYFCASSDWVSYEQYFGPGTRLTVLEDLRNVTPPKVSLFEPSKAEIANKQKATLVCLARGFFPDHVELSWWV
NGKEVHSGVSTDPQAYKESNYSYALSSRLRVSATFWHNPRNHFRCQVQFHGLSEEDKWPEGSPKPVTQNISAEAWGRA
;
F,M
#
# COMPACT_ATOMS: atom_id res chain seq x y z
N GLY A 1 -36.58 -9.28 5.12
CA GLY A 1 -37.43 -8.04 5.16
C GLY A 1 -36.60 -6.80 5.39
N SER A 2 -36.93 -6.05 6.44
CA SER A 2 -36.19 -4.86 6.82
C SER A 2 -34.83 -5.23 7.42
N HIS A 3 -33.86 -4.33 7.26
CA HIS A 3 -32.52 -4.54 7.79
C HIS A 3 -31.98 -3.31 8.53
N SER A 4 -30.91 -3.50 9.28
CA SER A 4 -30.29 -2.42 10.03
C SER A 4 -28.77 -2.57 10.12
N MET A 5 -28.09 -1.44 10.33
CA MET A 5 -26.68 -1.45 10.70
C MET A 5 -26.50 -0.59 11.95
N ARG A 6 -25.79 -1.14 12.94
CA ARG A 6 -25.60 -0.46 14.22
C ARG A 6 -24.15 -0.56 14.64
N TYR A 7 -23.66 0.53 15.23
CA TYR A 7 -22.35 0.53 15.89
C TYR A 7 -22.58 0.83 17.36
N PHE A 8 -21.92 0.08 18.22
CA PHE A 8 -22.08 0.21 19.67
C PHE A 8 -20.73 0.50 20.32
N PHE A 9 -20.68 1.59 21.10
CA PHE A 9 -19.43 2.04 21.71
C PHE A 9 -19.57 2.08 23.22
N THR A 10 -18.61 1.47 23.92
CA THR A 10 -18.60 1.50 25.37
C THR A 10 -17.25 1.99 25.88
N SER A 11 -17.29 3.10 26.63
CA SER A 11 -16.11 3.64 27.29
C SER A 11 -16.29 3.66 28.79
N VAL A 12 -15.37 3.01 29.50
CA VAL A 12 -15.42 2.92 30.96
C VAL A 12 -14.13 3.48 31.56
N SER A 13 -14.26 4.45 32.45
CA SER A 13 -13.09 4.99 33.15
C SER A 13 -12.59 4.00 34.19
N ARG A 14 -11.29 3.75 34.21
CA ARG A 14 -10.69 2.79 35.12
C ARG A 14 -9.74 3.47 36.11
N PRO A 15 -10.23 3.70 37.35
CA PRO A 15 -9.49 4.42 38.40
C PRO A 15 -8.19 3.76 38.84
N GLY A 16 -8.09 2.44 38.69
CA GLY A 16 -6.90 1.69 39.09
C GLY A 16 -5.94 1.33 37.97
N ARG A 17 -6.26 1.80 36.75
CA ARG A 17 -5.45 1.53 35.57
C ARG A 17 -5.02 2.83 34.88
N GLY A 18 -3.99 2.73 34.04
CA GLY A 18 -3.41 3.89 33.34
C GLY A 18 -4.25 4.44 32.20
N GLU A 19 -5.20 3.65 31.72
CA GLU A 19 -6.07 4.05 30.62
C GLU A 19 -7.50 3.58 30.87
N PRO A 20 -8.50 4.34 30.37
CA PRO A 20 -9.87 3.80 30.33
C PRO A 20 -10.01 2.66 29.32
N ARG A 21 -11.14 1.96 29.38
CA ARG A 21 -11.43 0.85 28.47
C ARG A 21 -12.42 1.30 27.40
N PHE A 22 -12.10 0.99 26.14
CA PHE A 22 -12.98 1.31 25.02
C PHE A 22 -13.23 0.08 24.14
N ILE A 23 -14.51 -0.20 23.90
CA ILE A 23 -14.91 -1.30 23.02
C ILE A 23 -15.92 -0.82 21.99
N ALA A 24 -15.65 -1.13 20.73
CA ALA A 24 -16.55 -0.78 19.62
C ALA A 24 -16.91 -2.03 18.84
N VAL A 25 -18.21 -2.22 18.60
CA VAL A 25 -18.68 -3.35 17.81
C VAL A 25 -19.65 -2.93 16.71
N GLY A 26 -19.54 -3.57 15.56
CA GLY A 26 -20.45 -3.33 14.45
C GLY A 26 -21.38 -4.51 14.24
N TYR A 27 -22.66 -4.21 14.06
CA TYR A 27 -23.68 -5.22 13.81
C TYR A 27 -24.41 -4.93 12.50
N VAL A 28 -24.73 -5.98 11.76
CA VAL A 28 -25.71 -5.91 10.68
C VAL A 28 -26.83 -6.84 11.11
N ASP A 29 -28.02 -6.29 11.27
CA ASP A 29 -29.12 -7.00 11.91
C ASP A 29 -28.63 -7.56 13.25
N ASP A 30 -28.60 -8.89 13.37
CA ASP A 30 -28.20 -9.54 14.61
C ASP A 30 -26.80 -10.16 14.56
N THR A 31 -26.13 -10.04 13.42
CA THR A 31 -24.78 -10.55 13.22
C THR A 31 -23.73 -9.45 13.42
N GLN A 32 -22.79 -9.70 14.33
CA GLN A 32 -21.67 -8.81 14.55
C GLN A 32 -20.61 -9.03 13.47
N PHE A 33 -20.03 -7.95 12.95
CA PHE A 33 -19.09 -8.07 11.84
C PHE A 33 -17.71 -7.44 12.07
N VAL A 34 -17.65 -6.45 12.96
CA VAL A 34 -16.37 -5.81 13.32
C VAL A 34 -16.25 -5.62 14.82
N ARG A 35 -15.00 -5.55 15.30
CA ARG A 35 -14.73 -5.21 16.69
C ARG A 35 -13.44 -4.41 16.85
N PHE A 36 -13.42 -3.57 17.88
CA PHE A 36 -12.19 -2.93 18.33
C PHE A 36 -12.15 -2.93 19.85
N ASP A 37 -11.00 -3.31 20.40
CA ASP A 37 -10.79 -3.29 21.84
C ASP A 37 -9.46 -2.59 22.13
N SER A 38 -9.53 -1.53 22.93
CA SER A 38 -8.36 -0.71 23.27
C SER A 38 -7.30 -1.46 24.08
N ASP A 39 -7.71 -2.56 24.69
CA ASP A 39 -6.81 -3.40 25.50
C ASP A 39 -6.18 -4.56 24.72
N ALA A 40 -6.68 -4.84 23.52
CA ALA A 40 -6.17 -5.92 22.69
C ALA A 40 -4.83 -5.56 22.05
N ALA A 41 -4.05 -6.58 21.68
CA ALA A 41 -2.69 -6.42 21.15
C ALA A 41 -2.62 -5.69 19.81
N SER A 42 -3.54 -6.03 18.91
CA SER A 42 -3.50 -5.56 17.51
C SER A 42 -3.58 -4.05 17.36
N GLN A 43 -4.48 -3.42 18.12
CA GLN A 43 -4.80 -1.99 18.00
C GLN A 43 -5.35 -1.64 16.61
N ARG A 44 -6.19 -2.55 16.10
CA ARG A 44 -6.83 -2.40 14.79
C ARG A 44 -8.29 -2.84 14.86
N MET A 45 -9.08 -2.40 13.89
CA MET A 45 -10.42 -2.94 13.70
C MET A 45 -10.28 -4.37 13.19
N GLU A 46 -11.06 -5.28 13.79
CA GLU A 46 -10.93 -6.71 13.54
C GLU A 46 -12.22 -7.28 12.95
N PRO A 47 -12.11 -8.17 11.94
CA PRO A 47 -13.24 -8.89 11.35
C PRO A 47 -13.88 -9.91 12.31
N ARG A 48 -15.22 -9.97 12.31
CA ARG A 48 -15.96 -10.90 13.16
C ARG A 48 -17.05 -11.65 12.38
N ALA A 49 -17.14 -11.37 11.09
CA ALA A 49 -18.03 -12.10 10.19
C ALA A 49 -17.24 -12.56 8.96
N PRO A 50 -17.65 -13.69 8.35
CA PRO A 50 -16.96 -14.18 7.16
C PRO A 50 -17.03 -13.21 5.98
N TRP A 51 -18.15 -12.52 5.82
CA TRP A 51 -18.39 -11.69 4.64
C TRP A 51 -17.68 -10.34 4.62
N ILE A 52 -17.25 -9.86 5.78
CA ILE A 52 -16.48 -8.62 5.87
C ILE A 52 -15.01 -8.84 5.45
N GLU A 53 -14.59 -10.10 5.40
CA GLU A 53 -13.22 -10.48 5.07
C GLU A 53 -12.83 -10.19 3.62
N GLN A 54 -13.82 -10.00 2.76
CA GLN A 54 -13.55 -9.70 1.35
C GLN A 54 -13.17 -8.23 1.10
N GLU A 55 -13.40 -7.37 2.08
CA GLU A 55 -12.96 -5.97 2.03
C GLU A 55 -11.43 -5.90 2.02
N GLY A 56 -10.90 -4.89 1.32
CA GLY A 56 -9.46 -4.76 1.12
C GLY A 56 -8.72 -3.99 2.19
N PRO A 57 -7.39 -3.82 2.04
CA PRO A 57 -6.52 -3.16 3.02
C PRO A 57 -6.92 -1.72 3.37
N GLU A 58 -7.46 -0.99 2.39
CA GLU A 58 -7.87 0.39 2.58
C GLU A 58 -9.05 0.51 3.54
N TYR A 59 -10.00 -0.41 3.43
CA TYR A 59 -11.14 -0.49 4.33
C TYR A 59 -10.68 -0.67 5.78
N TRP A 60 -9.77 -1.61 6.01
CA TRP A 60 -9.29 -1.91 7.36
C TRP A 60 -8.43 -0.80 7.96
N ASP A 61 -7.58 -0.17 7.14
CA ASP A 61 -6.86 1.05 7.55
C ASP A 61 -7.83 2.18 7.87
N GLY A 62 -8.83 2.38 7.00
CA GLY A 62 -9.85 3.40 7.20
C GLY A 62 -10.63 3.22 8.48
N GLU A 63 -11.16 2.02 8.70
CA GLU A 63 -11.92 1.70 9.92
C GLU A 63 -11.06 1.78 11.18
N THR A 64 -9.80 1.38 11.07
CA THR A 64 -8.85 1.49 12.19
C THR A 64 -8.61 2.94 12.63
N ARG A 65 -8.26 3.82 11.69
CA ARG A 65 -7.98 5.22 12.02
C ARG A 65 -9.23 5.93 12.55
N LYS A 66 -10.39 5.54 12.02
CA LYS A 66 -11.67 6.11 12.43
C LYS A 66 -12.08 5.69 13.84
N VAL A 67 -11.98 4.38 14.13
CA VAL A 67 -12.35 3.85 15.44
C VAL A 67 -11.40 4.32 16.54
N LYS A 68 -10.14 4.52 16.20
CA LYS A 68 -9.16 5.08 17.13
C LYS A 68 -9.47 6.53 17.48
N ALA A 69 -10.01 7.28 16.50
CA ALA A 69 -10.46 8.65 16.74
C ALA A 69 -11.71 8.68 17.60
N HIS A 70 -12.62 7.72 17.37
CA HIS A 70 -13.76 7.47 18.26
C HIS A 70 -13.29 7.20 19.69
N SER A 71 -12.29 6.33 19.81
CA SER A 71 -11.72 5.92 21.09
C SER A 71 -11.14 7.10 21.88
N GLN A 72 -10.39 7.95 21.19
CA GLN A 72 -9.79 9.15 21.79
C GLN A 72 -10.85 10.17 22.19
N THR A 73 -11.88 10.31 21.35
CA THR A 73 -12.98 11.24 21.60
C THR A 73 -13.77 10.84 22.83
N HIS A 74 -14.10 9.55 22.93
CA HIS A 74 -14.86 9.01 24.06
C HIS A 74 -14.04 8.95 25.35
N ARG A 75 -12.72 8.92 25.22
CA ARG A 75 -11.81 9.02 26.36
C ARG A 75 -11.90 10.42 26.97
N VAL A 76 -11.87 11.45 26.11
CA VAL A 76 -12.01 12.84 26.52
C VAL A 76 -13.41 13.11 27.07
N ASP A 77 -14.42 12.46 26.47
CA ASP A 77 -15.82 12.59 26.90
C ASP A 77 -16.05 12.19 28.37
N LEU A 78 -15.33 11.16 28.82
CA LEU A 78 -15.36 10.74 30.22
C LEU A 78 -14.95 11.88 31.16
N GLY A 79 -13.84 12.55 30.83
CA GLY A 79 -13.36 13.69 31.60
C GLY A 79 -14.28 14.89 31.55
N THR A 80 -14.93 15.08 30.40
CA THR A 80 -15.86 16.19 30.19
C THR A 80 -17.11 16.06 31.07
N LEU A 81 -17.68 14.85 31.10
CA LEU A 81 -18.89 14.58 31.87
C LEU A 81 -18.63 14.58 33.37
N ARG A 82 -17.43 14.13 33.74
CA ARG A 82 -16.96 14.20 35.14
C ARG A 82 -16.97 15.65 35.64
N GLY A 83 -16.57 16.58 34.76
CA GLY A 83 -16.61 18.00 35.05
C GLY A 83 -18.02 18.57 35.04
N TYR A 84 -18.84 18.14 34.09
CA TYR A 84 -20.23 18.59 33.97
C TYR A 84 -21.04 18.32 35.24
N TYR A 85 -20.89 17.12 35.79
CA TYR A 85 -21.65 16.69 36.97
C TYR A 85 -20.90 16.89 38.28
N ASN A 86 -19.71 17.50 38.19
CA ASN A 86 -18.86 17.79 39.36
C ASN A 86 -18.51 16.54 40.17
N GLN A 87 -18.14 15.47 39.46
CA GLN A 87 -17.77 14.20 40.06
C GLN A 87 -16.26 14.09 40.25
N SER A 88 -15.84 13.30 41.24
CA SER A 88 -14.42 13.09 41.52
C SER A 88 -13.81 12.05 40.58
N GLU A 89 -12.50 11.89 40.65
CA GLU A 89 -11.77 10.95 39.79
C GLU A 89 -11.72 9.55 40.38
N ALA A 90 -12.18 9.40 41.61
CA ALA A 90 -12.11 8.14 42.36
C ALA A 90 -13.02 7.04 41.80
N GLY A 91 -14.16 7.44 41.25
CA GLY A 91 -15.17 6.50 40.78
C GLY A 91 -15.07 6.15 39.30
N SER A 92 -15.65 5.00 38.96
CA SER A 92 -15.70 4.52 37.58
C SER A 92 -17.04 4.86 36.93
N HIS A 93 -16.97 5.43 35.72
CA HIS A 93 -18.17 5.86 35.00
C HIS A 93 -18.20 5.30 33.57
N THR A 94 -19.39 5.19 33.01
CA THR A 94 -19.58 4.56 31.71
C THR A 94 -20.26 5.49 30.71
N VAL A 95 -19.58 5.72 29.58
CA VAL A 95 -20.18 6.39 28.44
C VAL A 95 -20.53 5.35 27.38
N GLN A 96 -21.80 5.33 26.98
CA GLN A 96 -22.25 4.47 25.89
C GLN A 96 -22.75 5.29 24.72
N ARG A 97 -22.45 4.82 23.51
CA ARG A 97 -22.92 5.46 22.29
C ARG A 97 -23.40 4.42 21.30
N MET A 98 -24.50 4.74 20.63
CA MET A 98 -25.02 3.92 19.54
C MET A 98 -25.37 4.85 18.38
N TYR A 99 -25.03 4.42 17.17
CA TYR A 99 -25.61 5.02 15.97
C TYR A 99 -25.77 4.02 14.82
N GLY A 100 -26.67 4.34 13.91
CA GLY A 100 -26.91 3.50 12.75
C GLY A 100 -28.19 3.83 12.02
N CYS A 101 -28.51 3.01 11.03
CA CYS A 101 -29.65 3.27 10.15
C CYS A 101 -30.47 2.00 9.93
N ASP A 102 -31.77 2.20 9.70
CA ASP A 102 -32.68 1.12 9.29
C ASP A 102 -33.06 1.30 7.82
N VAL A 103 -33.24 0.18 7.13
CA VAL A 103 -33.83 0.17 5.79
C VAL A 103 -35.09 -0.71 5.79
N GLY A 104 -36.01 -0.42 4.87
CA GLY A 104 -37.18 -1.29 4.66
C GLY A 104 -36.79 -2.51 3.84
N SER A 105 -37.80 -3.29 3.43
CA SER A 105 -37.56 -4.47 2.60
C SER A 105 -37.16 -4.08 1.17
N ASP A 106 -37.46 -2.84 0.78
CA ASP A 106 -37.01 -2.28 -0.49
C ASP A 106 -35.59 -1.73 -0.40
N TRP A 107 -35.01 -1.81 0.81
CA TRP A 107 -33.63 -1.37 1.09
C TRP A 107 -33.44 0.14 1.06
N ARG A 108 -34.51 0.89 1.30
CA ARG A 108 -34.43 2.34 1.37
C ARG A 108 -34.54 2.80 2.81
N PHE A 109 -33.86 3.91 3.11
CA PHE A 109 -33.79 4.49 4.46
C PHE A 109 -35.15 4.63 5.12
N LEU A 110 -35.23 4.19 6.38
CA LEU A 110 -36.44 4.32 7.19
C LEU A 110 -36.21 5.20 8.41
N ARG A 111 -35.20 4.86 9.20
CA ARG A 111 -34.88 5.55 10.45
C ARG A 111 -33.38 5.62 10.66
N GLY A 112 -32.95 6.63 11.40
CA GLY A 112 -31.54 6.80 11.76
C GLY A 112 -31.44 7.10 13.25
N TYR A 113 -30.37 6.61 13.86
CA TYR A 113 -30.17 6.74 15.31
C TYR A 113 -28.81 7.36 15.61
N HIS A 114 -28.75 8.13 16.69
CA HIS A 114 -27.50 8.64 17.26
C HIS A 114 -27.78 9.08 18.70
N GLN A 115 -27.29 8.30 19.66
CA GLN A 115 -27.64 8.52 21.06
C GLN A 115 -26.57 8.13 22.06
N TYR A 116 -26.64 8.75 23.24
CA TYR A 116 -25.64 8.59 24.30
C TYR A 116 -26.29 8.26 25.63
N ALA A 117 -25.58 7.49 26.44
CA ALA A 117 -25.94 7.31 27.84
C ALA A 117 -24.71 7.52 28.72
N TYR A 118 -24.92 8.16 29.87
CA TYR A 118 -23.89 8.26 30.89
C TYR A 118 -24.40 7.56 32.13
N ASP A 119 -23.67 6.53 32.56
CA ASP A 119 -24.03 5.68 33.70
C ASP A 119 -25.44 5.06 33.55
N GLY A 120 -25.71 4.54 32.35
CA GLY A 120 -26.96 3.84 32.06
C GLY A 120 -28.15 4.72 31.72
N LYS A 121 -27.98 6.04 31.82
CA LYS A 121 -29.10 6.97 31.67
C LYS A 121 -28.99 7.82 30.41
N ASP A 122 -30.09 7.91 29.68
CA ASP A 122 -30.19 8.74 28.48
C ASP A 122 -29.57 10.12 28.67
N TYR A 123 -28.62 10.45 27.81
CA TYR A 123 -27.93 11.72 27.88
C TYR A 123 -28.41 12.64 26.75
N ILE A 124 -28.09 12.27 25.52
CA ILE A 124 -28.54 13.02 24.34
C ILE A 124 -28.89 12.06 23.20
N ALA A 125 -29.91 12.42 22.44
CA ALA A 125 -30.36 11.59 21.32
C ALA A 125 -30.84 12.43 20.14
N LEU A 126 -30.56 11.96 18.93
CA LEU A 126 -31.10 12.56 17.71
C LEU A 126 -32.53 12.07 17.50
N LYS A 127 -33.45 13.01 17.25
CA LYS A 127 -34.85 12.69 16.98
C LYS A 127 -35.05 12.15 15.56
N GLU A 128 -36.20 11.50 15.34
CA GLU A 128 -36.51 10.85 14.05
C GLU A 128 -36.51 11.80 12.84
N ASP A 129 -36.83 13.08 13.06
CA ASP A 129 -36.75 14.09 12.01
C ASP A 129 -35.30 14.33 11.55
N LEU A 130 -34.35 13.89 12.38
CA LEU A 130 -32.91 13.94 12.09
C LEU A 130 -32.33 15.35 12.05
N ARG A 131 -33.03 16.28 12.70
CA ARG A 131 -32.61 17.68 12.75
C ARG A 131 -32.52 18.17 14.19
N SER A 132 -33.10 17.40 15.11
CA SER A 132 -33.31 17.84 16.48
C SER A 132 -32.59 16.97 17.51
N TRP A 133 -32.35 17.54 18.68
CA TRP A 133 -31.67 16.84 19.78
C TRP A 133 -32.52 16.79 21.03
N THR A 134 -32.63 15.60 21.60
CA THR A 134 -33.25 15.43 22.92
C THR A 134 -32.11 15.45 23.95
N ALA A 135 -32.06 16.52 24.73
CA ALA A 135 -31.08 16.62 25.81
C ALA A 135 -31.80 16.54 27.15
N ALA A 136 -31.44 15.53 27.94
CA ALA A 136 -32.14 15.19 29.18
C ALA A 136 -32.02 16.24 30.28
N ASP A 137 -30.80 16.70 30.52
CA ASP A 137 -30.53 17.65 31.61
C ASP A 137 -29.76 18.88 31.14
N MET A 138 -29.29 19.68 32.10
CA MET A 138 -28.53 20.89 31.80
C MET A 138 -27.12 20.61 31.26
N ALA A 139 -26.54 19.47 31.66
CA ALA A 139 -25.23 19.04 31.16
C ALA A 139 -25.29 18.71 29.67
N ALA A 140 -26.37 18.04 29.27
CA ALA A 140 -26.57 17.65 27.88
C ALA A 140 -26.92 18.84 26.99
N GLN A 141 -27.42 19.91 27.61
CA GLN A 141 -27.68 21.17 26.93
C GLN A 141 -26.38 21.84 26.47
N THR A 142 -25.32 21.66 27.26
CA THR A 142 -23.99 22.16 26.92
C THR A 142 -23.44 21.43 25.68
N THR A 143 -23.67 20.11 25.63
CA THR A 143 -23.29 19.29 24.48
C THR A 143 -24.11 19.68 23.24
N LYS A 144 -25.40 19.92 23.45
CA LYS A 144 -26.31 20.31 22.38
C LYS A 144 -25.89 21.62 21.73
N HIS A 145 -25.46 22.59 22.54
CA HIS A 145 -25.05 23.90 22.05
C HIS A 145 -23.74 23.85 21.25
N LYS A 146 -22.84 22.95 21.65
CA LYS A 146 -21.62 22.67 20.90
C LYS A 146 -21.93 22.13 19.51
N TRP A 147 -22.89 21.21 19.45
CA TRP A 147 -23.22 20.48 18.22
C TRP A 147 -24.04 21.32 17.23
N GLU A 148 -24.91 22.18 17.75
CA GLU A 148 -25.69 23.09 16.91
C GLU A 148 -24.80 24.12 16.23
N ALA A 149 -23.74 24.54 16.92
CA ALA A 149 -22.75 25.48 16.39
C ALA A 149 -21.91 24.85 15.28
N ALA A 150 -21.66 23.55 15.39
CA ALA A 150 -20.89 22.81 14.39
C ALA A 150 -21.77 22.13 13.34
N HIS A 151 -23.08 22.32 13.45
CA HIS A 151 -24.07 21.74 12.53
C HIS A 151 -23.92 20.22 12.43
N VAL A 152 -23.82 19.57 13.58
CA VAL A 152 -23.58 18.12 13.66
C VAL A 152 -24.73 17.30 13.07
N ALA A 153 -25.97 17.67 13.41
CA ALA A 153 -27.17 16.97 12.91
C ALA A 153 -27.19 16.87 11.39
N GLU A 154 -26.94 17.99 10.73
CA GLU A 154 -26.92 18.08 9.27
C GLU A 154 -25.85 17.15 8.66
N GLN A 155 -24.69 17.07 9.30
CA GLN A 155 -23.62 16.18 8.88
C GLN A 155 -23.95 14.71 9.16
N LEU A 156 -24.66 14.48 10.27
CA LEU A 156 -25.06 13.13 10.66
C LEU A 156 -26.10 12.57 9.70
N ARG A 157 -27.06 13.43 9.33
CA ARG A 157 -28.08 13.12 8.34
C ARG A 157 -27.47 12.64 7.03
N ALA A 158 -26.35 13.26 6.65
CA ALA A 158 -25.62 12.89 5.44
C ALA A 158 -25.05 11.48 5.54
N TYR A 159 -24.55 11.14 6.73
CA TYR A 159 -24.06 9.79 6.99
C TYR A 159 -25.18 8.77 7.04
N LEU A 160 -26.18 9.03 7.88
CA LEU A 160 -27.26 8.07 8.17
C LEU A 160 -28.15 7.77 6.96
N GLU A 161 -28.33 8.77 6.08
CA GLU A 161 -29.16 8.61 4.89
C GLU A 161 -28.32 8.32 3.64
N GLY A 162 -27.00 8.47 3.76
CA GLY A 162 -26.09 8.26 2.64
C GLY A 162 -25.13 7.11 2.88
N ALA A 163 -24.00 7.40 3.51
CA ALA A 163 -22.95 6.41 3.76
C ALA A 163 -23.41 5.18 4.54
N CYS A 164 -24.24 5.38 5.57
CA CYS A 164 -24.75 4.28 6.40
C CYS A 164 -25.56 3.31 5.57
N VAL A 165 -26.53 3.83 4.82
CA VAL A 165 -27.41 3.02 3.98
C VAL A 165 -26.66 2.33 2.84
N GLU A 166 -25.71 3.05 2.23
CA GLU A 166 -24.93 2.52 1.09
C GLU A 166 -24.08 1.32 1.52
N TRP A 167 -23.37 1.48 2.63
CA TRP A 167 -22.53 0.42 3.18
C TRP A 167 -23.34 -0.77 3.70
N LEU A 168 -24.50 -0.49 4.30
CA LEU A 168 -25.43 -1.54 4.73
C LEU A 168 -25.84 -2.44 3.55
N ARG A 169 -26.26 -1.82 2.44
CA ARG A 169 -26.63 -2.56 1.22
C ARG A 169 -25.47 -3.37 0.66
N ARG A 170 -24.27 -2.79 0.71
CA ARG A 170 -23.05 -3.47 0.28
C ARG A 170 -22.78 -4.72 1.11
N TYR A 171 -22.93 -4.61 2.42
CA TYR A 171 -22.74 -5.74 3.34
C TYR A 171 -23.80 -6.81 3.13
N LEU A 172 -25.06 -6.38 2.99
CA LEU A 172 -26.19 -7.27 2.74
C LEU A 172 -25.98 -8.15 1.50
N GLU A 173 -25.30 -7.60 0.50
CA GLU A 173 -25.02 -8.33 -0.75
C GLU A 173 -23.83 -9.28 -0.61
N ASN A 174 -22.73 -8.80 -0.03
CA ASN A 174 -21.53 -9.60 0.19
C ASN A 174 -21.77 -10.80 1.12
N GLY A 175 -22.66 -10.61 2.10
CA GLY A 175 -23.05 -11.69 3.00
C GLY A 175 -24.48 -12.15 2.74
N LYS A 176 -24.82 -12.31 1.47
CA LYS A 176 -26.17 -12.69 1.04
C LYS A 176 -26.66 -13.99 1.66
N GLU A 177 -25.79 -15.01 1.67
CA GLU A 177 -26.14 -16.34 2.20
C GLU A 177 -26.44 -16.34 3.70
N THR A 178 -25.79 -15.42 4.42
CA THR A 178 -25.94 -15.29 5.87
C THR A 178 -27.01 -14.26 6.26
N LEU A 179 -26.92 -13.07 5.70
CA LEU A 179 -27.76 -11.95 6.14
C LEU A 179 -29.17 -11.94 5.54
N GLN A 180 -29.33 -12.56 4.38
CA GLN A 180 -30.62 -12.55 3.70
C GLN A 180 -31.38 -13.87 3.83
N ARG A 181 -30.87 -14.79 4.65
CA ARG A 181 -31.55 -16.05 4.93
C ARG A 181 -32.66 -15.83 5.97
N THR A 182 -33.62 -16.76 6.00
CA THR A 182 -34.63 -16.76 7.04
C THR A 182 -34.88 -18.18 7.54
N ASP A 183 -34.54 -18.42 8.80
CA ASP A 183 -34.68 -19.75 9.41
C ASP A 183 -35.88 -19.79 10.33
N ALA A 184 -36.82 -20.69 9.99
CA ALA A 184 -38.03 -20.88 10.78
C ALA A 184 -37.72 -21.59 12.09
N PRO A 185 -38.44 -21.20 13.18
CA PRO A 185 -38.21 -21.83 14.47
C PRO A 185 -38.68 -23.29 14.52
N LYS A 186 -37.82 -24.14 15.05
CA LYS A 186 -38.19 -25.50 15.40
C LYS A 186 -38.84 -25.40 16.78
N THR A 187 -40.10 -25.83 16.87
CA THR A 187 -40.87 -25.65 18.10
C THR A 187 -41.29 -26.96 18.75
N HIS A 188 -41.31 -26.96 20.09
CA HIS A 188 -41.89 -28.05 20.87
C HIS A 188 -42.33 -27.54 22.25
N MET A 189 -43.14 -28.34 22.94
CA MET A 189 -43.62 -27.98 24.27
C MET A 189 -43.18 -29.02 25.31
N THR A 190 -42.86 -28.55 26.51
CA THR A 190 -42.53 -29.42 27.63
C THR A 190 -43.50 -29.22 28.79
N HIS A 191 -43.58 -30.24 29.66
CA HIS A 191 -44.51 -30.24 30.78
C HIS A 191 -43.81 -30.65 32.07
N HIS A 192 -43.99 -29.84 33.12
CA HIS A 192 -43.41 -30.13 34.43
C HIS A 192 -44.41 -29.87 35.55
N ALA A 193 -44.56 -30.85 36.44
CA ALA A 193 -45.40 -30.68 37.62
C ALA A 193 -44.61 -29.96 38.72
N VAL A 194 -45.08 -28.76 39.08
CA VAL A 194 -44.42 -27.97 40.13
C VAL A 194 -44.97 -28.29 41.51
N SER A 195 -46.27 -28.59 41.57
CA SER A 195 -46.94 -29.06 42.78
C SER A 195 -48.06 -30.03 42.39
N ASP A 196 -48.85 -30.46 43.37
CA ASP A 196 -49.92 -31.43 43.14
C ASP A 196 -51.15 -30.81 42.46
N HIS A 197 -51.15 -29.48 42.32
CA HIS A 197 -52.28 -28.74 41.76
C HIS A 197 -51.86 -27.78 40.65
N GLU A 198 -50.55 -27.65 40.44
CA GLU A 198 -49.99 -26.75 39.43
C GLU A 198 -49.00 -27.46 38.50
N ALA A 199 -48.91 -26.97 37.27
CA ALA A 199 -47.97 -27.51 36.28
C ALA A 199 -47.41 -26.40 35.40
N THR A 200 -46.16 -26.58 34.95
CA THR A 200 -45.50 -25.63 34.06
C THR A 200 -45.50 -26.15 32.62
N LEU A 201 -46.06 -25.35 31.71
CA LEU A 201 -45.93 -25.60 30.28
C LEU A 201 -44.91 -24.63 29.70
N ARG A 202 -43.90 -25.18 29.03
CA ARG A 202 -42.87 -24.35 28.41
C ARG A 202 -42.91 -24.50 26.89
N CYS A 203 -43.01 -23.37 26.21
CA CYS A 203 -43.08 -23.31 24.75
C CYS A 203 -41.74 -22.88 24.17
N TRP A 204 -41.13 -23.77 23.39
CA TRP A 204 -39.77 -23.57 22.89
C TRP A 204 -39.72 -23.11 21.44
N ALA A 205 -38.80 -22.19 21.16
CA ALA A 205 -38.49 -21.79 19.79
C ALA A 205 -36.98 -21.88 19.60
N LEU A 206 -36.55 -22.79 18.73
CA LEU A 206 -35.12 -23.05 18.53
C LEU A 206 -34.67 -22.88 17.08
N SER A 207 -33.39 -22.56 16.91
CA SER A 207 -32.72 -22.53 15.60
C SER A 207 -33.35 -21.57 14.59
N PHE A 208 -33.80 -20.41 15.07
CA PHE A 208 -34.40 -19.41 14.19
C PHE A 208 -33.51 -18.20 13.90
N TYR A 209 -33.66 -17.64 12.70
CA TYR A 209 -33.01 -16.40 12.30
C TYR A 209 -33.95 -15.61 11.39
N PRO A 210 -34.06 -14.28 11.59
CA PRO A 210 -33.36 -13.44 12.57
C PRO A 210 -33.93 -13.55 14.00
N ALA A 211 -33.37 -12.78 14.92
CA ALA A 211 -33.71 -12.88 16.35
C ALA A 211 -35.14 -12.47 16.71
N GLU A 212 -35.78 -11.68 15.85
CA GLU A 212 -37.14 -11.20 16.09
C GLU A 212 -38.17 -12.34 16.10
N ILE A 213 -38.88 -12.46 17.21
CA ILE A 213 -39.89 -13.51 17.40
C ILE A 213 -40.92 -13.09 18.46
N THR A 214 -42.16 -13.52 18.28
CA THR A 214 -43.21 -13.29 19.27
C THR A 214 -43.80 -14.62 19.77
N LEU A 215 -43.53 -14.93 21.04
CA LEU A 215 -44.12 -16.09 21.71
C LEU A 215 -45.15 -15.62 22.73
N THR A 216 -46.42 -15.96 22.49
CA THR A 216 -47.51 -15.57 23.37
C THR A 216 -48.30 -16.77 23.84
N TRP A 217 -48.79 -16.71 25.08
CA TRP A 217 -49.66 -17.74 25.62
C TRP A 217 -51.11 -17.25 25.64
N GLN A 218 -52.03 -18.15 25.31
CA GLN A 218 -53.45 -17.86 25.40
C GLN A 218 -54.16 -18.86 26.30
N ARG A 219 -55.16 -18.38 27.03
CA ARG A 219 -56.04 -19.24 27.81
C ARG A 219 -57.46 -19.08 27.26
N ASP A 220 -57.98 -20.16 26.67
CA ASP A 220 -59.27 -20.15 25.97
C ASP A 220 -59.30 -19.09 24.86
N GLY A 221 -58.29 -19.13 24.00
CA GLY A 221 -58.16 -18.19 22.88
C GLY A 221 -58.01 -16.74 23.29
N GLU A 222 -57.56 -16.51 24.51
CA GLU A 222 -57.46 -15.17 25.08
C GLU A 222 -56.08 -14.92 25.68
N ASP A 223 -55.45 -13.84 25.23
CA ASP A 223 -54.07 -13.49 25.62
C ASP A 223 -53.81 -13.58 27.12
N GLN A 224 -52.69 -14.22 27.48
CA GLN A 224 -52.34 -14.48 28.87
C GLN A 224 -50.90 -14.10 29.17
N THR A 225 -50.72 -13.00 29.90
CA THR A 225 -49.41 -12.57 30.38
C THR A 225 -49.37 -12.68 31.91
N GLN A 226 -50.55 -12.66 32.52
CA GLN A 226 -50.72 -12.63 33.98
C GLN A 226 -49.89 -13.64 34.79
N ASP A 227 -49.46 -14.72 34.14
CA ASP A 227 -48.63 -15.74 34.78
C ASP A 227 -47.53 -16.26 33.84
N THR A 228 -47.18 -15.46 32.85
CA THR A 228 -46.22 -15.84 31.81
C THR A 228 -44.77 -15.43 32.15
N GLU A 229 -43.86 -16.40 32.03
CA GLU A 229 -42.44 -16.13 32.18
C GLU A 229 -41.77 -16.16 30.80
N LEU A 230 -41.08 -15.07 30.46
CA LEU A 230 -40.47 -14.93 29.15
C LEU A 230 -38.99 -14.58 29.28
N VAL A 231 -38.13 -15.50 28.84
CA VAL A 231 -36.69 -15.25 28.81
C VAL A 231 -36.27 -14.44 27.59
N GLU A 232 -35.23 -13.65 27.77
CA GLU A 232 -34.62 -12.88 26.68
C GLU A 232 -34.13 -13.80 25.57
N THR A 233 -34.36 -13.40 24.32
CA THR A 233 -33.86 -14.12 23.16
C THR A 233 -32.34 -14.26 23.26
N ARG A 234 -31.87 -15.50 23.19
CA ARG A 234 -30.47 -15.82 23.40
C ARG A 234 -29.83 -16.38 22.13
N PRO A 235 -28.53 -16.12 21.94
CA PRO A 235 -27.84 -16.70 20.78
C PRO A 235 -27.40 -18.15 21.03
N ALA A 236 -27.62 -19.02 20.06
CA ALA A 236 -27.17 -20.40 20.15
C ALA A 236 -25.65 -20.48 20.01
N GLY A 237 -25.07 -19.54 19.28
CA GLY A 237 -23.63 -19.50 19.06
C GLY A 237 -23.23 -19.85 17.64
N ASP A 238 -24.18 -20.37 16.87
CA ASP A 238 -23.94 -20.76 15.49
C ASP A 238 -24.60 -19.82 14.46
N GLY A 239 -25.11 -18.68 14.93
CA GLY A 239 -25.80 -17.73 14.07
C GLY A 239 -27.31 -17.78 14.18
N THR A 240 -27.81 -18.76 14.94
CA THR A 240 -29.25 -18.88 15.19
C THR A 240 -29.58 -18.54 16.64
N PHE A 241 -30.86 -18.29 16.90
CA PHE A 241 -31.30 -17.81 18.20
C PHE A 241 -32.30 -18.76 18.87
N GLN A 242 -32.50 -18.55 20.16
CA GLN A 242 -33.38 -19.39 20.98
C GLN A 242 -34.21 -18.54 21.91
N LYS A 243 -35.41 -19.01 22.23
CA LYS A 243 -36.30 -18.35 23.18
C LYS A 243 -37.35 -19.33 23.67
N TRP A 244 -37.78 -19.18 24.93
CA TRP A 244 -38.92 -19.93 25.44
C TRP A 244 -39.84 -19.09 26.32
N ALA A 245 -41.11 -19.49 26.35
CA ALA A 245 -42.12 -18.89 27.20
C ALA A 245 -42.82 -19.98 28.01
N ALA A 246 -43.07 -19.71 29.28
CA ALA A 246 -43.70 -20.68 30.17
C ALA A 246 -44.86 -20.08 30.96
N VAL A 247 -45.89 -20.89 31.19
CA VAL A 247 -47.01 -20.54 32.07
C VAL A 247 -47.20 -21.60 33.16
N VAL A 248 -47.58 -21.14 34.35
CA VAL A 248 -47.95 -22.03 35.44
C VAL A 248 -49.46 -22.21 35.41
N VAL A 249 -49.88 -23.44 35.06
CA VAL A 249 -51.29 -23.76 34.87
C VAL A 249 -51.80 -24.67 35.99
N PRO A 250 -53.13 -24.65 36.27
CA PRO A 250 -53.68 -25.67 37.16
C PRO A 250 -53.62 -27.06 36.52
N SER A 251 -53.33 -28.08 37.33
CA SER A 251 -53.21 -29.45 36.83
C SER A 251 -54.57 -29.97 36.33
N GLY A 252 -54.55 -30.58 35.15
CA GLY A 252 -55.77 -31.03 34.48
C GLY A 252 -56.32 -30.01 33.51
N GLN A 253 -55.71 -28.84 33.47
CA GLN A 253 -56.16 -27.75 32.61
C GLN A 253 -55.16 -27.40 31.51
N GLU A 254 -54.17 -28.26 31.32
CA GLU A 254 -53.11 -28.06 30.33
C GLU A 254 -53.62 -27.72 28.94
N GLN A 255 -54.64 -28.46 28.49
CA GLN A 255 -55.16 -28.35 27.12
C GLN A 255 -55.96 -27.08 26.84
N ARG A 256 -56.27 -26.31 27.88
CA ARG A 256 -56.96 -25.03 27.74
C ARG A 256 -56.01 -23.92 27.28
N TYR A 257 -54.71 -24.21 27.27
CA TYR A 257 -53.68 -23.23 26.96
C TYR A 257 -53.05 -23.48 25.59
N THR A 258 -52.79 -22.41 24.85
CA THR A 258 -52.13 -22.48 23.55
C THR A 258 -50.97 -21.51 23.44
N CYS A 259 -49.87 -21.96 22.84
CA CYS A 259 -48.73 -21.09 22.56
C CYS A 259 -48.72 -20.68 21.09
N HIS A 260 -48.48 -19.40 20.84
CA HIS A 260 -48.53 -18.86 19.48
C HIS A 260 -47.18 -18.28 19.05
N VAL A 261 -46.61 -18.88 18.01
CA VAL A 261 -45.28 -18.53 17.53
C VAL A 261 -45.35 -17.70 16.24
N GLN A 262 -44.83 -16.48 16.31
CA GLN A 262 -44.78 -15.58 15.16
C GLN A 262 -43.35 -15.31 14.74
N HIS A 263 -43.05 -15.62 13.48
CA HIS A 263 -41.71 -15.45 12.92
C HIS A 263 -41.77 -15.19 11.41
N GLU A 264 -40.76 -14.49 10.90
CA GLU A 264 -40.65 -14.17 9.46
C GLU A 264 -40.57 -15.42 8.58
N GLY A 265 -39.71 -16.36 8.96
CA GLY A 265 -39.47 -17.58 8.19
C GLY A 265 -40.60 -18.59 8.29
N LEU A 266 -41.70 -18.17 8.90
CA LEU A 266 -42.86 -19.02 9.12
C LEU A 266 -43.99 -18.56 8.20
N PRO A 267 -44.39 -19.42 7.25
CA PRO A 267 -45.45 -19.10 6.29
C PRO A 267 -46.76 -18.70 6.96
N LYS A 268 -47.10 -19.41 8.04
CA LYS A 268 -48.28 -19.10 8.85
C LYS A 268 -47.93 -19.25 10.33
N PRO A 269 -48.49 -18.39 11.19
CA PRO A 269 -48.24 -18.47 12.64
C PRO A 269 -48.67 -19.83 13.20
N LEU A 270 -47.82 -20.41 14.05
CA LEU A 270 -48.07 -21.72 14.62
C LEU A 270 -48.79 -21.63 15.95
N THR A 271 -49.78 -22.52 16.12
CA THR A 271 -50.48 -22.67 17.39
C THR A 271 -50.10 -24.04 17.97
N LEU A 272 -49.65 -24.04 19.22
CA LEU A 272 -49.24 -25.27 19.88
C LEU A 272 -50.07 -25.53 21.12
N ARG A 273 -50.53 -26.77 21.26
CA ARG A 273 -51.32 -27.21 22.42
C ARG A 273 -50.71 -28.49 22.98
N TRP A 274 -50.69 -28.61 24.30
CA TRP A 274 -50.13 -29.79 24.96
C TRP A 274 -50.97 -31.05 24.70
N GLU A 275 -50.31 -32.09 24.22
CA GLU A 275 -50.95 -33.38 23.97
C GLU A 275 -50.15 -34.52 24.62
N MET B 1 -24.18 5.28 38.85
CA MET B 1 -25.53 5.73 39.31
C MET B 1 -26.56 4.60 39.21
N ILE B 2 -26.70 4.04 38.01
CA ILE B 2 -27.65 2.95 37.75
C ILE B 2 -26.97 1.58 37.87
N GLN B 3 -27.61 0.69 38.62
CA GLN B 3 -27.10 -0.67 38.82
C GLN B 3 -28.16 -1.72 38.51
N ARG B 4 -27.90 -2.53 37.47
CA ARG B 4 -28.81 -3.61 37.08
C ARG B 4 -28.12 -4.96 37.22
N THR B 5 -28.80 -5.89 37.91
CA THR B 5 -28.28 -7.24 38.14
C THR B 5 -28.42 -8.10 36.88
N PRO B 6 -27.42 -8.97 36.60
CA PRO B 6 -27.48 -9.78 35.37
C PRO B 6 -28.52 -10.89 35.39
N LYS B 7 -29.10 -11.16 34.22
CA LYS B 7 -29.92 -12.35 34.03
C LYS B 7 -29.04 -13.43 33.40
N ILE B 8 -29.04 -14.62 33.99
CA ILE B 8 -28.14 -15.69 33.59
C ILE B 8 -28.89 -16.86 32.95
N GLN B 9 -28.45 -17.26 31.76
CA GLN B 9 -29.02 -18.41 31.05
C GLN B 9 -27.92 -19.37 30.66
N VAL B 10 -28.00 -20.60 31.17
CA VAL B 10 -27.04 -21.66 30.85
C VAL B 10 -27.71 -22.69 29.95
N TYR B 11 -27.10 -22.96 28.80
CA TYR B 11 -27.71 -23.82 27.78
C TYR B 11 -26.68 -24.36 26.80
N SER B 12 -27.12 -25.30 25.97
CA SER B 12 -26.27 -25.86 24.92
C SER B 12 -26.69 -25.31 23.56
N ARG B 13 -25.72 -25.17 22.66
CA ARG B 13 -25.95 -24.75 21.28
C ARG B 13 -26.97 -25.65 20.59
N HIS B 14 -26.70 -26.96 20.61
CA HIS B 14 -27.58 -27.96 20.02
C HIS B 14 -28.23 -28.81 21.12
N PRO B 15 -29.39 -29.43 20.82
CA PRO B 15 -30.01 -30.33 21.79
C PRO B 15 -29.02 -31.39 22.25
N ALA B 16 -28.75 -31.42 23.56
CA ALA B 16 -27.70 -32.25 24.13
C ALA B 16 -27.96 -33.74 23.97
N GLU B 17 -26.97 -34.44 23.41
CA GLU B 17 -26.99 -35.88 23.29
C GLU B 17 -25.67 -36.43 23.81
N ASN B 18 -25.75 -37.33 24.78
CA ASN B 18 -24.57 -37.90 25.44
C ASN B 18 -23.57 -38.52 24.46
N GLY B 19 -22.29 -38.14 24.61
CA GLY B 19 -21.21 -38.66 23.79
C GLY B 19 -21.01 -37.93 22.47
N LYS B 20 -21.80 -36.87 22.25
CA LYS B 20 -21.70 -36.06 21.04
C LYS B 20 -21.22 -34.65 21.39
N SER B 21 -20.19 -34.20 20.68
CA SER B 21 -19.60 -32.88 20.89
C SER B 21 -20.61 -31.75 20.67
N ASN B 22 -20.57 -30.77 21.56
CA ASN B 22 -21.52 -29.66 21.58
C ASN B 22 -20.83 -28.39 22.07
N PHE B 23 -21.62 -27.35 22.34
CA PHE B 23 -21.12 -26.12 22.94
C PHE B 23 -21.98 -25.72 24.12
N LEU B 24 -21.31 -25.40 25.23
CA LEU B 24 -21.99 -24.95 26.44
C LEU B 24 -21.97 -23.42 26.49
N ASN B 25 -23.15 -22.82 26.53
CA ASN B 25 -23.29 -21.37 26.54
C ASN B 25 -23.74 -20.85 27.89
N CYS B 26 -23.15 -19.74 28.31
CA CYS B 26 -23.70 -18.95 29.39
C CYS B 26 -23.94 -17.55 28.87
N TYR B 27 -25.19 -17.10 28.94
CA TYR B 27 -25.58 -15.79 28.43
C TYR B 27 -25.98 -14.88 29.59
N VAL B 28 -25.16 -13.87 29.83
CA VAL B 28 -25.46 -12.83 30.80
C VAL B 28 -25.96 -11.59 30.07
N SER B 29 -27.14 -11.13 30.47
CA SER B 29 -27.77 -9.99 29.84
C SER B 29 -28.40 -9.07 30.88
N GLY B 30 -28.72 -7.85 30.46
CA GLY B 30 -29.49 -6.90 31.28
C GLY B 30 -28.75 -6.28 32.45
N PHE B 31 -27.42 -6.35 32.43
CA PHE B 31 -26.62 -5.83 33.55
C PHE B 31 -26.00 -4.45 33.32
N HIS B 32 -25.77 -3.74 34.43
CA HIS B 32 -25.13 -2.43 34.42
C HIS B 32 -24.55 -2.17 35.81
N PRO B 33 -23.28 -1.73 35.91
CA PRO B 33 -22.31 -1.46 34.83
C PRO B 33 -21.74 -2.73 34.19
N SER B 34 -20.75 -2.56 33.31
CA SER B 34 -20.28 -3.62 32.42
C SER B 34 -19.28 -4.62 33.05
N ASP B 35 -18.67 -4.23 34.16
CA ASP B 35 -17.70 -5.08 34.85
C ASP B 35 -18.39 -6.31 35.42
N ILE B 36 -17.93 -7.49 34.99
CA ILE B 36 -18.57 -8.76 35.32
C ILE B 36 -17.55 -9.92 35.30
N GLU B 37 -17.75 -10.88 36.20
CA GLU B 37 -16.96 -12.10 36.23
C GLU B 37 -17.86 -13.28 35.88
N VAL B 38 -17.46 -14.04 34.88
CA VAL B 38 -18.23 -15.19 34.44
C VAL B 38 -17.33 -16.42 34.31
N ASP B 39 -17.75 -17.51 34.95
CA ASP B 39 -17.05 -18.79 34.86
C ASP B 39 -18.01 -19.90 34.47
N LEU B 40 -17.54 -20.82 33.63
CA LEU B 40 -18.25 -22.05 33.34
C LEU B 40 -17.63 -23.17 34.17
N LEU B 41 -18.48 -24.00 34.77
CA LEU B 41 -18.02 -25.03 35.70
C LEU B 41 -18.36 -26.44 35.22
N LYS B 42 -17.40 -27.35 35.40
CA LYS B 42 -17.63 -28.78 35.21
C LYS B 42 -17.43 -29.46 36.56
N ASN B 43 -18.52 -29.99 37.11
CA ASN B 43 -18.54 -30.59 38.44
C ASN B 43 -17.99 -29.65 39.53
N GLY B 44 -18.36 -28.38 39.44
CA GLY B 44 -17.94 -27.34 40.38
C GLY B 44 -16.51 -26.85 40.19
N GLU B 45 -15.89 -27.27 39.08
CA GLU B 45 -14.49 -26.94 38.80
C GLU B 45 -14.40 -26.05 37.56
N ARG B 46 -13.62 -24.97 37.68
CA ARG B 46 -13.48 -23.96 36.63
C ARG B 46 -12.93 -24.55 35.32
N ILE B 47 -13.64 -24.28 34.23
CA ILE B 47 -13.20 -24.70 32.89
C ILE B 47 -12.23 -23.66 32.32
N GLU B 48 -11.08 -24.14 31.84
CA GLU B 48 -10.00 -23.28 31.36
C GLU B 48 -10.32 -22.56 30.05
N LYS B 49 -10.58 -23.33 28.99
CA LYS B 49 -10.74 -22.78 27.64
C LYS B 49 -12.15 -22.25 27.40
N VAL B 50 -12.43 -21.07 27.93
CA VAL B 50 -13.74 -20.43 27.76
C VAL B 50 -13.57 -19.10 27.04
N GLU B 51 -14.29 -18.94 25.94
CA GLU B 51 -14.26 -17.71 25.15
C GLU B 51 -15.53 -16.90 25.36
N HIS B 52 -15.46 -15.60 25.08
CA HIS B 52 -16.61 -14.73 25.20
C HIS B 52 -16.79 -13.79 24.01
N SER B 53 -18.03 -13.38 23.78
CA SER B 53 -18.37 -12.39 22.76
C SER B 53 -17.81 -11.01 23.15
N ASP B 54 -17.79 -10.09 22.20
CA ASP B 54 -17.35 -8.73 22.49
C ASP B 54 -18.49 -7.96 23.14
N LEU B 55 -18.15 -7.09 24.08
CA LEU B 55 -19.15 -6.33 24.83
C LEU B 55 -20.06 -5.51 23.92
N SER B 56 -21.36 -5.70 24.11
CA SER B 56 -22.39 -4.94 23.40
C SER B 56 -23.54 -4.65 24.35
N PHE B 57 -24.51 -3.88 23.89
CA PHE B 57 -25.65 -3.51 24.72
C PHE B 57 -26.98 -3.42 23.96
N SER B 58 -28.07 -3.36 24.72
CA SER B 58 -29.42 -3.31 24.17
C SER B 58 -29.96 -1.89 24.12
N LYS B 59 -31.16 -1.74 23.57
CA LYS B 59 -31.84 -0.45 23.41
C LYS B 59 -31.92 0.34 24.72
N ASP B 60 -32.18 -0.37 25.82
CA ASP B 60 -32.27 0.22 27.16
C ASP B 60 -30.90 0.36 27.84
N TRP B 61 -29.84 0.31 27.04
CA TRP B 61 -28.45 0.52 27.48
C TRP B 61 -27.83 -0.60 28.35
N SER B 62 -28.59 -1.66 28.59
CA SER B 62 -28.10 -2.77 29.41
C SER B 62 -27.16 -3.67 28.61
N PHE B 63 -26.12 -4.17 29.26
CA PHE B 63 -25.09 -4.98 28.61
C PHE B 63 -25.48 -6.44 28.45
N TYR B 64 -24.85 -7.11 27.50
CA TYR B 64 -24.99 -8.56 27.32
C TYR B 64 -23.70 -9.19 26.81
N LEU B 65 -23.42 -10.41 27.29
CA LEU B 65 -22.25 -11.16 26.87
C LEU B 65 -22.58 -12.63 26.74
N LEU B 66 -21.94 -13.29 25.77
CA LEU B 66 -22.04 -14.74 25.61
C LEU B 66 -20.71 -15.40 25.92
N TYR B 67 -20.70 -16.25 26.94
CA TYR B 67 -19.55 -17.09 27.26
C TYR B 67 -19.84 -18.50 26.78
N TYR B 68 -18.85 -19.14 26.17
CA TYR B 68 -19.04 -20.45 25.55
C TYR B 68 -17.78 -21.30 25.50
N THR B 69 -17.96 -22.60 25.65
CA THR B 69 -16.89 -23.58 25.49
C THR B 69 -17.42 -24.86 24.82
N GLU B 70 -16.58 -25.47 24.00
CA GLU B 70 -16.89 -26.77 23.40
C GLU B 70 -16.82 -27.84 24.47
N PHE B 71 -17.83 -28.69 24.51
CA PHE B 71 -17.92 -29.76 25.51
C PHE B 71 -18.66 -30.98 24.96
N THR B 72 -18.42 -32.13 25.58
CA THR B 72 -19.14 -33.35 25.26
C THR B 72 -19.97 -33.76 26.49
N PRO B 73 -21.29 -33.50 26.46
CA PRO B 73 -22.16 -33.85 27.58
C PRO B 73 -22.22 -35.36 27.85
N THR B 74 -22.19 -35.72 29.13
CA THR B 74 -22.36 -37.11 29.56
C THR B 74 -23.47 -37.20 30.63
N GLU B 75 -23.81 -38.41 31.02
CA GLU B 75 -24.87 -38.66 32.00
C GLU B 75 -24.54 -38.11 33.39
N LYS B 76 -23.31 -38.33 33.85
CA LYS B 76 -22.93 -38.04 35.24
C LYS B 76 -22.17 -36.72 35.46
N ASP B 77 -21.83 -36.02 34.36
CA ASP B 77 -21.15 -34.73 34.47
C ASP B 77 -22.14 -33.58 34.67
N GLU B 78 -21.91 -32.79 35.71
CA GLU B 78 -22.70 -31.60 35.98
C GLU B 78 -22.00 -30.35 35.44
N TYR B 79 -22.80 -29.43 34.90
CA TYR B 79 -22.29 -28.16 34.38
C TYR B 79 -23.05 -26.99 34.95
N ALA B 80 -22.33 -25.87 35.16
CA ALA B 80 -22.93 -24.66 35.72
C ALA B 80 -22.24 -23.39 35.23
N CYS B 81 -22.87 -22.24 35.51
CA CYS B 81 -22.29 -20.94 35.22
C CYS B 81 -22.25 -20.11 36.51
N ARG B 82 -21.06 -19.61 36.85
CA ARG B 82 -20.87 -18.82 38.06
C ARG B 82 -20.59 -17.36 37.70
N VAL B 83 -21.41 -16.45 38.21
CA VAL B 83 -21.35 -15.03 37.83
C VAL B 83 -21.23 -14.09 39.04
N ASN B 84 -20.28 -13.15 38.97
CA ASN B 84 -20.16 -12.10 39.97
C ASN B 84 -20.26 -10.70 39.37
N HIS B 85 -21.00 -9.84 40.06
CA HIS B 85 -21.30 -8.49 39.61
C HIS B 85 -21.40 -7.61 40.85
N VAL B 86 -21.19 -6.31 40.68
CA VAL B 86 -21.24 -5.35 41.79
C VAL B 86 -22.58 -5.40 42.55
N THR B 87 -23.64 -5.80 41.84
CA THR B 87 -24.98 -5.92 42.42
C THR B 87 -25.14 -7.17 43.28
N LEU B 88 -24.26 -8.15 43.08
CA LEU B 88 -24.32 -9.43 43.78
C LEU B 88 -23.26 -9.51 44.87
N SER B 89 -23.70 -9.85 46.09
CA SER B 89 -22.82 -9.91 47.26
C SER B 89 -21.95 -11.18 47.25
N GLN B 90 -22.42 -12.19 46.53
CA GLN B 90 -21.71 -13.47 46.42
C GLN B 90 -21.93 -14.02 45.00
N PRO B 91 -20.87 -14.64 44.41
CA PRO B 91 -20.99 -15.24 43.07
C PRO B 91 -22.18 -16.20 42.91
N LYS B 92 -23.07 -15.88 41.98
CA LYS B 92 -24.28 -16.64 41.72
C LYS B 92 -24.00 -17.83 40.81
N ILE B 93 -24.43 -19.01 41.23
CA ILE B 93 -24.26 -20.23 40.45
C ILE B 93 -25.60 -20.69 39.88
N VAL B 94 -25.65 -20.86 38.57
CA VAL B 94 -26.83 -21.38 37.89
C VAL B 94 -26.43 -22.67 37.17
N LYS B 95 -27.06 -23.77 37.56
CA LYS B 95 -26.78 -25.08 37.00
C LYS B 95 -27.45 -25.27 35.64
N TRP B 96 -26.79 -26.04 34.78
CA TRP B 96 -27.33 -26.38 33.47
C TRP B 96 -28.43 -27.44 33.61
N ASP B 97 -29.66 -27.04 33.34
CA ASP B 97 -30.77 -27.98 33.28
C ASP B 97 -31.14 -28.20 31.82
N ARG B 98 -30.77 -29.36 31.29
CA ARG B 98 -30.98 -29.65 29.86
C ARG B 98 -32.43 -29.97 29.51
N ASP B 99 -33.17 -30.49 30.48
CA ASP B 99 -34.54 -30.96 30.26
C ASP B 99 -35.62 -29.90 30.55
N MET B 100 -35.21 -28.64 30.62
CA MET B 100 -36.11 -27.52 30.92
C MET B 100 -37.35 -27.51 30.00
N ALA C 1 -19.53 0.81 7.40
CA ALA C 1 -18.36 1.69 7.66
C ALA C 1 -18.70 2.77 8.69
N LEU C 2 -17.74 3.10 9.55
CA LEU C 2 -17.90 4.11 10.57
C LEU C 2 -18.04 5.53 10.00
N TRP C 3 -18.65 6.40 10.80
CA TRP C 3 -18.70 7.83 10.52
C TRP C 3 -17.29 8.42 10.62
N GLY C 4 -16.98 9.39 9.75
CA GLY C 4 -15.67 10.01 9.70
C GLY C 4 -15.56 11.36 10.38
N PHE C 5 -16.64 11.76 11.03
CA PHE C 5 -16.68 12.99 11.83
C PHE C 5 -16.84 12.61 13.29
N PHE C 6 -16.08 13.26 14.16
CA PHE C 6 -15.97 12.81 15.55
C PHE C 6 -16.35 13.88 16.58
N PRO C 7 -17.66 14.10 16.78
CA PRO C 7 -18.12 15.14 17.72
C PRO C 7 -17.82 14.79 19.17
N VAL C 8 -17.63 15.81 20.01
CA VAL C 8 -17.35 15.64 21.44
C VAL C 8 -18.57 16.02 22.29
N LEU C 9 -18.58 15.53 23.53
CA LEU C 9 -19.65 15.87 24.47
C LEU C 9 -19.34 17.18 25.21
N MET D 1 -13.32 11.69 -8.19
CA MET D 1 -14.53 11.09 -7.58
C MET D 1 -15.16 12.01 -6.52
N ASP D 2 -14.30 12.70 -5.78
CA ASP D 2 -14.69 13.78 -4.88
C ASP D 2 -13.71 14.93 -5.07
N SER D 3 -14.11 15.92 -5.84
CA SER D 3 -13.19 16.98 -6.28
C SER D 3 -13.82 18.38 -6.32
N VAL D 4 -12.97 19.39 -6.51
CA VAL D 4 -13.40 20.78 -6.61
C VAL D 4 -12.78 21.45 -7.84
N THR D 5 -13.61 22.21 -8.57
CA THR D 5 -13.14 22.99 -9.72
C THR D 5 -13.41 24.48 -9.49
N GLN D 6 -12.36 25.29 -9.58
CA GLN D 6 -12.45 26.74 -9.42
C GLN D 6 -12.09 27.47 -10.71
N THR D 7 -12.53 28.72 -10.80
CA THR D 7 -12.15 29.64 -11.88
C THR D 7 -10.63 29.67 -12.04
N GLU D 8 -10.17 29.41 -13.26
CA GLU D 8 -8.75 29.29 -13.55
C GLU D 8 -8.02 30.63 -13.62
N GLY D 9 -6.89 30.70 -12.91
CA GLY D 9 -5.98 31.84 -13.01
C GLY D 9 -6.35 33.09 -12.25
N LEU D 10 -6.15 34.24 -12.91
CA LEU D 10 -6.35 35.55 -12.29
C LEU D 10 -7.64 36.21 -12.74
N VAL D 11 -8.40 36.70 -11.77
CA VAL D 11 -9.62 37.46 -12.04
C VAL D 11 -9.38 38.92 -11.66
N THR D 12 -9.38 39.79 -12.66
CA THR D 12 -9.15 41.22 -12.47
C THR D 12 -10.48 41.95 -12.51
N LEU D 13 -10.68 42.85 -11.55
CA LEU D 13 -11.97 43.49 -11.33
C LEU D 13 -11.79 44.92 -10.81
N THR D 14 -12.60 45.84 -11.31
CA THR D 14 -12.57 47.24 -10.90
C THR D 14 -13.34 47.41 -9.58
N GLU D 15 -12.80 48.22 -8.68
CA GLU D 15 -13.44 48.52 -7.41
C GLU D 15 -14.86 49.05 -7.62
N GLY D 16 -15.80 48.54 -6.82
CA GLY D 16 -17.20 48.95 -6.90
C GLY D 16 -18.07 47.98 -7.66
N LEU D 17 -17.44 47.06 -8.38
CA LEU D 17 -18.17 46.05 -9.16
C LEU D 17 -18.30 44.72 -8.39
N PRO D 18 -19.34 43.92 -8.73
CA PRO D 18 -19.64 42.67 -8.02
C PRO D 18 -18.62 41.55 -8.27
N VAL D 19 -18.28 40.83 -7.20
CA VAL D 19 -17.39 39.67 -7.28
C VAL D 19 -18.19 38.42 -7.67
N MET D 20 -17.60 37.59 -8.52
CA MET D 20 -18.21 36.33 -8.94
C MET D 20 -17.12 35.29 -9.21
N LEU D 21 -16.82 34.47 -8.20
CA LEU D 21 -15.78 33.44 -8.33
C LEU D 21 -16.42 32.06 -8.31
N ASN D 22 -16.24 31.31 -9.39
CA ASN D 22 -16.94 30.04 -9.57
C ASN D 22 -16.32 28.88 -8.82
N CYS D 23 -17.19 28.06 -8.22
CA CYS D 23 -16.80 26.78 -7.63
C CYS D 23 -17.84 25.70 -7.92
N THR D 24 -17.43 24.66 -8.62
CA THR D 24 -18.25 23.46 -8.77
C THR D 24 -17.54 22.26 -8.14
N TYR D 25 -18.29 21.20 -7.89
CA TYR D 25 -17.77 20.04 -7.19
C TYR D 25 -18.42 18.74 -7.63
N GLN D 26 -17.76 17.64 -7.31
CA GLN D 26 -18.35 16.31 -7.38
C GLN D 26 -18.33 15.72 -5.98
N SER D 27 -19.48 15.29 -5.50
CA SER D 27 -19.60 14.75 -4.15
C SER D 27 -20.41 13.46 -4.15
N THR D 28 -19.88 12.42 -3.52
CA THR D 28 -20.58 11.15 -3.40
C THR D 28 -21.80 11.29 -2.48
N TYR D 29 -21.61 11.98 -1.36
CA TYR D 29 -22.66 12.17 -0.37
C TYR D 29 -23.06 13.64 -0.25
N SER D 30 -24.04 13.92 0.60
CA SER D 30 -24.54 15.28 0.84
C SER D 30 -23.38 16.24 1.12
N PRO D 31 -23.19 17.24 0.23
CA PRO D 31 -22.02 18.12 0.22
C PRO D 31 -21.94 19.16 1.35
N PHE D 32 -20.72 19.44 1.78
CA PHE D 32 -20.42 20.54 2.70
C PHE D 32 -19.19 21.29 2.21
N LEU D 33 -19.38 22.53 1.79
CA LEU D 33 -18.28 23.30 1.20
C LEU D 33 -17.92 24.57 1.96
N PHE D 34 -16.67 24.99 1.78
CA PHE D 34 -16.12 26.11 2.54
C PHE D 34 -15.25 26.98 1.65
N TRP D 35 -15.26 28.28 1.92
CA TRP D 35 -14.36 29.22 1.26
C TRP D 35 -13.26 29.69 2.19
N TYR D 36 -12.03 29.51 1.74
CA TYR D 36 -10.85 29.98 2.47
C TYR D 36 -10.21 31.14 1.73
N VAL D 37 -9.59 32.04 2.49
CA VAL D 37 -8.93 33.20 1.90
C VAL D 37 -7.50 33.35 2.41
N GLN D 38 -6.58 33.62 1.48
CA GLN D 38 -5.20 33.94 1.81
C GLN D 38 -4.80 35.27 1.19
N HIS D 39 -4.55 36.26 2.05
CA HIS D 39 -3.98 37.54 1.61
C HIS D 39 -2.47 37.38 1.44
N LEU D 40 -1.87 38.29 0.68
CA LEU D 40 -0.43 38.23 0.39
C LEU D 40 0.41 38.23 1.66
N ASN D 41 1.36 37.30 1.71
CA ASN D 41 2.25 37.10 2.87
C ASN D 41 1.51 36.82 4.19
N GLU D 42 0.38 36.13 4.08
CA GLU D 42 -0.45 35.79 5.23
C GLU D 42 -0.89 34.32 5.16
N ALA D 43 -1.40 33.82 6.28
CA ALA D 43 -1.91 32.45 6.34
C ALA D 43 -3.32 32.37 5.76
N PRO D 44 -3.66 31.23 5.12
CA PRO D 44 -5.06 30.99 4.76
C PRO D 44 -5.96 30.89 6.00
N LYS D 45 -7.08 31.60 5.98
CA LYS D 45 -8.08 31.55 7.04
C LYS D 45 -9.46 31.23 6.47
N LEU D 46 -10.35 30.71 7.32
CA LEU D 46 -11.72 30.42 6.92
C LEU D 46 -12.51 31.70 6.68
N LEU D 47 -13.27 31.73 5.58
CA LEU D 47 -14.09 32.88 5.24
C LEU D 47 -15.57 32.59 5.47
N LEU D 48 -16.10 31.55 4.83
CA LEU D 48 -17.51 31.19 4.98
C LEU D 48 -17.84 29.70 4.78
N LYS D 49 -19.04 29.31 5.20
CA LYS D 49 -19.49 27.91 5.23
C LYS D 49 -20.76 27.72 4.41
N SER D 50 -20.98 26.51 3.93
CA SER D 50 -22.17 26.19 3.12
C SER D 50 -23.42 25.88 3.94
N PHE D 51 -23.27 25.84 5.26
CA PHE D 51 -24.35 25.52 6.19
C PHE D 51 -25.50 26.53 6.16
N THR D 52 -26.64 26.12 6.74
CA THR D 52 -27.85 26.92 6.80
C THR D 52 -27.67 28.20 7.61
N ASP D 53 -29.35 25.81 6.58
CA ASP D 53 -30.70 25.42 6.15
C ASP D 53 -30.52 25.53 4.62
N ASN D 54 -31.46 26.34 4.03
CA ASN D 54 -31.74 26.43 2.57
C ASN D 54 -30.76 26.91 1.48
N LYS D 55 -29.49 27.18 1.78
CA LYS D 55 -28.53 27.63 0.72
C LYS D 55 -27.56 28.76 1.10
N ARG D 56 -28.06 29.81 1.76
CA ARG D 56 -27.39 31.13 1.80
C ARG D 56 -26.00 31.23 2.52
N PRO D 57 -25.85 32.15 3.50
CA PRO D 57 -24.71 33.04 3.80
C PRO D 57 -23.65 32.55 4.81
N GLU D 58 -22.53 33.28 4.90
CA GLU D 58 -21.73 33.45 6.14
C GLU D 58 -20.94 34.82 6.12
N HIS D 59 -19.60 34.76 6.36
CA HIS D 59 -18.54 35.89 6.42
C HIS D 59 -18.91 37.35 6.09
N GLN D 60 -18.07 38.36 5.42
CA GLN D 60 -18.18 39.80 5.54
C GLN D 60 -18.19 40.49 4.18
N GLY D 61 -19.36 41.00 3.80
CA GLY D 61 -19.60 41.46 2.43
C GLY D 61 -19.77 40.26 1.50
N PHE D 62 -18.85 39.31 1.65
CA PHE D 62 -18.87 38.06 0.90
C PHE D 62 -19.99 37.12 1.35
N HIS D 63 -20.61 36.47 0.38
CA HIS D 63 -21.62 35.44 0.63
C HIS D 63 -21.57 34.40 -0.49
N ALA D 64 -22.02 33.19 -0.19
CA ALA D 64 -22.06 32.11 -1.17
C ALA D 64 -23.28 31.22 -0.94
N THR D 65 -23.97 30.90 -2.03
CA THR D 65 -25.18 30.07 -1.99
C THR D 65 -24.89 28.71 -2.62
N LEU D 66 -25.23 27.65 -1.89
CA LEU D 66 -25.04 26.29 -2.39
C LEU D 66 -26.24 25.84 -3.21
N HIS D 67 -25.98 25.50 -4.47
CA HIS D 67 -27.00 24.93 -5.33
C HIS D 67 -26.62 23.48 -5.60
N LYS D 68 -27.21 22.58 -4.82
CA LYS D 68 -26.88 21.15 -4.87
C LYS D 68 -27.24 20.50 -6.20
N SER D 69 -28.27 21.03 -6.85
CA SER D 69 -28.77 20.51 -8.12
C SER D 69 -27.73 20.57 -9.25
N SER D 70 -27.01 21.70 -9.33
CA SER D 70 -25.98 21.88 -10.35
C SER D 70 -24.58 21.84 -9.73
N SER D 71 -24.53 21.56 -8.43
CA SER D 71 -23.28 21.42 -7.66
C SER D 71 -22.44 22.69 -7.68
N SER D 72 -23.05 23.82 -7.32
CA SER D 72 -22.39 25.12 -7.34
C SER D 72 -22.25 25.75 -5.95
N PHE D 73 -21.12 26.42 -5.72
CA PHE D 73 -20.89 27.16 -4.48
C PHE D 73 -20.05 28.41 -4.75
N HIS D 74 -20.56 29.27 -5.62
CA HIS D 74 -19.83 30.44 -6.10
C HIS D 74 -19.72 31.54 -5.06
N LEU D 75 -18.54 32.15 -4.97
CA LEU D 75 -18.30 33.26 -4.06
C LEU D 75 -18.76 34.58 -4.67
N GLN D 76 -19.57 35.31 -3.92
CA GLN D 76 -20.18 36.55 -4.40
C GLN D 76 -20.00 37.70 -3.41
N LYS D 77 -20.00 38.92 -3.95
CA LYS D 77 -20.01 40.15 -3.17
C LYS D 77 -20.57 41.26 -4.03
N SER D 78 -21.33 42.16 -3.41
CA SER D 78 -22.00 43.27 -4.11
C SER D 78 -21.02 44.30 -4.69
N SER D 79 -20.07 44.74 -3.88
CA SER D 79 -19.16 45.81 -4.27
C SER D 79 -17.74 45.51 -3.81
N ALA D 80 -16.88 45.18 -4.78
CA ALA D 80 -15.47 44.86 -4.50
C ALA D 80 -14.69 46.08 -4.03
N GLN D 81 -13.82 45.87 -3.04
CA GLN D 81 -12.90 46.90 -2.59
C GLN D 81 -11.45 46.42 -2.78
N LEU D 82 -10.50 47.36 -2.77
CA LEU D 82 -9.10 47.06 -3.04
C LEU D 82 -8.46 46.09 -2.06
N SER D 83 -8.98 46.08 -0.83
CA SER D 83 -8.51 45.18 0.22
C SER D 83 -8.93 43.73 -0.02
N ASP D 84 -9.93 43.54 -0.87
CA ASP D 84 -10.41 42.20 -1.24
C ASP D 84 -9.46 41.44 -2.16
N SER D 85 -8.41 42.11 -2.63
CA SER D 85 -7.39 41.45 -3.45
C SER D 85 -6.67 40.37 -2.65
N ALA D 86 -6.98 39.12 -2.96
CA ALA D 86 -6.43 37.96 -2.26
C ALA D 86 -6.57 36.69 -3.09
N LEU D 87 -6.06 35.58 -2.54
CA LEU D 87 -6.25 34.26 -3.11
C LEU D 87 -7.39 33.55 -2.39
N TYR D 88 -8.33 33.01 -3.16
CA TYR D 88 -9.52 32.39 -2.61
C TYR D 88 -9.61 30.90 -2.92
N TYR D 89 -9.73 30.10 -1.86
CA TYR D 89 -9.86 28.65 -1.97
C TYR D 89 -11.28 28.18 -1.69
N CYS D 90 -11.85 27.45 -2.65
CA CYS D 90 -13.06 26.69 -2.40
C CYS D 90 -12.63 25.30 -1.93
N ALA D 91 -13.33 24.78 -0.90
CA ALA D 91 -12.97 23.51 -0.28
C ALA D 91 -14.15 22.55 -0.05
N LEU D 92 -13.90 21.26 -0.25
CA LEU D 92 -14.89 20.21 -0.02
C LEU D 92 -14.52 19.38 1.21
N PHE D 93 -15.44 19.30 2.17
CA PHE D 93 -15.21 18.56 3.40
C PHE D 93 -15.78 17.15 3.30
N LEU D 94 -14.86 16.17 3.26
CA LEU D 94 -15.24 14.75 3.22
C LEU D 94 -15.08 14.11 4.59
N ALA D 95 -16.21 13.70 5.17
CA ALA D 95 -16.22 13.11 6.52
C ALA D 95 -17.35 12.10 6.74
N SER D 96 -17.99 11.65 5.66
CA SER D 96 -19.07 10.67 5.76
C SER D 96 -18.62 9.23 5.98
N SER D 97 -17.89 8.67 5.01
CA SER D 97 -17.37 7.30 5.10
C SER D 97 -15.87 7.27 5.34
N SER D 98 -15.22 8.43 5.22
CA SER D 98 -13.78 8.53 5.39
C SER D 98 -13.41 9.59 6.42
N PHE D 99 -12.18 9.54 6.90
CA PHE D 99 -11.67 10.44 7.93
C PHE D 99 -11.74 11.90 7.49
N SER D 100 -12.24 12.75 8.39
CA SER D 100 -12.44 14.17 8.11
C SER D 100 -11.25 14.82 7.39
N LYS D 101 -11.47 15.23 6.14
CA LYS D 101 -10.48 16.02 5.42
C LYS D 101 -11.12 17.09 4.54
N LEU D 102 -10.43 18.23 4.43
CA LEU D 102 -10.79 19.27 3.46
C LEU D 102 -10.06 19.01 2.16
N VAL D 103 -10.81 19.00 1.06
CA VAL D 103 -10.23 18.94 -0.27
C VAL D 103 -10.33 20.32 -0.93
N PHE D 104 -9.19 21.00 -1.03
CA PHE D 104 -9.11 22.35 -1.59
C PHE D 104 -9.00 22.30 -3.11
N GLY D 105 -9.55 23.34 -3.76
CA GLY D 105 -9.33 23.54 -5.19
C GLY D 105 -7.99 24.21 -5.43
N GLN D 106 -7.74 24.61 -6.68
CA GLN D 106 -6.47 25.27 -7.04
C GLN D 106 -6.38 26.70 -6.52
N GLY D 107 -7.53 27.30 -6.21
CA GLY D 107 -7.57 28.68 -5.75
C GLY D 107 -7.68 29.64 -6.92
N THR D 108 -8.41 30.73 -6.72
CA THR D 108 -8.55 31.78 -7.72
C THR D 108 -8.02 33.09 -7.15
N SER D 109 -7.03 33.67 -7.83
CA SER D 109 -6.45 34.95 -7.43
C SER D 109 -7.33 36.09 -7.88
N LEU D 110 -7.76 36.91 -6.92
CA LEU D 110 -8.57 38.09 -7.21
C LEU D 110 -7.69 39.34 -7.16
N SER D 111 -7.79 40.16 -8.20
CA SER D 111 -7.09 41.44 -8.26
C SER D 111 -8.09 42.55 -8.45
N VAL D 112 -8.31 43.32 -7.38
CA VAL D 112 -9.20 44.47 -7.44
C VAL D 112 -8.38 45.72 -7.77
N VAL D 113 -8.72 46.35 -8.89
CA VAL D 113 -8.00 47.53 -9.38
C VAL D 113 -8.78 48.83 -9.16
N PRO D 114 -8.08 49.94 -8.91
CA PRO D 114 -8.75 51.22 -8.63
C PRO D 114 -9.35 51.87 -9.87
N ASN D 115 -10.42 52.64 -9.67
CA ASN D 115 -10.96 53.48 -10.72
C ASN D 115 -10.22 54.82 -10.73
N ILE D 116 -9.23 54.93 -11.62
CA ILE D 116 -8.44 56.16 -11.75
C ILE D 116 -9.29 57.26 -12.40
N GLN D 117 -9.66 58.25 -11.60
CA GLN D 117 -10.64 59.25 -12.02
C GLN D 117 -10.06 60.32 -12.94
N ASN D 118 -8.81 60.72 -12.69
CA ASN D 118 -8.12 61.68 -13.54
C ASN D 118 -6.73 61.17 -13.98
N PRO D 119 -6.69 60.32 -15.01
CA PRO D 119 -5.44 59.71 -15.46
C PRO D 119 -4.51 60.73 -16.09
N GLU D 120 -3.21 60.61 -15.77
CA GLU D 120 -2.18 61.47 -16.33
C GLU D 120 -0.97 60.66 -16.76
N PRO D 121 -1.12 59.83 -17.83
CA PRO D 121 -0.07 58.92 -18.26
C PRO D 121 1.23 59.64 -18.61
N ALA D 122 2.34 59.15 -18.07
CA ALA D 122 3.65 59.73 -18.32
C ALA D 122 4.76 58.69 -18.17
N VAL D 123 5.71 58.70 -19.10
CA VAL D 123 6.87 57.83 -19.05
C VAL D 123 8.08 58.64 -18.65
N TYR D 124 8.76 58.20 -17.59
CA TYR D 124 9.94 58.88 -17.06
C TYR D 124 11.18 57.99 -17.13
N GLN D 125 12.34 58.62 -17.27
CA GLN D 125 13.62 57.91 -17.17
C GLN D 125 14.31 58.28 -15.87
N LEU D 126 14.77 57.26 -15.15
CA LEU D 126 15.50 57.45 -13.89
C LEU D 126 16.90 56.84 -13.98
N LYS D 127 17.86 57.47 -13.30
CA LYS D 127 19.26 57.04 -13.35
C LYS D 127 19.76 56.53 -11.99
N ASP D 128 20.64 55.54 -12.02
CA ASP D 128 21.37 55.11 -10.83
C ASP D 128 22.72 55.83 -10.78
N PRO D 129 22.89 56.77 -9.83
CA PRO D 129 24.07 57.63 -9.73
C PRO D 129 25.36 56.92 -9.34
N ARG D 130 25.26 55.74 -8.72
CA ARG D 130 26.44 54.98 -8.29
C ARG D 130 27.05 54.19 -9.45
N SER D 131 26.23 53.94 -10.48
CA SER D 131 26.69 53.19 -11.66
C SER D 131 26.81 54.08 -12.89
N GLN D 132 27.78 53.76 -13.73
CA GLN D 132 27.96 54.45 -15.01
C GLN D 132 26.94 53.95 -16.03
N ASP D 133 26.17 54.90 -16.58
CA ASP D 133 25.20 54.63 -17.66
C ASP D 133 24.11 53.59 -17.33
N SER D 134 23.70 53.55 -16.06
CA SER D 134 22.60 52.68 -15.63
C SER D 134 21.31 53.48 -15.55
N THR D 135 20.34 53.11 -16.40
CA THR D 135 19.07 53.83 -16.48
C THR D 135 17.85 52.90 -16.37
N LEU D 136 16.69 53.51 -16.16
CA LEU D 136 15.45 52.78 -15.88
C LEU D 136 14.25 53.61 -16.34
N CYS D 137 13.24 52.94 -16.89
CA CYS D 137 12.01 53.63 -17.32
C CYS D 137 10.82 53.36 -16.39
N LEU D 138 10.07 54.41 -16.12
CA LEU D 138 8.90 54.33 -15.25
C LEU D 138 7.65 54.87 -15.94
N PHE D 139 6.68 53.98 -16.16
CA PHE D 139 5.39 54.34 -16.70
C PHE D 139 4.43 54.47 -15.52
N THR D 140 3.85 55.66 -15.34
CA THR D 140 3.05 55.94 -14.15
C THR D 140 1.81 56.78 -14.43
N ASP D 141 0.86 56.72 -13.48
CA ASP D 141 -0.36 57.54 -13.46
C ASP D 141 -1.33 57.29 -14.62
N PHE D 142 -1.31 56.06 -15.13
CA PHE D 142 -2.20 55.65 -16.21
C PHE D 142 -3.50 55.00 -15.69
N ASP D 143 -4.42 54.73 -16.62
CA ASP D 143 -5.72 54.14 -16.29
C ASP D 143 -5.56 52.65 -15.97
N SER D 144 -6.49 52.11 -15.17
CA SER D 144 -6.47 50.69 -14.79
C SER D 144 -6.95 49.77 -15.90
N GLN D 145 -7.50 50.34 -16.97
CA GLN D 145 -8.09 49.57 -18.05
C GLN D 145 -7.13 49.28 -19.21
N ILE D 146 -6.02 50.00 -19.25
CA ILE D 146 -5.01 49.79 -20.31
C ILE D 146 -4.10 48.60 -20.00
N ASN D 147 -3.56 48.00 -21.05
CA ASN D 147 -2.66 46.86 -20.93
C ASN D 147 -1.20 47.29 -20.94
N VAL D 148 -0.43 46.78 -19.99
CA VAL D 148 1.01 47.02 -19.95
C VAL D 148 1.68 45.88 -20.73
N PRO D 149 2.59 46.22 -21.67
CA PRO D 149 3.24 45.21 -22.50
C PRO D 149 4.22 44.35 -21.73
N LYS D 150 4.43 43.12 -22.20
CA LYS D 150 5.44 42.23 -21.63
C LYS D 150 6.67 42.18 -22.54
N THR D 151 7.73 41.56 -22.03
CA THR D 151 9.03 41.48 -22.74
C THR D 151 8.93 40.70 -24.04
N MET D 152 9.47 41.27 -25.11
CA MET D 152 9.64 40.56 -26.38
C MET D 152 11.12 40.26 -26.64
N GLU D 153 12.00 41.02 -25.98
CA GLU D 153 13.43 40.95 -26.21
C GLU D 153 14.17 40.38 -25.00
N SER D 154 15.23 39.63 -25.27
CA SER D 154 16.13 39.17 -24.23
C SER D 154 16.99 40.33 -23.74
N GLY D 155 17.22 40.38 -22.43
CA GLY D 155 17.97 41.47 -21.83
C GLY D 155 17.09 42.59 -21.32
N THR D 156 15.96 42.82 -21.98
CA THR D 156 14.98 43.83 -21.58
C THR D 156 13.85 43.21 -20.76
N PHE D 157 13.55 43.82 -19.62
CA PHE D 157 12.55 43.32 -18.68
C PHE D 157 11.51 44.38 -18.32
N ILE D 158 10.24 43.99 -18.32
CA ILE D 158 9.14 44.87 -17.91
C ILE D 158 8.31 44.19 -16.83
N THR D 159 8.02 44.91 -15.75
CA THR D 159 7.20 44.38 -14.66
C THR D 159 5.71 44.54 -14.94
N ASP D 160 4.88 43.79 -14.22
CA ASP D 160 3.43 43.99 -14.24
C ASP D 160 3.11 45.25 -13.45
N LYS D 161 1.94 45.83 -13.73
CA LYS D 161 1.52 47.06 -13.05
C LYS D 161 1.28 46.83 -11.56
N THR D 162 1.69 47.81 -10.75
CA THR D 162 1.39 47.81 -9.33
C THR D 162 0.63 49.08 -8.97
N VAL D 163 -0.12 49.03 -7.87
CA VAL D 163 -0.86 50.19 -7.37
C VAL D 163 -0.13 50.80 -6.17
N LEU D 164 0.16 52.09 -6.27
CA LEU D 164 0.79 52.82 -5.19
C LEU D 164 -0.23 53.75 -4.55
N ASP D 165 -0.26 53.75 -3.22
CA ASP D 165 -1.18 54.60 -2.49
C ASP D 165 -0.40 55.61 -1.63
N MET D 166 -0.53 56.88 -2.00
CA MET D 166 -0.06 57.96 -1.15
C MET D 166 -1.23 58.38 -0.29
N LYS D 167 -1.08 58.17 1.01
CA LYS D 167 -2.10 58.57 1.98
C LYS D 167 -2.26 60.08 1.95
N ALA D 168 -1.42 60.74 1.15
CA ALA D 168 -1.73 62.10 0.74
C ALA D 168 -3.08 62.01 0.06
N MET D 169 -3.97 62.94 0.38
CA MET D 169 -5.32 62.92 -0.15
C MET D 169 -5.42 62.38 -1.59
N ASP D 170 -6.14 61.26 -1.71
CA ASP D 170 -6.43 60.57 -2.98
C ASP D 170 -5.32 60.48 -4.01
N SER D 171 -4.41 59.51 -3.86
CA SER D 171 -3.29 59.41 -4.80
C SER D 171 -2.94 57.98 -5.22
N LYS D 172 -3.89 57.30 -5.87
CA LYS D 172 -3.66 55.96 -6.41
C LYS D 172 -2.88 56.05 -7.71
N SER D 173 -1.71 55.42 -7.73
CA SER D 173 -0.83 55.48 -8.89
C SER D 173 -0.55 54.08 -9.43
N ASN D 174 -1.03 53.82 -10.64
CA ASN D 174 -0.63 52.64 -11.38
C ASN D 174 0.79 52.86 -11.90
N GLY D 175 1.61 51.82 -11.85
CA GLY D 175 3.00 51.93 -12.23
C GLY D 175 3.61 50.66 -12.77
N ALA D 176 4.46 50.82 -13.78
CA ALA D 176 5.21 49.71 -14.36
C ALA D 176 6.65 50.15 -14.61
N ILE D 177 7.60 49.24 -14.36
CA ILE D 177 9.02 49.54 -14.46
C ILE D 177 9.68 48.65 -15.51
N ALA D 178 10.56 49.26 -16.31
CA ALA D 178 11.32 48.51 -17.32
C ALA D 178 12.81 48.88 -17.33
N TRP D 179 13.65 47.88 -17.59
CA TRP D 179 15.10 48.06 -17.67
C TRP D 179 15.71 47.08 -18.67
N SER D 180 17.02 47.21 -18.93
CA SER D 180 17.69 46.37 -19.94
C SER D 180 19.20 46.18 -19.76
N ASN D 181 19.83 45.61 -20.78
CA ASN D 181 21.27 45.40 -20.86
C ASN D 181 21.86 45.91 -22.17
N GLN D 182 21.07 46.68 -22.91
CA GLN D 182 21.47 47.14 -24.25
C GLN D 182 22.18 48.51 -24.24
N THR D 183 22.90 48.81 -25.32
CA THR D 183 23.70 50.02 -25.45
C THR D 183 22.88 51.31 -25.21
N SER D 184 21.92 51.57 -26.09
CA SER D 184 21.02 52.71 -25.94
C SER D 184 19.56 52.28 -26.09
N PHE D 185 18.79 52.38 -25.02
CA PHE D 185 17.39 51.95 -25.01
C PHE D 185 16.44 53.09 -24.65
N THR D 186 15.51 53.37 -25.55
CA THR D 186 14.51 54.43 -25.35
C THR D 186 13.45 54.00 -24.34
N CYS D 187 12.81 54.99 -23.70
CA CYS D 187 11.74 54.73 -22.74
C CYS D 187 10.34 54.81 -23.36
N GLN D 188 10.22 55.55 -24.46
CA GLN D 188 8.91 55.78 -25.08
C GLN D 188 8.35 54.57 -25.82
N ASP D 189 9.22 53.81 -26.48
CA ASP D 189 8.79 52.68 -27.31
C ASP D 189 8.68 51.34 -26.57
N ILE D 190 9.15 51.29 -25.34
CA ILE D 190 9.09 50.04 -24.56
C ILE D 190 7.73 49.79 -23.91
N PHE D 191 7.04 50.86 -23.51
CA PHE D 191 5.69 50.76 -22.96
C PHE D 191 4.61 50.87 -24.05
N LYS D 192 5.04 50.68 -25.30
CA LYS D 192 4.15 50.67 -26.46
C LYS D 192 3.37 49.36 -26.50
N GLU D 193 2.05 49.49 -26.69
CA GLU D 193 1.14 48.36 -26.68
C GLU D 193 1.42 47.37 -27.81
N THR D 194 1.55 46.10 -27.44
CA THR D 194 1.89 44.99 -28.36
C THR D 194 3.04 45.34 -29.30
N GLU E 2 -7.66 33.94 18.61
CA GLU E 2 -6.82 33.46 19.75
C GLU E 2 -6.04 32.19 19.38
N ALA E 3 -6.64 31.33 18.56
CA ALA E 3 -5.98 30.12 18.08
C ALA E 3 -4.86 30.49 17.12
N ALA E 4 -3.64 30.07 17.45
CA ALA E 4 -2.45 30.46 16.69
C ALA E 4 -1.53 29.26 16.43
N VAL E 5 -0.98 29.23 15.23
CA VAL E 5 -0.03 28.18 14.82
C VAL E 5 1.26 28.84 14.35
N THR E 6 2.40 28.32 14.82
CA THR E 6 3.70 28.83 14.42
C THR E 6 4.52 27.75 13.69
N GLN E 7 5.32 28.20 12.72
CA GLN E 7 6.17 27.30 11.94
C GLN E 7 7.64 27.72 11.99
N SER E 8 8.53 26.75 11.82
CA SER E 8 9.97 26.99 11.79
C SER E 8 10.68 25.94 10.93
N PRO E 9 11.60 26.37 10.04
CA PRO E 9 11.95 27.76 9.77
C PRO E 9 10.98 28.43 8.80
N ARG E 10 11.09 29.74 8.65
CA ARG E 10 10.25 30.47 7.71
C ARG E 10 10.79 30.36 6.29
N SER E 11 12.09 30.05 6.18
CA SER E 11 12.78 29.92 4.89
C SER E 11 13.88 28.87 4.98
N LYS E 12 13.99 28.05 3.93
CA LYS E 12 15.02 27.04 3.86
C LYS E 12 15.53 26.83 2.43
N VAL E 13 16.84 26.84 2.27
CA VAL E 13 17.48 26.46 1.01
C VAL E 13 18.20 25.13 1.22
N ALA E 14 17.82 24.14 0.42
CA ALA E 14 18.34 22.78 0.58
C ALA E 14 18.97 22.25 -0.70
N VAL E 15 19.83 21.24 -0.54
CA VAL E 15 20.46 20.55 -1.67
C VAL E 15 19.66 19.27 -1.96
N THR E 16 19.73 18.79 -3.20
CA THR E 16 19.10 17.52 -3.56
C THR E 16 19.82 16.36 -2.89
N GLY E 17 19.06 15.51 -2.22
CA GLY E 17 19.61 14.38 -1.47
C GLY E 17 19.88 14.67 -0.01
N GLY E 18 19.61 15.91 0.40
CA GLY E 18 19.80 16.34 1.79
C GLY E 18 18.56 16.15 2.66
N LYS E 19 18.75 16.30 3.97
CA LYS E 19 17.66 16.13 4.93
C LYS E 19 17.07 17.46 5.37
N VAL E 20 15.75 17.60 5.25
CA VAL E 20 15.03 18.80 5.68
C VAL E 20 13.98 18.45 6.73
N THR E 21 14.00 19.18 7.85
CA THR E 21 13.00 19.03 8.89
C THR E 21 12.24 20.33 9.11
N LEU E 22 10.95 20.29 8.82
CA LEU E 22 10.06 21.43 9.05
C LEU E 22 9.27 21.23 10.34
N SER E 23 9.30 22.22 11.21
CA SER E 23 8.69 22.13 12.53
C SER E 23 7.44 22.99 12.64
N CYS E 24 6.48 22.51 13.44
CA CYS E 24 5.23 23.21 13.67
C CYS E 24 4.87 23.16 15.14
N HIS E 25 4.42 24.29 15.68
CA HIS E 25 4.07 24.38 17.10
C HIS E 25 2.72 25.07 17.29
N GLN E 26 1.94 24.55 18.23
CA GLN E 26 0.57 24.97 18.44
C GLN E 26 0.15 24.69 19.88
N THR E 27 -0.38 25.72 20.55
CA THR E 27 -0.84 25.60 21.94
C THR E 27 -2.33 25.93 22.09
N ASN E 28 -3.13 25.50 21.12
CA ASN E 28 -4.58 25.71 21.12
C ASN E 28 -5.33 24.59 21.83
N ASN E 29 -4.60 23.57 22.27
CA ASN E 29 -5.18 22.31 22.77
C ASN E 29 -6.01 21.64 21.67
N HIS E 30 -5.38 21.55 20.49
CA HIS E 30 -5.96 20.90 19.32
C HIS E 30 -5.31 19.54 19.09
N ASP E 31 -6.14 18.51 18.95
CA ASP E 31 -5.65 17.15 18.72
C ASP E 31 -5.27 16.91 17.27
N TYR E 32 -5.93 17.63 16.36
CA TYR E 32 -5.73 17.43 14.93
C TYR E 32 -4.73 18.42 14.34
N MET E 33 -3.76 17.91 13.61
CA MET E 33 -2.76 18.73 12.93
C MET E 33 -2.52 18.23 11.50
N TYR E 34 -2.14 19.15 10.61
CA TYR E 34 -2.06 18.85 9.18
C TYR E 34 -0.89 19.57 8.50
N TRP E 35 -0.27 18.92 7.50
CA TRP E 35 0.71 19.56 6.63
C TRP E 35 0.18 19.67 5.21
N TYR E 36 0.25 20.87 4.66
CA TYR E 36 -0.15 21.15 3.28
C TYR E 36 1.02 21.75 2.51
N ARG E 37 1.07 21.50 1.21
CA ARG E 37 1.98 22.25 0.34
C ARG E 37 1.21 23.09 -0.68
N GLN E 38 1.78 24.25 -1.00
CA GLN E 38 1.20 25.18 -1.97
C GLN E 38 2.18 25.36 -3.11
N ASP E 39 1.68 25.31 -4.35
CA ASP E 39 2.55 25.36 -5.53
C ASP E 39 2.28 26.57 -6.43
N THR E 40 3.29 27.43 -6.56
CA THR E 40 3.24 28.67 -7.36
C THR E 40 1.98 29.51 -7.09
N GLY E 41 1.70 29.72 -5.80
CA GLY E 41 0.55 30.51 -5.35
C GLY E 41 -0.80 29.85 -5.63
N HIS E 42 -0.79 28.55 -5.85
CA HIS E 42 -2.02 27.78 -6.12
C HIS E 42 -2.01 26.39 -5.49
N GLY E 43 -3.19 25.89 -5.17
CA GLY E 43 -3.35 24.54 -4.63
C GLY E 43 -2.97 24.43 -3.17
N LEU E 44 -3.60 23.49 -2.47
CA LEU E 44 -3.32 23.23 -1.07
C LEU E 44 -3.53 21.73 -0.82
N ARG E 45 -2.48 20.96 -1.07
CA ARG E 45 -2.56 19.50 -1.03
C ARG E 45 -2.05 18.92 0.28
N LEU E 46 -2.84 18.02 0.87
CA LEU E 46 -2.51 17.41 2.16
C LEU E 46 -1.43 16.34 2.00
N ILE E 47 -0.35 16.48 2.77
CA ILE E 47 0.74 15.50 2.77
C ILE E 47 0.53 14.45 3.85
N HIS E 48 0.52 14.90 5.11
CA HIS E 48 0.31 14.03 6.27
C HIS E 48 -0.59 14.73 7.27
N TYR E 49 -1.29 13.95 8.08
CA TYR E 49 -2.08 14.50 9.19
C TYR E 49 -1.96 13.65 10.46
N SER E 50 -2.50 14.17 11.56
CA SER E 50 -2.40 13.52 12.86
C SER E 50 -3.59 13.92 13.73
N TYR E 51 -4.20 12.94 14.39
CA TYR E 51 -5.34 13.19 15.30
C TYR E 51 -4.96 12.98 16.76
N VAL E 52 -3.80 12.37 16.99
CA VAL E 52 -3.30 12.11 18.34
C VAL E 52 -1.76 12.08 18.38
N ALA E 53 -1.20 12.41 19.54
CA ALA E 53 0.25 12.34 19.76
C ALA E 53 0.78 10.91 19.58
N ASP E 54 1.96 10.81 18.96
CA ASP E 54 2.67 9.55 18.69
C ASP E 54 2.04 8.69 17.57
N SER E 55 1.19 9.30 16.76
CA SER E 55 0.61 8.63 15.59
C SER E 55 0.43 9.60 14.42
N THR E 56 0.73 9.14 13.21
CA THR E 56 0.59 9.97 12.02
C THR E 56 -0.10 9.20 10.88
N GLU E 57 -0.89 9.92 10.09
CA GLU E 57 -1.60 9.33 8.95
C GLU E 57 -1.19 9.96 7.63
N LYS E 58 -1.18 9.14 6.57
CA LYS E 58 -0.84 9.61 5.22
C LYS E 58 -1.95 10.48 4.65
N GLY E 59 -1.56 11.51 3.91
CA GLY E 59 -2.51 12.42 3.27
C GLY E 59 -2.76 12.03 1.83
N ASP E 60 -3.01 13.02 0.99
CA ASP E 60 -3.22 12.79 -0.44
C ASP E 60 -1.93 12.55 -1.21
N ILE E 61 -0.84 13.19 -0.78
CA ILE E 61 0.45 13.10 -1.46
C ILE E 61 1.63 12.85 -0.51
N PRO E 62 1.73 11.63 0.05
CA PRO E 62 2.71 11.35 1.11
C PRO E 62 4.13 10.96 0.64
N ASP E 63 4.29 10.62 -0.64
CA ASP E 63 5.57 10.15 -1.18
C ASP E 63 6.72 11.15 -0.98
N GLY E 64 7.84 10.65 -0.44
CA GLY E 64 9.02 11.46 -0.21
C GLY E 64 8.99 12.25 1.09
N TYR E 65 7.85 12.22 1.78
CA TYR E 65 7.69 12.89 3.06
C TYR E 65 7.41 11.89 4.17
N LYS E 66 7.96 12.15 5.35
CA LYS E 66 7.56 11.46 6.57
C LYS E 66 7.08 12.52 7.55
N ALA E 67 6.34 12.09 8.57
CA ALA E 67 5.86 13.02 9.60
C ALA E 67 5.94 12.43 10.99
N SER E 68 6.18 13.30 11.97
CA SER E 68 6.30 12.89 13.37
C SER E 68 5.50 13.82 14.28
N ARG E 69 4.73 13.23 15.19
CA ARG E 69 3.95 13.96 16.19
C ARG E 69 4.41 13.56 17.61
N PRO E 70 5.53 14.13 18.09
CA PRO E 70 6.09 13.74 19.39
C PRO E 70 5.21 14.14 20.59
N SER E 71 4.38 15.16 20.42
CA SER E 71 3.43 15.59 21.44
C SER E 71 2.19 16.21 20.79
N GLN E 72 1.22 16.65 21.60
CA GLN E 72 0.03 17.32 21.09
C GLN E 72 0.40 18.63 20.39
N GLU E 73 1.43 19.28 20.91
CA GLU E 73 1.83 20.63 20.49
C GLU E 73 2.66 20.66 19.20
N ASN E 74 3.43 19.60 18.96
CA ASN E 74 4.43 19.58 17.89
C ASN E 74 4.15 18.59 16.77
N PHE E 75 4.39 19.04 15.52
CA PHE E 75 4.17 18.21 14.34
C PHE E 75 5.24 18.48 13.27
N SER E 76 6.14 17.53 13.11
CA SER E 76 7.28 17.67 12.19
C SER E 76 7.00 17.10 10.80
N LEU E 77 7.52 17.78 9.78
CA LEU E 77 7.55 17.25 8.43
C LEU E 77 8.99 16.95 8.06
N ILE E 78 9.24 15.74 7.57
CA ILE E 78 10.60 15.26 7.33
C ILE E 78 10.81 14.86 5.86
N LEU E 79 11.79 15.48 5.22
CA LEU E 79 12.23 15.06 3.89
C LEU E 79 13.61 14.42 4.02
N GLU E 80 13.67 13.11 3.86
CA GLU E 80 14.91 12.36 4.04
C GLU E 80 15.92 12.60 2.92
N LEU E 81 15.42 12.59 1.68
CA LEU E 81 16.25 12.82 0.50
C LEU E 81 15.55 13.83 -0.40
N ALA E 82 15.85 15.11 -0.17
CA ALA E 82 15.18 16.22 -0.84
C ALA E 82 15.34 16.16 -2.37
N SER E 83 14.25 16.47 -3.07
CA SER E 83 14.26 16.51 -4.54
C SER E 83 13.72 17.85 -5.04
N LEU E 84 14.05 18.17 -6.29
CA LEU E 84 13.64 19.44 -6.92
C LEU E 84 12.12 19.63 -6.93
N SER E 85 11.40 18.52 -6.97
CA SER E 85 9.93 18.51 -6.99
C SER E 85 9.32 18.97 -5.66
N GLN E 86 10.13 19.03 -4.61
CA GLN E 86 9.67 19.40 -3.28
C GLN E 86 9.80 20.91 -2.98
N THR E 87 10.27 21.68 -3.97
CA THR E 87 10.27 23.14 -3.90
C THR E 87 8.83 23.64 -3.85
N ALA E 88 8.47 24.30 -2.74
CA ALA E 88 7.11 24.79 -2.53
C ALA E 88 6.99 25.59 -1.24
N VAL E 89 5.80 26.12 -1.00
CA VAL E 89 5.44 26.70 0.30
C VAL E 89 4.68 25.66 1.11
N TYR E 90 5.10 25.46 2.36
CA TYR E 90 4.51 24.44 3.23
C TYR E 90 3.78 25.07 4.40
N PHE E 91 2.48 24.78 4.49
CA PHE E 91 1.65 25.25 5.58
C PHE E 91 1.32 24.15 6.57
N CYS E 92 1.45 24.49 7.85
CA CYS E 92 0.96 23.64 8.93
C CYS E 92 -0.40 24.18 9.34
N ALA E 93 -1.28 23.29 9.79
CA ALA E 93 -2.60 23.68 10.26
C ALA E 93 -2.99 22.87 11.49
N SER E 94 -3.95 23.39 12.26
CA SER E 94 -4.49 22.69 13.42
C SER E 94 -5.98 22.95 13.59
N SER E 95 -6.69 21.95 14.12
CA SER E 95 -8.10 22.07 14.42
C SER E 95 -8.47 21.18 15.60
N ASP E 96 -9.61 21.48 16.23
CA ASP E 96 -10.24 20.54 17.13
C ASP E 96 -11.22 19.66 16.33
N TRP E 97 -12.13 18.98 17.01
CA TRP E 97 -13.10 18.10 16.36
C TRP E 97 -13.88 18.73 15.20
N VAL E 98 -14.11 20.04 15.28
CA VAL E 98 -14.70 20.82 14.18
C VAL E 98 -13.62 21.03 13.12
N SER E 99 -13.29 19.97 12.40
CA SER E 99 -12.07 19.91 11.58
C SER E 99 -12.22 20.58 10.21
N TYR E 100 -13.32 21.28 10.00
CA TYR E 100 -13.48 22.11 8.82
C TYR E 100 -13.01 23.55 9.10
N GLU E 101 -12.91 23.88 10.38
CA GLU E 101 -12.30 25.13 10.82
C GLU E 101 -10.84 24.82 11.14
N GLN E 102 -9.98 24.96 10.14
CA GLN E 102 -8.55 24.70 10.33
C GLN E 102 -7.76 26.01 10.37
N TYR E 103 -6.84 26.07 11.33
CA TYR E 103 -6.07 27.29 11.60
C TYR E 103 -4.65 27.09 11.10
N PHE E 104 -4.23 27.94 10.17
CA PHE E 104 -2.98 27.75 9.45
C PHE E 104 -1.80 28.51 10.06
N GLY E 105 -0.61 27.94 9.90
CA GLY E 105 0.64 28.61 10.27
C GLY E 105 1.07 29.58 9.19
N PRO E 106 2.12 30.37 9.46
CA PRO E 106 2.55 31.44 8.54
C PRO E 106 3.06 30.93 7.19
N GLY E 107 3.58 29.71 7.16
CA GLY E 107 4.12 29.11 5.94
C GLY E 107 5.63 29.01 5.94
N THR E 108 6.14 28.02 5.21
CA THR E 108 7.58 27.84 5.04
C THR E 108 7.95 27.77 3.57
N ARG E 109 8.75 28.74 3.12
CA ARG E 109 9.26 28.72 1.76
C ARG E 109 10.50 27.84 1.70
N LEU E 110 10.40 26.75 0.93
CA LEU E 110 11.50 25.83 0.75
C LEU E 110 11.86 25.73 -0.73
N THR E 111 13.15 25.90 -1.03
CA THR E 111 13.66 25.71 -2.38
C THR E 111 14.78 24.68 -2.35
N VAL E 112 14.63 23.64 -3.17
CA VAL E 112 15.64 22.58 -3.28
C VAL E 112 16.44 22.77 -4.56
N LEU E 113 17.76 22.76 -4.43
CA LEU E 113 18.65 22.99 -5.57
C LEU E 113 19.61 21.82 -5.79
N GLU E 114 20.11 21.69 -7.01
CA GLU E 114 21.04 20.62 -7.39
C GLU E 114 22.42 20.78 -6.72
N ASP E 115 22.90 22.02 -6.67
CA ASP E 115 24.08 22.38 -5.87
C ASP E 115 23.97 23.82 -5.37
N LEU E 116 24.64 24.12 -4.26
CA LEU E 116 24.49 25.40 -3.57
C LEU E 116 25.29 26.55 -4.18
N ARG E 117 26.07 26.25 -5.22
CA ARG E 117 26.97 27.23 -5.85
C ARG E 117 26.26 28.41 -6.51
N ASN E 118 25.01 28.21 -6.92
CA ASN E 118 24.24 29.24 -7.62
C ASN E 118 23.57 30.26 -6.71
N VAL E 119 23.53 29.97 -5.41
CA VAL E 119 22.94 30.88 -4.43
C VAL E 119 23.77 32.17 -4.38
N THR E 120 23.10 33.29 -4.62
CA THR E 120 23.76 34.59 -4.74
C THR E 120 22.92 35.68 -4.10
N PRO E 121 23.55 36.57 -3.30
CA PRO E 121 22.84 37.72 -2.73
C PRO E 121 22.50 38.78 -3.80
N PRO E 122 21.51 39.64 -3.52
CA PRO E 122 21.15 40.69 -4.48
C PRO E 122 22.15 41.85 -4.55
N LYS E 123 22.17 42.53 -5.70
CA LYS E 123 22.80 43.84 -5.81
C LYS E 123 21.68 44.86 -5.81
N VAL E 124 21.70 45.76 -4.82
CA VAL E 124 20.61 46.71 -4.62
C VAL E 124 20.96 48.09 -5.18
N SER E 125 20.10 48.60 -6.06
CA SER E 125 20.29 49.89 -6.70
C SER E 125 19.11 50.82 -6.41
N LEU E 126 19.43 52.08 -6.14
CA LEU E 126 18.41 53.10 -5.92
C LEU E 126 18.41 54.14 -7.04
N PHE E 127 17.35 54.12 -7.84
CA PHE E 127 17.20 55.03 -8.97
C PHE E 127 16.47 56.29 -8.53
N GLU E 128 17.11 57.43 -8.72
CA GLU E 128 16.62 58.72 -8.25
C GLU E 128 15.50 59.28 -9.14
N PRO E 129 14.59 60.09 -8.56
CA PRO E 129 13.40 60.60 -9.26
C PRO E 129 13.69 61.43 -10.51
N SER E 130 12.75 61.39 -11.45
CA SER E 130 12.79 62.21 -12.66
C SER E 130 12.48 63.67 -12.32
N LYS E 131 13.32 64.58 -12.79
CA LYS E 131 13.10 66.02 -12.60
C LYS E 131 11.86 66.50 -13.35
N ALA E 132 11.54 65.83 -14.46
CA ALA E 132 10.32 66.08 -15.22
C ALA E 132 9.06 65.76 -14.40
N GLU E 133 9.13 64.71 -13.59
CA GLU E 133 8.03 64.32 -12.69
C GLU E 133 7.83 65.32 -11.57
N ILE E 134 8.95 65.75 -10.99
CA ILE E 134 8.97 66.71 -9.88
C ILE E 134 8.39 68.07 -10.29
N ALA E 135 8.73 68.50 -11.51
CA ALA E 135 8.27 69.79 -12.04
C ALA E 135 6.79 69.76 -12.44
N ASN E 136 6.35 68.68 -13.06
CA ASN E 136 5.01 68.59 -13.63
C ASN E 136 3.92 68.13 -12.64
N LYS E 137 4.28 67.21 -11.75
CA LYS E 137 3.29 66.62 -10.85
C LYS E 137 3.49 66.96 -9.37
N GLN E 138 4.61 67.63 -9.06
CA GLN E 138 4.98 67.97 -7.68
C GLN E 138 5.15 66.71 -6.81
N LYS E 139 5.63 65.65 -7.44
CA LYS E 139 5.83 64.36 -6.79
C LYS E 139 7.14 63.72 -7.26
N ALA E 140 7.75 62.92 -6.38
CA ALA E 140 9.00 62.25 -6.70
C ALA E 140 8.92 60.76 -6.42
N THR E 141 9.05 59.96 -7.47
CA THR E 141 9.08 58.50 -7.35
C THR E 141 10.52 58.00 -7.38
N LEU E 142 10.96 57.45 -6.24
CA LEU E 142 12.22 56.74 -6.17
C LEU E 142 11.94 55.27 -6.48
N VAL E 143 12.86 54.63 -7.19
CA VAL E 143 12.70 53.21 -7.50
C VAL E 143 13.87 52.37 -6.96
N CYS E 144 13.54 51.36 -6.16
CA CYS E 144 14.53 50.39 -5.69
C CYS E 144 14.51 49.18 -6.59
N LEU E 145 15.69 48.75 -7.02
CA LEU E 145 15.82 47.59 -7.89
C LEU E 145 16.86 46.61 -7.34
N ALA E 146 16.41 45.41 -7.00
CA ALA E 146 17.29 44.33 -6.55
C ALA E 146 17.42 43.30 -7.65
N ARG E 147 18.66 43.01 -8.05
CA ARG E 147 18.94 42.10 -9.15
C ARG E 147 20.03 41.10 -8.81
N GLY E 148 20.14 40.06 -9.64
CA GLY E 148 21.24 39.09 -9.56
C GLY E 148 21.22 38.15 -8.38
N PHE E 149 20.03 37.92 -7.81
CA PHE E 149 19.91 37.04 -6.66
C PHE E 149 19.18 35.74 -6.94
N PHE E 150 19.71 34.65 -6.37
CA PHE E 150 19.09 33.34 -6.47
C PHE E 150 19.18 32.62 -5.11
N PRO E 151 18.09 31.95 -4.66
CA PRO E 151 16.64 31.93 -4.97
C PRO E 151 15.93 33.21 -4.55
N ASP E 152 14.60 33.17 -4.53
CA ASP E 152 13.78 34.38 -4.34
C ASP E 152 13.23 34.58 -2.92
N HIS E 153 14.02 34.20 -1.93
CA HIS E 153 13.64 34.35 -0.52
C HIS E 153 14.07 35.72 -0.02
N VAL E 154 13.33 36.75 -0.44
CA VAL E 154 13.68 38.15 -0.13
C VAL E 154 12.51 38.94 0.45
N GLU E 155 12.85 39.95 1.25
CA GLU E 155 11.88 40.90 1.80
C GLU E 155 12.42 42.32 1.60
N LEU E 156 11.64 43.16 0.93
CA LEU E 156 12.05 44.54 0.66
C LEU E 156 11.33 45.53 1.58
N SER E 157 12.08 46.47 2.13
CA SER E 157 11.53 47.52 2.97
C SER E 157 12.11 48.89 2.63
N TRP E 158 11.35 49.94 2.90
CA TRP E 158 11.82 51.31 2.71
C TRP E 158 12.03 51.98 4.06
N TRP E 159 13.06 52.83 4.13
CA TRP E 159 13.45 53.47 5.36
C TRP E 159 13.70 54.97 5.15
N VAL E 160 12.85 55.80 5.75
CA VAL E 160 12.97 57.25 5.65
C VAL E 160 13.28 57.86 7.02
N ASN E 161 14.41 58.53 7.10
CA ASN E 161 14.90 59.16 8.34
C ASN E 161 15.08 58.17 9.49
N GLY E 162 15.52 56.96 9.16
CA GLY E 162 15.76 55.90 10.15
C GLY E 162 14.54 55.11 10.58
N LYS E 163 13.39 55.42 9.98
CA LYS E 163 12.14 54.73 10.31
C LYS E 163 11.56 54.03 9.09
N GLU E 164 10.98 52.86 9.30
CA GLU E 164 10.33 52.11 8.23
C GLU E 164 8.98 52.74 7.85
N VAL E 165 8.79 52.94 6.55
CA VAL E 165 7.56 53.50 6.02
C VAL E 165 6.77 52.45 5.24
N HIS E 166 5.45 52.59 5.25
CA HIS E 166 4.57 51.71 4.48
C HIS E 166 3.71 52.50 3.48
N SER E 167 3.41 53.75 3.82
CA SER E 167 2.63 54.63 2.95
C SER E 167 3.48 55.20 1.83
N GLY E 168 2.93 55.20 0.61
CA GLY E 168 3.64 55.67 -0.57
C GLY E 168 4.54 54.60 -1.16
N VAL E 169 4.41 53.37 -0.66
CA VAL E 169 5.25 52.25 -1.07
C VAL E 169 4.46 51.25 -1.92
N SER E 170 5.08 50.77 -2.99
CA SER E 170 4.50 49.74 -3.84
C SER E 170 5.58 48.79 -4.35
N THR E 171 5.68 47.62 -3.71
CA THR E 171 6.69 46.62 -4.02
C THR E 171 6.05 45.48 -4.82
N ASP E 172 6.79 44.94 -5.79
CA ASP E 172 6.34 43.79 -6.56
C ASP E 172 5.90 42.65 -5.62
N PRO E 173 4.67 42.13 -5.84
CA PRO E 173 4.16 41.00 -5.06
C PRO E 173 5.06 39.76 -5.16
N GLN E 174 5.56 39.48 -6.37
CA GLN E 174 6.45 38.35 -6.62
C GLN E 174 7.70 38.81 -7.35
N ALA E 175 8.83 38.20 -7.02
CA ALA E 175 10.10 38.48 -7.69
C ALA E 175 10.07 37.96 -9.13
N TYR E 176 10.79 38.64 -10.02
CA TYR E 176 10.80 38.31 -11.44
C TYR E 176 12.06 37.54 -11.85
N LYS E 177 11.86 36.38 -12.46
CA LYS E 177 12.94 35.56 -12.95
C LYS E 177 13.46 36.14 -14.27
N GLU E 178 14.62 36.79 -14.23
CA GLU E 178 15.24 37.36 -15.43
C GLU E 178 16.07 36.32 -16.18
N SER E 179 16.81 35.51 -15.42
CA SER E 179 17.55 34.37 -15.94
C SER E 179 17.13 33.15 -15.12
N ASN E 180 17.60 31.96 -15.51
CA ASN E 180 17.30 30.74 -14.75
C ASN E 180 17.82 30.77 -13.31
N TYR E 181 18.95 31.45 -13.09
CA TYR E 181 19.52 31.62 -11.75
C TYR E 181 19.60 33.08 -11.32
N SER E 182 18.68 33.89 -11.81
CA SER E 182 18.68 35.30 -11.46
C SER E 182 17.26 35.85 -11.30
N TYR E 183 17.01 36.45 -10.15
CA TYR E 183 15.72 37.08 -9.88
C TYR E 183 15.88 38.59 -9.80
N ALA E 184 14.77 39.30 -9.99
CA ALA E 184 14.73 40.74 -9.84
C ALA E 184 13.49 41.14 -9.06
N LEU E 185 13.63 42.17 -8.24
CA LEU E 185 12.51 42.73 -7.50
C LEU E 185 12.60 44.25 -7.54
N SER E 186 11.46 44.91 -7.68
CA SER E 186 11.44 46.37 -7.67
C SER E 186 10.34 46.93 -6.79
N SER E 187 10.54 48.17 -6.34
CA SER E 187 9.57 48.87 -5.51
C SER E 187 9.58 50.35 -5.82
N ARG E 188 8.48 51.02 -5.48
CA ARG E 188 8.37 52.47 -5.66
C ARG E 188 8.15 53.14 -4.32
N LEU E 189 8.82 54.28 -4.13
CA LEU E 189 8.51 55.17 -3.02
C LEU E 189 8.21 56.55 -3.59
N ARG E 190 6.95 56.96 -3.50
CA ARG E 190 6.56 58.30 -3.93
C ARG E 190 6.39 59.24 -2.74
N VAL E 191 7.14 60.34 -2.79
CA VAL E 191 6.99 61.42 -1.83
C VAL E 191 6.65 62.70 -2.59
N SER E 192 6.30 63.76 -1.86
CA SER E 192 6.04 65.07 -2.46
C SER E 192 7.36 65.70 -2.88
N ALA E 193 7.30 66.58 -3.88
CA ALA E 193 8.47 67.32 -4.37
C ALA E 193 9.16 68.08 -3.24
N THR E 194 8.35 68.66 -2.35
CA THR E 194 8.85 69.37 -1.17
C THR E 194 9.68 68.46 -0.26
N PHE E 195 9.26 67.20 -0.13
CA PHE E 195 9.95 66.23 0.72
C PHE E 195 11.29 65.79 0.12
N TRP E 196 11.30 65.51 -1.18
CA TRP E 196 12.53 65.12 -1.88
C TRP E 196 13.55 66.26 -1.94
N HIS E 197 13.06 67.50 -2.05
CA HIS E 197 13.94 68.67 -2.17
C HIS E 197 14.67 69.06 -0.88
N ASN E 198 14.20 68.54 0.25
CA ASN E 198 14.80 68.81 1.56
C ASN E 198 16.03 67.94 1.80
N PRO E 199 17.22 68.58 1.92
CA PRO E 199 18.50 67.88 2.11
C PRO E 199 18.62 67.06 3.39
N ARG E 200 17.76 67.34 4.37
CA ARG E 200 17.73 66.60 5.63
C ARG E 200 17.28 65.16 5.43
N ASN E 201 16.31 64.97 4.53
CA ASN E 201 15.66 63.67 4.32
C ASN E 201 16.55 62.60 3.72
N HIS E 202 16.62 61.48 4.43
CA HIS E 202 17.43 60.32 4.04
C HIS E 202 16.50 59.19 3.60
N PHE E 203 16.75 58.68 2.39
CA PHE E 203 15.94 57.60 1.81
C PHE E 203 16.79 56.36 1.64
N ARG E 204 16.25 55.21 2.02
CA ARG E 204 16.97 53.94 1.93
C ARG E 204 16.01 52.78 1.65
N CYS E 205 16.38 51.94 0.70
CA CYS E 205 15.65 50.71 0.47
C CYS E 205 16.50 49.50 0.88
N GLN E 206 15.92 48.68 1.75
CA GLN E 206 16.61 47.52 2.33
C GLN E 206 16.00 46.24 1.81
N VAL E 207 16.84 45.36 1.28
CA VAL E 207 16.40 44.03 0.86
C VAL E 207 17.02 42.98 1.79
N GLN E 208 16.17 42.21 2.47
CA GLN E 208 16.62 41.10 3.30
C GLN E 208 16.64 39.82 2.47
N PHE E 209 17.83 39.24 2.35
CA PHE E 209 18.02 38.03 1.57
C PHE E 209 18.21 36.83 2.47
N HIS E 210 17.32 35.86 2.35
CA HIS E 210 17.44 34.61 3.10
C HIS E 210 18.17 33.57 2.25
N GLY E 211 19.43 33.32 2.61
CA GLY E 211 20.26 32.36 1.91
C GLY E 211 20.55 31.14 2.75
N LEU E 212 21.83 30.77 2.82
CA LEU E 212 22.27 29.59 3.55
C LEU E 212 22.39 29.85 5.05
N SER E 213 22.35 28.77 5.83
CA SER E 213 22.61 28.82 7.26
C SER E 213 24.05 28.40 7.54
N GLU E 214 24.52 28.65 8.76
CA GLU E 214 25.90 28.35 9.16
C GLU E 214 26.26 26.86 9.01
N GLU E 215 25.26 25.99 9.11
CA GLU E 215 25.46 24.55 8.98
C GLU E 215 25.81 24.10 7.56
N ASP E 216 25.45 24.92 6.57
CA ASP E 216 25.71 24.63 5.17
C ASP E 216 27.18 24.79 4.81
N LYS E 217 27.73 23.76 4.16
CA LYS E 217 29.15 23.74 3.77
C LYS E 217 29.41 24.60 2.53
N TRP E 218 30.49 25.38 2.59
CA TRP E 218 30.86 26.29 1.51
C TRP E 218 32.37 26.30 1.30
N PRO E 219 32.83 26.13 0.05
CA PRO E 219 34.26 26.09 -0.27
C PRO E 219 34.92 27.47 -0.16
N GLU E 220 36.20 27.48 0.16
CA GLU E 220 36.97 28.73 0.32
C GLU E 220 37.21 29.40 -1.03
N GLY E 221 37.26 30.73 -1.01
CA GLY E 221 37.46 31.53 -2.22
C GLY E 221 36.33 32.53 -2.36
N SER E 222 35.14 32.02 -2.61
CA SER E 222 33.94 32.85 -2.68
C SER E 222 33.35 33.03 -1.27
N PRO E 223 32.83 34.22 -0.97
CA PRO E 223 32.12 34.44 0.29
C PRO E 223 30.78 33.69 0.36
N LYS E 224 30.46 33.15 1.53
CA LYS E 224 29.24 32.36 1.73
C LYS E 224 27.98 33.23 1.61
N PRO E 225 27.00 32.78 0.80
CA PRO E 225 25.75 33.53 0.61
C PRO E 225 24.76 33.28 1.75
N VAL E 226 25.13 33.72 2.96
CA VAL E 226 24.28 33.60 4.14
C VAL E 226 23.14 34.62 4.12
N THR E 227 22.24 34.50 5.10
CA THR E 227 21.17 35.49 5.29
C THR E 227 21.78 36.85 5.63
N GLN E 228 21.44 37.85 4.81
CA GLN E 228 22.06 39.17 4.91
C GLN E 228 21.14 40.29 4.40
N ASN E 229 21.33 41.48 4.95
CA ASN E 229 20.63 42.68 4.50
C ASN E 229 21.53 43.53 3.58
N ILE E 230 20.96 43.96 2.46
CA ILE E 230 21.69 44.78 1.49
C ILE E 230 20.86 46.02 1.12
N SER E 231 21.47 47.19 1.26
CA SER E 231 20.77 48.46 1.08
C SER E 231 21.41 49.36 0.02
N ALA E 232 20.61 50.32 -0.45
CA ALA E 232 21.06 51.42 -1.28
C ALA E 232 20.38 52.68 -0.77
N GLU E 233 21.11 53.80 -0.74
CA GLU E 233 20.59 55.02 -0.12
C GLU E 233 20.84 56.32 -0.91
N ALA E 234 19.94 57.28 -0.71
CA ALA E 234 20.06 58.60 -1.31
C ALA E 234 19.52 59.67 -0.37
N TRP E 235 19.97 60.91 -0.57
CA TRP E 235 19.54 62.04 0.24
C TRP E 235 18.83 63.10 -0.60
N GLY E 236 18.11 63.99 0.06
CA GLY E 236 17.38 65.07 -0.59
C GLY E 236 18.29 66.09 -1.27
N ARG E 237 17.84 66.59 -2.42
CA ARG E 237 18.62 67.53 -3.23
C ARG E 237 17.72 68.64 -3.74
N ALA E 238 18.27 69.85 -3.84
CA ALA E 238 17.53 71.01 -4.35
C ALA E 238 17.12 70.81 -5.82
N GLY F 1 -14.87 -39.84 -13.77
CA GLY F 1 -15.63 -38.69 -13.20
C GLY F 1 -14.75 -37.50 -12.87
N SER F 2 -15.02 -36.88 -11.73
CA SER F 2 -14.27 -35.70 -11.29
C SER F 2 -12.91 -36.08 -10.69
N HIS F 3 -11.94 -35.17 -10.81
CA HIS F 3 -10.59 -35.41 -10.34
C HIS F 3 -10.02 -34.23 -9.57
N SER F 4 -8.92 -34.48 -8.85
CA SER F 4 -8.24 -33.43 -8.08
C SER F 4 -6.73 -33.60 -8.12
N MET F 5 -6.02 -32.50 -7.90
CA MET F 5 -4.60 -32.54 -7.61
C MET F 5 -4.36 -31.74 -6.33
N ARG F 6 -3.63 -32.33 -5.39
CA ARG F 6 -3.34 -31.66 -4.13
C ARG F 6 -1.89 -31.83 -3.74
N TYR F 7 -1.33 -30.76 -3.17
CA TYR F 7 0.00 -30.81 -2.58
C TYR F 7 -0.12 -30.54 -1.09
N PHE F 8 0.55 -31.35 -0.29
CA PHE F 8 0.49 -31.25 1.16
C PHE F 8 1.89 -30.99 1.72
N PHE F 9 2.00 -29.97 2.58
CA PHE F 9 3.28 -29.57 3.14
C PHE F 9 3.26 -29.53 4.67
N THR F 10 4.19 -30.26 5.29
CA THR F 10 4.36 -30.22 6.74
C THR F 10 5.75 -29.72 7.11
N SER F 11 5.80 -28.71 7.98
CA SER F 11 7.06 -28.22 8.51
C SER F 11 7.02 -28.26 10.04
N VAL F 12 7.97 -28.99 10.62
CA VAL F 12 8.02 -29.19 12.08
C VAL F 12 9.34 -28.69 12.65
N SER F 13 9.25 -27.70 13.56
CA SER F 13 10.44 -27.16 14.23
C SER F 13 11.04 -28.20 15.17
N ARG F 14 12.37 -28.24 15.22
CA ARG F 14 13.09 -29.20 16.06
C ARG F 14 14.07 -28.49 17.00
N PRO F 15 13.71 -28.39 18.29
CA PRO F 15 14.41 -27.62 19.32
C PRO F 15 15.95 -27.75 19.29
N GLY F 16 16.45 -28.99 19.34
CA GLY F 16 17.89 -29.24 19.45
C GLY F 16 18.68 -29.15 18.15
N ARG F 17 17.98 -29.32 17.02
CA ARG F 17 18.62 -29.40 15.71
C ARG F 17 18.85 -28.02 15.10
N GLY F 18 19.58 -27.98 13.99
CA GLY F 18 19.85 -26.74 13.25
C GLY F 18 18.73 -26.38 12.30
N GLU F 19 18.07 -27.40 11.75
CA GLU F 19 17.01 -27.22 10.77
C GLU F 19 15.75 -28.00 11.14
N PRO F 20 14.57 -27.50 10.71
CA PRO F 20 13.31 -28.20 10.93
C PRO F 20 13.12 -29.38 9.98
N ARG F 21 12.10 -30.20 10.25
CA ARG F 21 11.73 -31.28 9.33
C ARG F 21 10.69 -30.78 8.35
N PHE F 22 10.97 -30.93 7.06
CA PHE F 22 10.03 -30.56 6.01
C PHE F 22 9.65 -31.75 5.15
N ILE F 23 8.35 -32.00 5.03
CA ILE F 23 7.84 -33.06 4.17
C ILE F 23 6.79 -32.52 3.20
N ALA F 24 7.03 -32.76 1.92
CA ALA F 24 6.08 -32.39 0.86
C ALA F 24 5.63 -33.63 0.11
N VAL F 25 4.32 -33.76 -0.08
CA VAL F 25 3.75 -34.85 -0.89
C VAL F 25 2.71 -34.34 -1.88
N GLY F 26 2.64 -34.97 -3.04
CA GLY F 26 1.64 -34.62 -4.06
C GLY F 26 0.73 -35.79 -4.37
N TYR F 27 -0.55 -35.48 -4.53
CA TYR F 27 -1.57 -36.48 -4.85
C TYR F 27 -2.33 -36.11 -6.12
N VAL F 28 -2.62 -37.12 -6.92
CA VAL F 28 -3.65 -37.00 -7.95
C VAL F 28 -4.78 -37.92 -7.50
N ASP F 29 -5.92 -37.31 -7.19
CA ASP F 29 -7.02 -38.00 -6.54
C ASP F 29 -6.53 -38.66 -5.25
N ASP F 30 -6.53 -39.99 -5.21
CA ASP F 30 -6.16 -40.72 -4.01
C ASP F 30 -4.79 -41.42 -4.12
N THR F 31 -4.09 -41.13 -5.21
CA THR F 31 -2.78 -41.71 -5.49
C THR F 31 -1.68 -40.66 -5.28
N GLN F 32 -0.71 -41.00 -4.42
CA GLN F 32 0.48 -40.16 -4.22
C GLN F 32 1.46 -40.40 -5.36
N PHE F 33 2.03 -39.31 -5.90
CA PHE F 33 2.91 -39.44 -7.05
C PHE F 33 4.30 -38.81 -6.86
N VAL F 34 4.40 -37.87 -5.92
CA VAL F 34 5.68 -37.24 -5.58
C VAL F 34 5.89 -37.11 -4.09
N ARG F 35 7.15 -37.09 -3.67
CA ARG F 35 7.49 -36.76 -2.30
C ARG F 35 8.80 -36.01 -2.23
N PHE F 36 8.89 -35.14 -1.23
CA PHE F 36 10.16 -34.55 -0.83
C PHE F 36 10.27 -34.63 0.70
N ASP F 37 11.44 -35.08 1.15
CA ASP F 37 11.76 -35.12 2.58
C ASP F 37 13.12 -34.46 2.79
N SER F 38 13.14 -33.43 3.63
CA SER F 38 14.38 -32.69 3.92
C SER F 38 15.45 -33.55 4.60
N ASP F 39 15.05 -34.66 5.20
CA ASP F 39 15.98 -35.57 5.89
C ASP F 39 16.52 -36.69 5.01
N ALA F 40 15.88 -36.93 3.88
CA ALA F 40 16.32 -37.98 2.95
C ALA F 40 17.63 -37.59 2.26
N ALA F 41 18.39 -38.60 1.85
CA ALA F 41 19.71 -38.41 1.26
C ALA F 41 19.69 -37.74 -0.12
N SER F 42 18.67 -38.06 -0.92
CA SER F 42 18.58 -37.62 -2.31
C SER F 42 18.54 -36.10 -2.51
N GLN F 43 17.88 -35.40 -1.58
CA GLN F 43 17.70 -33.94 -1.63
C GLN F 43 17.04 -33.49 -2.92
N ARG F 44 16.13 -34.31 -3.41
CA ARG F 44 15.40 -34.04 -4.64
C ARG F 44 13.96 -34.52 -4.50
N MET F 45 13.07 -33.99 -5.32
CA MET F 45 11.73 -34.51 -5.43
C MET F 45 11.83 -35.91 -6.04
N GLU F 46 11.09 -36.85 -5.45
CA GLU F 46 11.17 -38.26 -5.83
C GLU F 46 9.83 -38.76 -6.34
N PRO F 47 9.85 -39.66 -7.35
CA PRO F 47 8.63 -40.30 -7.85
C PRO F 47 8.05 -41.31 -6.87
N ARG F 48 6.71 -41.34 -6.78
CA ARG F 48 6.00 -42.32 -5.96
C ARG F 48 4.89 -43.04 -6.73
N ALA F 49 4.84 -42.79 -8.03
CA ALA F 49 3.92 -43.46 -8.94
C ALA F 49 4.64 -43.82 -10.25
N PRO F 50 4.26 -44.93 -10.88
CA PRO F 50 4.98 -45.38 -12.09
C PRO F 50 4.77 -44.47 -13.30
N TRP F 51 3.65 -43.75 -13.34
CA TRP F 51 3.32 -42.90 -14.49
C TRP F 51 4.05 -41.56 -14.50
N ILE F 52 4.52 -41.10 -13.33
CA ILE F 52 5.26 -39.85 -13.25
C ILE F 52 6.74 -40.03 -13.65
N GLU F 53 7.19 -41.29 -13.66
CA GLU F 53 8.57 -41.63 -14.00
C GLU F 53 8.99 -41.22 -15.41
N GLN F 54 8.02 -41.18 -16.33
CA GLN F 54 8.28 -40.85 -17.73
C GLN F 54 8.70 -39.39 -17.97
N GLU F 55 8.38 -38.51 -17.00
CA GLU F 55 8.75 -37.10 -17.06
C GLU F 55 10.27 -36.89 -17.07
N GLY F 56 10.74 -35.99 -17.92
CA GLY F 56 12.17 -35.76 -18.11
C GLY F 56 12.86 -35.04 -16.97
N PRO F 57 14.19 -34.81 -17.11
CA PRO F 57 15.01 -34.22 -16.04
C PRO F 57 14.66 -32.76 -15.77
N GLU F 58 14.10 -32.08 -16.77
CA GLU F 58 13.67 -30.69 -16.63
C GLU F 58 12.49 -30.58 -15.65
N TYR F 59 11.59 -31.56 -15.72
CA TYR F 59 10.49 -31.67 -14.78
C TYR F 59 11.02 -31.83 -13.37
N TRP F 60 11.94 -32.78 -13.18
CA TRP F 60 12.47 -33.13 -11.86
C TRP F 60 13.38 -32.05 -11.28
N ASP F 61 14.16 -31.39 -12.12
CA ASP F 61 14.96 -30.22 -11.71
C ASP F 61 14.04 -29.09 -11.22
N GLY F 62 12.97 -28.84 -11.97
CA GLY F 62 12.02 -27.78 -11.66
C GLY F 62 11.26 -28.02 -10.36
N GLU F 63 10.77 -29.24 -10.17
CA GLU F 63 10.06 -29.61 -8.95
C GLU F 63 10.99 -29.58 -7.74
N THR F 64 12.25 -29.93 -7.95
CA THR F 64 13.26 -29.91 -6.90
C THR F 64 13.60 -28.49 -6.43
N ARG F 65 13.93 -27.59 -7.36
CA ARG F 65 14.22 -26.20 -6.99
C ARG F 65 13.00 -25.49 -6.38
N LYS F 66 11.81 -25.79 -6.93
CA LYS F 66 10.56 -25.24 -6.43
C LYS F 66 10.21 -25.76 -5.03
N VAL F 67 10.37 -27.06 -4.80
CA VAL F 67 10.05 -27.64 -3.50
C VAL F 67 11.05 -27.22 -2.42
N LYS F 68 12.30 -26.99 -2.81
CA LYS F 68 13.32 -26.49 -1.90
C LYS F 68 13.05 -25.04 -1.49
N ALA F 69 12.44 -24.28 -2.41
CA ALA F 69 12.01 -22.92 -2.12
C ALA F 69 10.81 -22.90 -1.16
N HIS F 70 9.88 -23.83 -1.36
CA HIS F 70 8.80 -24.07 -0.40
C HIS F 70 9.37 -24.43 0.98
N SER F 71 10.31 -25.36 1.00
CA SER F 71 10.97 -25.82 2.21
C SER F 71 11.56 -24.67 3.01
N GLN F 72 12.32 -23.81 2.33
CA GLN F 72 12.99 -22.66 2.94
C GLN F 72 12.02 -21.57 3.39
N THR F 73 10.93 -21.41 2.64
CA THR F 73 9.89 -20.45 2.99
C THR F 73 9.19 -20.85 4.29
N HIS F 74 8.83 -22.13 4.40
CA HIS F 74 8.16 -22.66 5.59
C HIS F 74 9.08 -22.66 6.82
N ARG F 75 10.38 -22.73 6.57
CA ARG F 75 11.40 -22.61 7.62
C ARG F 75 11.42 -21.20 8.22
N VAL F 76 11.22 -20.19 7.36
CA VAL F 76 11.14 -18.80 7.80
C VAL F 76 9.78 -18.53 8.47
N ASP F 77 8.74 -19.18 7.93
CA ASP F 77 7.38 -19.09 8.46
C ASP F 77 7.31 -19.55 9.93
N LEU F 78 8.06 -20.60 10.25
CA LEU F 78 8.16 -21.11 11.62
C LEU F 78 8.70 -20.08 12.61
N GLY F 79 9.68 -19.29 12.17
CA GLY F 79 10.25 -18.22 12.99
C GLY F 79 9.35 -17.00 13.07
N THR F 80 8.69 -16.69 11.96
CA THR F 80 7.77 -15.54 11.87
C THR F 80 6.56 -15.72 12.78
N LEU F 81 5.96 -16.91 12.75
CA LEU F 81 4.78 -17.24 13.56
C LEU F 81 5.08 -17.29 15.06
N ARG F 82 6.32 -17.66 15.39
CA ARG F 82 6.79 -17.65 16.76
C ARG F 82 6.83 -16.22 17.32
N GLY F 83 7.22 -15.28 16.46
CA GLY F 83 7.22 -13.86 16.79
C GLY F 83 5.82 -13.29 16.89
N TYR F 84 4.95 -13.70 15.97
CA TYR F 84 3.55 -13.24 15.95
C TYR F 84 2.80 -13.56 17.25
N TYR F 85 2.96 -14.79 17.73
CA TYR F 85 2.25 -15.27 18.91
C TYR F 85 3.08 -15.16 20.19
N ASN F 86 4.25 -14.52 20.07
CA ASN F 86 5.18 -14.31 21.19
C ASN F 86 5.59 -15.60 21.92
N GLN F 87 5.76 -16.67 21.16
CA GLN F 87 6.10 -17.98 21.70
C GLN F 87 7.60 -18.17 21.89
N SER F 88 7.96 -19.03 22.83
CA SER F 88 9.37 -19.36 23.09
C SER F 88 9.92 -20.37 22.07
N GLU F 89 11.21 -20.64 22.16
CA GLU F 89 11.89 -21.56 21.25
C GLU F 89 12.15 -22.93 21.89
N ALA F 90 11.70 -23.09 23.13
CA ALA F 90 11.89 -24.32 23.90
C ALA F 90 11.08 -25.51 23.36
N GLY F 91 10.00 -25.22 22.64
CA GLY F 91 9.09 -26.25 22.16
C GLY F 91 9.05 -26.44 20.65
N SER F 92 8.35 -27.49 20.22
CA SER F 92 8.19 -27.81 18.81
C SER F 92 6.85 -27.30 18.29
N HIS F 93 6.87 -26.72 17.09
CA HIS F 93 5.67 -26.18 16.46
C HIS F 93 5.51 -26.70 15.03
N THR F 94 4.26 -26.80 14.58
CA THR F 94 3.96 -27.35 13.26
C THR F 94 3.30 -26.32 12.34
N VAL F 95 3.85 -26.18 11.13
CA VAL F 95 3.19 -25.42 10.07
C VAL F 95 2.70 -26.41 9.02
N GLN F 96 1.46 -26.25 8.59
CA GLN F 96 0.87 -27.09 7.55
C GLN F 96 0.31 -26.24 6.41
N ARG F 97 0.42 -26.75 5.19
CA ARG F 97 -0.08 -26.05 4.03
C ARG F 97 -0.64 -27.02 3.00
N MET F 98 -1.77 -26.65 2.42
CA MET F 98 -2.39 -27.42 1.35
C MET F 98 -2.86 -26.50 0.24
N TYR F 99 -2.52 -26.84 -1.00
CA TYR F 99 -3.15 -26.21 -2.15
C TYR F 99 -3.39 -27.17 -3.30
N GLY F 100 -4.27 -26.79 -4.22
CA GLY F 100 -4.61 -27.62 -5.36
C GLY F 100 -5.93 -27.27 -6.01
N CYS F 101 -6.29 -28.05 -7.02
CA CYS F 101 -7.45 -27.76 -7.85
C CYS F 101 -8.32 -29.00 -8.06
N ASP F 102 -9.60 -28.78 -8.31
CA ASP F 102 -10.55 -29.83 -8.69
C ASP F 102 -11.05 -29.60 -10.11
N VAL F 103 -11.26 -30.68 -10.85
CA VAL F 103 -11.91 -30.63 -12.15
C VAL F 103 -13.13 -31.55 -12.17
N GLY F 104 -14.15 -31.16 -12.95
CA GLY F 104 -15.34 -32.00 -13.13
C GLY F 104 -15.05 -33.16 -14.06
N SER F 105 -16.10 -33.88 -14.45
CA SER F 105 -15.97 -35.01 -15.36
C SER F 105 -15.67 -34.57 -16.80
N ASP F 106 -15.82 -33.28 -17.07
CA ASP F 106 -15.41 -32.67 -18.34
C ASP F 106 -13.95 -32.18 -18.30
N TRP F 107 -13.27 -32.45 -17.17
CA TRP F 107 -11.88 -32.05 -16.92
C TRP F 107 -11.69 -30.52 -16.90
N ARG F 108 -12.76 -29.79 -16.65
CA ARG F 108 -12.72 -28.33 -16.55
C ARG F 108 -12.76 -27.88 -15.10
N PHE F 109 -12.00 -26.83 -14.80
CA PHE F 109 -11.88 -26.28 -13.44
C PHE F 109 -13.22 -26.19 -12.70
N LEU F 110 -13.20 -26.57 -11.43
CA LEU F 110 -14.39 -26.53 -10.59
C LEU F 110 -14.13 -25.80 -9.27
N ARG F 111 -13.04 -26.17 -8.59
CA ARG F 111 -12.68 -25.59 -7.29
C ARG F 111 -11.17 -25.49 -7.10
N GLY F 112 -10.74 -24.54 -6.26
CA GLY F 112 -9.33 -24.33 -5.94
C GLY F 112 -9.09 -24.08 -4.46
N TYR F 113 -7.92 -24.47 -3.97
CA TYR F 113 -7.63 -24.42 -2.54
C TYR F 113 -6.23 -23.87 -2.27
N HIS F 114 -6.08 -23.18 -1.14
CA HIS F 114 -4.79 -22.69 -0.67
C HIS F 114 -4.96 -22.24 0.77
N GLN F 115 -4.42 -23.04 1.70
CA GLN F 115 -4.73 -22.87 3.13
C GLN F 115 -3.63 -23.34 4.07
N TYR F 116 -3.61 -22.77 5.27
CA TYR F 116 -2.56 -22.98 6.26
C TYR F 116 -3.11 -23.34 7.64
N ALA F 117 -2.34 -24.11 8.39
CA ALA F 117 -2.62 -24.36 9.80
C ALA F 117 -1.35 -24.16 10.62
N TYR F 118 -1.51 -23.60 11.82
CA TYR F 118 -0.41 -23.49 12.77
C TYR F 118 -0.76 -24.21 14.07
N ASP F 119 0.01 -25.26 14.37
CA ASP F 119 -0.24 -26.16 15.52
C ASP F 119 -1.64 -26.79 15.49
N GLY F 120 -2.08 -27.18 14.30
CA GLY F 120 -3.35 -27.91 14.12
C GLY F 120 -4.60 -27.06 13.95
N LYS F 121 -4.45 -25.74 14.04
CA LYS F 121 -5.58 -24.82 13.94
C LYS F 121 -5.51 -24.01 12.66
N ASP F 122 -6.66 -23.83 12.00
CA ASP F 122 -6.79 -22.97 10.83
C ASP F 122 -6.08 -21.64 11.05
N TYR F 123 -5.22 -21.27 10.10
CA TYR F 123 -4.50 -20.01 10.18
C TYR F 123 -5.03 -19.03 9.12
N ILE F 124 -4.76 -19.32 7.85
CA ILE F 124 -5.27 -18.52 6.74
C ILE F 124 -5.71 -19.42 5.60
N ALA F 125 -6.79 -19.05 4.91
CA ALA F 125 -7.35 -19.86 3.84
C ALA F 125 -7.94 -19.03 2.71
N LEU F 126 -7.69 -19.46 1.48
CA LEU F 126 -8.32 -18.85 0.31
C LEU F 126 -9.79 -19.22 0.25
N LYS F 127 -10.62 -18.22 0.00
CA LYS F 127 -12.07 -18.38 -0.10
C LYS F 127 -12.51 -18.95 -1.45
N GLU F 128 -13.78 -19.33 -1.53
CA GLU F 128 -14.38 -19.95 -2.71
C GLU F 128 -14.40 -19.06 -3.97
N ASP F 129 -14.44 -17.74 -3.78
CA ASP F 129 -14.40 -16.79 -4.90
C ASP F 129 -13.02 -16.71 -5.54
N LEU F 130 -12.02 -17.23 -4.83
CA LEU F 130 -10.62 -17.27 -5.28
C LEU F 130 -9.95 -15.89 -5.24
N ARG F 131 -10.60 -14.94 -4.57
CA ARG F 131 -10.13 -13.57 -4.48
C ARG F 131 -9.84 -13.13 -3.05
N SER F 132 -10.66 -13.62 -2.12
CA SER F 132 -10.63 -13.18 -0.72
C SER F 132 -9.92 -14.17 0.21
N TRP F 133 -9.58 -13.72 1.41
CA TRP F 133 -8.88 -14.55 2.39
C TRP F 133 -9.62 -14.64 3.72
N THR F 134 -9.62 -15.83 4.30
CA THR F 134 -10.16 -16.05 5.65
C THR F 134 -8.99 -16.05 6.65
N ALA F 135 -8.96 -15.04 7.50
CA ALA F 135 -7.93 -14.91 8.51
C ALA F 135 -8.50 -15.24 9.89
N ALA F 136 -7.98 -16.31 10.49
CA ALA F 136 -8.45 -16.82 11.78
C ALA F 136 -8.29 -15.81 12.92
N ASP F 137 -7.13 -15.16 12.97
CA ASP F 137 -6.84 -14.14 14.00
C ASP F 137 -6.05 -12.96 13.42
N MET F 138 -5.46 -12.16 14.31
CA MET F 138 -4.74 -10.96 13.92
C MET F 138 -3.35 -11.22 13.35
N ALA F 139 -2.74 -12.34 13.75
CA ALA F 139 -1.49 -12.79 13.16
C ALA F 139 -1.71 -13.19 11.70
N ALA F 140 -2.88 -13.73 11.41
CA ALA F 140 -3.26 -14.09 10.05
C ALA F 140 -3.70 -12.86 9.23
N GLN F 141 -4.19 -11.84 9.92
CA GLN F 141 -4.55 -10.57 9.30
C GLN F 141 -3.31 -9.81 8.81
N THR F 142 -2.20 -9.97 9.53
CA THR F 142 -0.90 -9.43 9.14
C THR F 142 -0.36 -10.15 7.90
N THR F 143 -0.63 -11.46 7.81
CA THR F 143 -0.26 -12.27 6.65
C THR F 143 -1.09 -11.90 5.42
N LYS F 144 -2.39 -11.68 5.63
CA LYS F 144 -3.30 -11.28 4.56
C LYS F 144 -2.85 -9.99 3.90
N HIS F 145 -2.52 -8.99 4.73
CA HIS F 145 -2.08 -7.67 4.28
C HIS F 145 -0.77 -7.69 3.49
N LYS F 146 0.14 -8.58 3.88
CA LYS F 146 1.36 -8.83 3.11
C LYS F 146 1.02 -9.35 1.71
N TRP F 147 0.07 -10.27 1.67
CA TRP F 147 -0.34 -10.97 0.46
C TRP F 147 -1.15 -10.11 -0.50
N GLU F 148 -1.97 -9.23 0.06
CA GLU F 148 -2.79 -8.29 -0.73
C GLU F 148 -1.92 -7.24 -1.44
N ALA F 149 -0.83 -6.83 -0.79
CA ALA F 149 0.14 -5.89 -1.37
C ALA F 149 0.93 -6.50 -2.53
N ALA F 150 1.10 -7.82 -2.51
CA ALA F 150 1.82 -8.53 -3.59
C ALA F 150 0.89 -9.22 -4.58
N HIS F 151 -0.42 -8.98 -4.46
CA HIS F 151 -1.44 -9.54 -5.35
C HIS F 151 -1.36 -11.08 -5.43
N VAL F 152 -1.22 -11.72 -4.28
CA VAL F 152 -1.03 -13.17 -4.18
C VAL F 152 -2.23 -13.95 -4.72
N ALA F 153 -3.43 -13.53 -4.35
CA ALA F 153 -4.67 -14.16 -4.82
C ALA F 153 -4.74 -14.21 -6.34
N GLU F 154 -4.44 -13.07 -6.98
CA GLU F 154 -4.48 -12.96 -8.44
C GLU F 154 -3.50 -13.91 -9.12
N GLN F 155 -2.27 -13.94 -8.63
CA GLN F 155 -1.24 -14.84 -9.15
C GLN F 155 -1.57 -16.30 -8.89
N LEU F 156 -2.26 -16.56 -7.78
CA LEU F 156 -2.67 -17.90 -7.40
C LEU F 156 -3.79 -18.46 -8.29
N ARG F 157 -4.70 -17.59 -8.72
CA ARG F 157 -5.74 -17.96 -9.70
C ARG F 157 -5.16 -18.39 -11.03
N ALA F 158 -4.03 -17.78 -11.42
CA ALA F 158 -3.34 -18.18 -12.64
C ALA F 158 -2.86 -19.62 -12.54
N TYR F 159 -2.37 -19.99 -11.36
CA TYR F 159 -1.94 -21.36 -11.10
C TYR F 159 -3.14 -22.31 -11.03
N LEU F 160 -4.05 -22.04 -10.09
CA LEU F 160 -5.16 -22.95 -9.78
C LEU F 160 -6.13 -23.17 -10.94
N GLU F 161 -6.32 -22.16 -11.77
CA GLU F 161 -7.21 -22.26 -12.94
C GLU F 161 -6.47 -22.59 -14.23
N GLY F 162 -5.15 -22.46 -14.20
CA GLY F 162 -4.33 -22.66 -15.40
C GLY F 162 -3.35 -23.81 -15.28
N ALA F 163 -2.20 -23.54 -14.67
CA ALA F 163 -1.12 -24.52 -14.53
C ALA F 163 -1.53 -25.76 -13.74
N CYS F 164 -2.26 -25.56 -12.65
CA CYS F 164 -2.72 -26.68 -11.82
C CYS F 164 -3.61 -27.62 -12.64
N VAL F 165 -4.57 -27.03 -13.36
CA VAL F 165 -5.53 -27.80 -14.15
C VAL F 165 -4.88 -28.53 -15.32
N GLU F 166 -3.95 -27.86 -16.01
CA GLU F 166 -3.30 -28.41 -17.21
C GLU F 166 -2.36 -29.58 -16.90
N TRP F 167 -1.61 -29.48 -15.80
CA TRP F 167 -0.74 -30.58 -15.36
C TRP F 167 -1.55 -31.78 -14.86
N LEU F 168 -2.68 -31.51 -14.19
CA LEU F 168 -3.61 -32.56 -13.77
C LEU F 168 -4.11 -33.37 -14.96
N ARG F 169 -4.56 -32.69 -16.01
CA ARG F 169 -5.00 -33.34 -17.24
C ARG F 169 -3.90 -34.18 -17.88
N ARG F 170 -2.67 -33.66 -17.85
CA ARG F 170 -1.49 -34.35 -18.37
C ARG F 170 -1.22 -35.63 -17.58
N TYR F 171 -1.31 -35.56 -16.26
CA TYR F 171 -1.10 -36.74 -15.39
C TYR F 171 -2.17 -37.80 -15.59
N LEU F 172 -3.43 -37.36 -15.66
CA LEU F 172 -4.56 -38.26 -15.89
C LEU F 172 -4.45 -39.00 -17.22
N GLU F 173 -3.81 -38.37 -18.21
CA GLU F 173 -3.58 -38.98 -19.51
C GLU F 173 -2.39 -39.95 -19.47
N ASN F 174 -1.30 -39.50 -18.86
CA ASN F 174 -0.07 -40.30 -18.75
C ASN F 174 -0.22 -41.54 -17.88
N GLY F 175 -1.04 -41.43 -16.82
CA GLY F 175 -1.35 -42.57 -15.96
C GLY F 175 -2.79 -43.03 -16.11
N LYS F 176 -3.23 -43.13 -17.37
CA LYS F 176 -4.61 -43.46 -17.72
C LYS F 176 -5.07 -44.82 -17.16
N GLU F 177 -4.17 -45.79 -17.19
CA GLU F 177 -4.45 -47.14 -16.69
C GLU F 177 -4.80 -47.14 -15.21
N THR F 178 -4.03 -46.37 -14.44
CA THR F 178 -4.17 -46.29 -12.98
C THR F 178 -5.26 -45.30 -12.56
N LEU F 179 -5.15 -44.06 -13.02
CA LEU F 179 -5.95 -42.96 -12.49
C LEU F 179 -7.39 -42.92 -12.98
N GLN F 180 -7.65 -43.49 -14.16
CA GLN F 180 -8.98 -43.43 -14.77
C GLN F 180 -9.78 -44.73 -14.62
N ARG F 181 -9.24 -45.68 -13.85
CA ARG F 181 -9.92 -46.93 -13.57
C ARG F 181 -10.95 -46.77 -12.46
N THR F 182 -11.96 -47.63 -12.46
CA THR F 182 -12.90 -47.71 -11.34
C THR F 182 -13.05 -49.17 -10.90
N ASP F 183 -12.36 -49.51 -9.81
CA ASP F 183 -12.50 -50.83 -9.21
C ASP F 183 -13.72 -50.83 -8.29
N ALA F 184 -14.67 -51.72 -8.59
CA ALA F 184 -15.89 -51.87 -7.80
C ALA F 184 -15.59 -52.61 -6.49
N PRO F 185 -16.25 -52.20 -5.39
CA PRO F 185 -16.03 -52.86 -4.10
C PRO F 185 -16.46 -54.32 -4.07
N LYS F 186 -15.60 -55.17 -3.51
CA LYS F 186 -15.96 -56.52 -3.16
C LYS F 186 -16.65 -56.46 -1.80
N THR F 187 -17.87 -56.98 -1.73
CA THR F 187 -18.70 -56.85 -0.53
C THR F 187 -18.98 -58.19 0.15
N HIS F 188 -19.20 -58.13 1.46
CA HIS F 188 -19.72 -59.25 2.26
C HIS F 188 -20.13 -58.74 3.64
N MET F 189 -20.91 -59.56 4.35
CA MET F 189 -21.36 -59.21 5.70
C MET F 189 -20.87 -60.22 6.73
N THR F 190 -20.50 -59.73 7.91
CA THR F 190 -20.16 -60.59 9.04
C THR F 190 -21.16 -60.40 10.19
N HIS F 191 -21.31 -61.43 11.01
CA HIS F 191 -22.22 -61.40 12.15
C HIS F 191 -21.49 -61.81 13.42
N HIS F 192 -21.64 -61.00 14.46
CA HIS F 192 -21.05 -61.29 15.77
C HIS F 192 -22.05 -61.03 16.88
N ALA F 193 -22.28 -62.03 17.72
CA ALA F 193 -23.12 -61.86 18.90
C ALA F 193 -22.33 -61.15 20.00
N VAL F 194 -22.80 -59.97 20.38
CA VAL F 194 -22.12 -59.17 21.44
C VAL F 194 -22.66 -59.51 22.83
N SER F 195 -23.94 -59.86 22.89
CA SER F 195 -24.58 -60.31 24.14
C SER F 195 -25.69 -61.31 23.83
N ASP F 196 -26.41 -61.73 24.87
CA ASP F 196 -27.46 -62.74 24.73
C ASP F 196 -28.72 -62.20 24.03
N HIS F 197 -28.76 -60.88 23.81
CA HIS F 197 -29.92 -60.23 23.22
C HIS F 197 -29.57 -59.21 22.13
N GLU F 198 -28.28 -59.06 21.85
CA GLU F 198 -27.79 -58.13 20.83
C GLU F 198 -26.70 -58.73 19.94
N ALA F 199 -26.64 -58.26 18.70
CA ALA F 199 -25.67 -58.75 17.70
C ALA F 199 -25.15 -57.62 16.81
N THR F 200 -23.90 -57.76 16.36
CA THR F 200 -23.29 -56.77 15.47
C THR F 200 -23.22 -57.26 14.04
N LEU F 201 -23.82 -56.47 13.14
CA LEU F 201 -23.74 -56.71 11.70
C LEU F 201 -22.70 -55.78 11.09
N ARG F 202 -21.72 -56.35 10.39
CA ARG F 202 -20.67 -55.55 9.75
C ARG F 202 -20.68 -55.72 8.24
N CYS F 203 -20.82 -54.60 7.54
CA CYS F 203 -20.90 -54.57 6.10
C CYS F 203 -19.57 -54.09 5.52
N TRP F 204 -18.91 -54.95 4.75
CA TRP F 204 -17.57 -54.69 4.23
C TRP F 204 -17.55 -54.23 2.77
N ALA F 205 -16.65 -53.29 2.48
CA ALA F 205 -16.33 -52.90 1.11
C ALA F 205 -14.81 -52.97 0.93
N LEU F 206 -14.38 -53.81 -0.01
CA LEU F 206 -12.96 -54.09 -0.20
C LEU F 206 -12.52 -53.99 -1.66
N SER F 207 -11.24 -53.68 -1.86
CA SER F 207 -10.62 -53.68 -3.18
C SER F 207 -11.29 -52.71 -4.17
N PHE F 208 -11.70 -51.55 -3.68
CA PHE F 208 -12.32 -50.53 -4.53
C PHE F 208 -11.42 -49.32 -4.81
N TYR F 209 -11.63 -48.71 -5.97
CA TYR F 209 -10.99 -47.45 -6.36
C TYR F 209 -11.96 -46.64 -7.21
N PRO F 210 -12.05 -45.30 -6.98
CA PRO F 210 -11.35 -44.49 -5.96
C PRO F 210 -11.91 -44.65 -4.54
N ALA F 211 -11.36 -43.87 -3.60
CA ALA F 211 -11.72 -43.98 -2.18
C ALA F 211 -13.14 -43.53 -1.83
N GLU F 212 -13.76 -42.74 -2.71
CA GLU F 212 -15.12 -42.24 -2.49
C GLU F 212 -16.16 -43.37 -2.48
N ILE F 213 -16.82 -43.51 -1.33
CA ILE F 213 -17.81 -44.58 -1.12
C ILE F 213 -18.79 -44.20 0.00
N THR F 214 -20.06 -44.58 -0.17
CA THR F 214 -21.07 -44.36 0.85
C THR F 214 -21.67 -45.68 1.32
N LEU F 215 -21.47 -45.99 2.60
CA LEU F 215 -22.07 -47.16 3.22
C LEU F 215 -23.13 -46.71 4.23
N THR F 216 -24.38 -47.12 4.00
CA THR F 216 -25.49 -46.73 4.86
C THR F 216 -26.32 -47.93 5.30
N TRP F 217 -26.63 -47.97 6.59
CA TRP F 217 -27.51 -48.99 7.14
C TRP F 217 -28.97 -48.53 7.14
N GLN F 218 -29.87 -49.46 6.89
CA GLN F 218 -31.30 -49.19 6.94
C GLN F 218 -32.03 -50.25 7.75
N ARG F 219 -33.01 -49.83 8.54
CA ARG F 219 -33.96 -50.74 9.20
C ARG F 219 -35.35 -50.51 8.63
N ASP F 220 -35.88 -51.53 7.97
CA ASP F 220 -37.19 -51.46 7.29
C ASP F 220 -37.25 -50.36 6.23
N GLY F 221 -36.13 -50.13 5.55
CA GLY F 221 -36.02 -49.09 4.53
C GLY F 221 -35.94 -47.68 5.08
N GLU F 222 -35.57 -47.55 6.35
CA GLU F 222 -35.39 -46.25 6.98
C GLU F 222 -33.94 -46.09 7.39
N ASP F 223 -33.34 -44.96 7.00
CA ASP F 223 -31.94 -44.68 7.29
C ASP F 223 -31.66 -44.66 8.79
N GLN F 224 -30.70 -45.48 9.20
CA GLN F 224 -30.31 -45.59 10.60
C GLN F 224 -28.91 -45.04 10.80
N THR F 225 -28.77 -44.13 11.76
CA THR F 225 -27.47 -43.62 12.17
C THR F 225 -27.24 -43.98 13.63
N GLN F 226 -28.35 -44.09 14.36
CA GLN F 226 -28.36 -44.26 15.83
C GLN F 226 -27.32 -45.22 16.39
N ASP F 227 -27.28 -46.44 15.85
CA ASP F 227 -26.36 -47.47 16.36
C ASP F 227 -25.29 -47.86 15.35
N THR F 228 -24.94 -46.92 14.46
CA THR F 228 -23.96 -47.18 13.41
C THR F 228 -22.54 -46.77 13.80
N GLU F 229 -21.59 -47.64 13.52
CA GLU F 229 -20.17 -47.34 13.63
C GLU F 229 -19.57 -47.35 12.22
N LEU F 230 -18.76 -46.35 11.92
CA LEU F 230 -18.20 -46.18 10.59
C LEU F 230 -16.72 -45.82 10.67
N VAL F 231 -15.86 -46.75 10.24
CA VAL F 231 -14.42 -46.47 10.19
C VAL F 231 -14.07 -45.53 9.05
N GLU F 232 -12.97 -44.80 9.23
CA GLU F 232 -12.38 -44.03 8.16
C GLU F 232 -11.91 -44.99 7.07
N THR F 233 -12.13 -44.60 5.82
CA THR F 233 -11.63 -45.35 4.68
C THR F 233 -10.12 -45.49 4.80
N ARG F 234 -9.64 -46.72 4.64
CA ARG F 234 -8.23 -47.04 4.82
C ARG F 234 -7.62 -47.58 3.54
N PRO F 235 -6.32 -47.31 3.31
CA PRO F 235 -5.65 -47.90 2.15
C PRO F 235 -5.27 -49.35 2.40
N ALA F 236 -5.49 -50.20 1.40
CA ALA F 236 -5.10 -51.61 1.49
C ALA F 236 -3.58 -51.77 1.33
N GLY F 237 -2.97 -50.87 0.58
CA GLY F 237 -1.53 -50.91 0.34
C GLY F 237 -1.18 -51.19 -1.12
N ASP F 238 -2.18 -51.58 -1.91
CA ASP F 238 -1.98 -51.94 -3.31
C ASP F 238 -2.73 -51.02 -4.29
N GLY F 239 -3.04 -49.80 -3.84
CA GLY F 239 -3.73 -48.82 -4.68
C GLY F 239 -5.25 -48.87 -4.57
N THR F 240 -5.77 -49.80 -3.78
CA THR F 240 -7.20 -49.89 -3.53
C THR F 240 -7.50 -49.53 -2.07
N PHE F 241 -8.79 -49.38 -1.77
CA PHE F 241 -9.21 -48.95 -0.44
C PHE F 241 -10.22 -49.90 0.22
N GLN F 242 -10.35 -49.77 1.53
CA GLN F 242 -11.23 -50.62 2.33
C GLN F 242 -12.06 -49.77 3.28
N LYS F 243 -13.22 -50.29 3.66
CA LYS F 243 -14.12 -49.62 4.60
C LYS F 243 -15.17 -50.62 5.09
N TRP F 244 -15.65 -50.41 6.32
CA TRP F 244 -16.80 -51.16 6.82
C TRP F 244 -17.79 -50.29 7.58
N ALA F 245 -19.05 -50.73 7.60
CA ALA F 245 -20.12 -50.08 8.37
C ALA F 245 -20.80 -51.13 9.25
N ALA F 246 -20.97 -50.80 10.53
CA ALA F 246 -21.56 -51.74 11.48
C ALA F 246 -22.75 -51.17 12.25
N VAL F 247 -23.72 -52.04 12.54
CA VAL F 247 -24.89 -51.67 13.33
C VAL F 247 -25.15 -52.72 14.41
N VAL F 248 -25.46 -52.25 15.62
CA VAL F 248 -25.80 -53.14 16.72
C VAL F 248 -27.30 -53.42 16.68
N VAL F 249 -27.62 -54.69 16.50
CA VAL F 249 -28.96 -55.17 16.20
C VAL F 249 -29.49 -56.07 17.31
N PRO F 250 -30.80 -55.98 17.64
CA PRO F 250 -31.40 -56.95 18.55
C PRO F 250 -31.42 -58.36 17.95
N SER F 251 -31.01 -59.36 18.74
CA SER F 251 -30.97 -60.75 18.31
C SER F 251 -32.33 -61.22 17.76
N GLY F 252 -32.30 -61.80 16.57
CA GLY F 252 -33.51 -62.29 15.92
C GLY F 252 -34.07 -61.33 14.89
N GLN F 253 -33.59 -60.09 14.91
CA GLN F 253 -34.04 -59.05 13.98
C GLN F 253 -33.00 -58.69 12.93
N GLU F 254 -32.05 -59.60 12.70
CA GLU F 254 -30.96 -59.40 11.73
C GLU F 254 -31.45 -59.00 10.33
N GLN F 255 -32.47 -59.71 9.84
CA GLN F 255 -32.92 -59.58 8.45
C GLN F 255 -33.78 -58.34 8.16
N ARG F 256 -34.13 -57.60 9.20
CA ARG F 256 -34.85 -56.33 9.05
C ARG F 256 -33.92 -55.18 8.66
N TYR F 257 -32.62 -55.46 8.67
CA TYR F 257 -31.59 -54.47 8.36
C TYR F 257 -30.94 -54.73 7.01
N THR F 258 -30.66 -53.65 6.27
CA THR F 258 -29.99 -53.73 4.98
C THR F 258 -28.86 -52.73 4.87
N CYS F 259 -27.75 -53.17 4.28
CA CYS F 259 -26.61 -52.29 4.01
C CYS F 259 -26.62 -51.87 2.55
N HIS F 260 -26.41 -50.57 2.32
CA HIS F 260 -26.44 -50.04 0.97
C HIS F 260 -25.08 -49.47 0.56
N VAL F 261 -24.56 -49.97 -0.56
CA VAL F 261 -23.24 -49.60 -1.05
C VAL F 261 -23.35 -48.74 -2.31
N GLN F 262 -22.87 -47.51 -2.21
CA GLN F 262 -22.80 -46.61 -3.36
C GLN F 262 -21.36 -46.36 -3.76
N HIS F 263 -21.06 -46.61 -5.03
CA HIS F 263 -19.71 -46.45 -5.57
C HIS F 263 -19.74 -46.21 -7.08
N GLU F 264 -18.80 -45.41 -7.59
CA GLU F 264 -18.73 -45.06 -9.01
C GLU F 264 -18.53 -46.28 -9.92
N GLY F 265 -17.84 -47.30 -9.41
CA GLY F 265 -17.60 -48.54 -10.13
C GLY F 265 -18.80 -49.48 -10.17
N LEU F 266 -19.83 -49.13 -9.39
CA LEU F 266 -21.08 -49.88 -9.35
C LEU F 266 -22.11 -49.29 -10.31
N PRO F 267 -22.65 -50.11 -11.23
CA PRO F 267 -23.70 -49.67 -12.15
C PRO F 267 -25.00 -49.36 -11.41
N LYS F 268 -25.28 -50.13 -10.36
CA LYS F 268 -26.44 -49.92 -9.50
C LYS F 268 -26.03 -50.12 -8.05
N PRO F 269 -26.60 -49.30 -7.13
CA PRO F 269 -26.30 -49.45 -5.70
C PRO F 269 -26.62 -50.85 -5.19
N LEU F 270 -25.72 -51.41 -4.40
CA LEU F 270 -25.90 -52.74 -3.84
C LEU F 270 -26.72 -52.69 -2.56
N THR F 271 -27.61 -53.66 -2.40
CA THR F 271 -28.31 -53.87 -1.14
C THR F 271 -27.90 -55.23 -0.58
N LEU F 272 -27.42 -55.21 0.66
CA LEU F 272 -26.96 -56.43 1.33
C LEU F 272 -27.80 -56.73 2.56
N ARG F 273 -28.22 -57.98 2.67
CA ARG F 273 -29.00 -58.45 3.82
C ARG F 273 -28.33 -59.70 4.41
N TRP F 274 -28.41 -59.83 5.74
CA TRP F 274 -27.82 -60.98 6.43
C TRP F 274 -28.56 -62.29 6.13
N GLU F 275 -27.79 -63.36 5.91
CA GLU F 275 -28.34 -64.69 5.65
C GLU F 275 -27.84 -65.69 6.68
N MET G 1 -2.10 -24.94 19.80
CA MET G 1 -1.62 -26.05 20.68
C MET G 1 -2.72 -27.13 20.84
N ILE G 2 -3.18 -27.65 19.71
CA ILE G 2 -4.15 -28.73 19.68
C ILE G 2 -3.45 -30.09 19.75
N GLN G 3 -3.91 -30.94 20.68
CA GLN G 3 -3.44 -32.32 20.77
C GLN G 3 -4.57 -33.29 20.43
N ARG G 4 -4.30 -34.19 19.51
CA ARG G 4 -5.27 -35.20 19.09
C ARG G 4 -4.66 -36.59 19.13
N THR G 5 -5.35 -37.52 19.78
CA THR G 5 -4.87 -38.90 19.91
C THR G 5 -5.13 -39.71 18.63
N PRO G 6 -4.14 -40.53 18.23
CA PRO G 6 -4.26 -41.37 17.02
C PRO G 6 -5.35 -42.45 17.08
N LYS G 7 -6.11 -42.57 16.00
CA LYS G 7 -7.00 -43.69 15.77
C LYS G 7 -6.17 -44.79 15.10
N ILE G 8 -6.33 -46.03 15.55
CA ILE G 8 -5.47 -47.13 15.09
C ILE G 8 -6.32 -48.22 14.42
N GLN G 9 -5.86 -48.68 13.27
CA GLN G 9 -6.50 -49.79 12.56
C GLN G 9 -5.42 -50.77 12.10
N VAL G 10 -5.57 -52.03 12.50
CA VAL G 10 -4.64 -53.08 12.11
C VAL G 10 -5.39 -54.14 11.28
N TYR G 11 -4.87 -54.41 10.09
CA TYR G 11 -5.58 -55.21 9.09
C TYR G 11 -4.64 -55.73 8.02
N SER G 12 -5.09 -56.71 7.26
CA SER G 12 -4.30 -57.26 6.16
C SER G 12 -4.74 -56.66 4.83
N ARG G 13 -3.80 -56.53 3.90
CA ARG G 13 -4.07 -56.04 2.54
C ARG G 13 -5.15 -56.88 1.86
N HIS G 14 -4.96 -58.20 1.91
CA HIS G 14 -5.89 -59.15 1.32
C HIS G 14 -6.51 -60.03 2.42
N PRO G 15 -7.71 -60.59 2.18
CA PRO G 15 -8.30 -61.52 3.15
C PRO G 15 -7.31 -62.61 3.53
N ALA G 16 -7.11 -62.79 4.84
CA ALA G 16 -6.06 -63.65 5.36
C ALA G 16 -6.36 -65.14 5.21
N GLU G 17 -5.46 -65.84 4.53
CA GLU G 17 -5.51 -67.28 4.41
C GLU G 17 -4.20 -67.86 4.95
N ASN G 18 -4.32 -68.82 5.87
CA ASN G 18 -3.15 -69.41 6.51
C ASN G 18 -2.16 -70.05 5.54
N GLY G 19 -0.89 -69.64 5.64
CA GLY G 19 0.17 -70.17 4.80
C GLY G 19 0.33 -69.46 3.48
N LYS G 20 -0.41 -68.36 3.30
CA LYS G 20 -0.35 -67.56 2.07
C LYS G 20 0.23 -66.19 2.39
N SER G 21 1.21 -65.76 1.61
CA SER G 21 1.85 -64.45 1.77
C SER G 21 0.85 -63.30 1.70
N ASN G 22 1.08 -62.28 2.53
CA ASN G 22 0.16 -61.16 2.67
C ASN G 22 0.91 -59.93 3.18
N PHE G 23 0.17 -58.86 3.47
CA PHE G 23 0.73 -57.65 4.05
C PHE G 23 -0.06 -57.24 5.28
N LEU G 24 0.66 -57.01 6.38
CA LEU G 24 0.05 -56.54 7.61
C LEU G 24 0.16 -55.02 7.67
N ASN G 25 -0.99 -54.36 7.77
CA ASN G 25 -1.04 -52.91 7.81
C ASN G 25 -1.38 -52.40 9.21
N CYS G 26 -0.77 -51.28 9.59
CA CYS G 26 -1.24 -50.51 10.72
C CYS G 26 -1.46 -49.07 10.28
N TYR G 27 -2.73 -48.66 10.28
CA TYR G 27 -3.13 -47.35 9.84
C TYR G 27 -3.41 -46.44 11.02
N VAL G 28 -2.53 -45.47 11.22
CA VAL G 28 -2.74 -44.44 12.22
C VAL G 28 -3.23 -43.15 11.55
N SER G 29 -4.30 -42.57 12.10
CA SER G 29 -4.90 -41.36 11.57
C SER G 29 -5.51 -40.48 12.67
N GLY G 30 -5.80 -39.23 12.31
CA GLY G 30 -6.50 -38.31 13.22
C GLY G 30 -5.68 -37.73 14.35
N PHE G 31 -4.34 -37.80 14.24
CA PHE G 31 -3.47 -37.34 15.32
C PHE G 31 -2.77 -36.00 15.06
N HIS G 32 -2.40 -35.33 16.16
CA HIS G 32 -1.62 -34.11 16.12
C HIS G 32 -0.93 -33.96 17.47
N PRO G 33 0.40 -33.70 17.48
CA PRO G 33 1.30 -33.46 16.33
C PRO G 33 1.71 -34.74 15.61
N SER G 34 2.53 -34.59 14.57
CA SER G 34 2.93 -35.71 13.70
C SER G 34 3.94 -36.67 14.32
N ASP G 35 4.55 -36.26 15.44
CA ASP G 35 5.49 -37.12 16.16
C ASP G 35 4.76 -38.37 16.68
N ILE G 36 5.10 -39.51 16.10
CA ILE G 36 4.45 -40.78 16.45
C ILE G 36 5.44 -41.96 16.43
N GLU G 37 5.20 -42.92 17.31
CA GLU G 37 6.02 -44.14 17.35
C GLU G 37 5.11 -45.33 17.12
N VAL G 38 5.25 -45.96 15.97
CA VAL G 38 4.40 -47.08 15.57
C VAL G 38 5.24 -48.32 15.31
N ASP G 39 4.91 -49.41 16.00
CA ASP G 39 5.57 -50.70 15.82
C ASP G 39 4.54 -51.79 15.53
N LEU G 40 4.93 -52.74 14.69
CA LEU G 40 4.12 -53.92 14.44
C LEU G 40 4.71 -55.10 15.23
N LEU G 41 3.84 -55.91 15.81
CA LEU G 41 4.27 -56.98 16.70
C LEU G 41 3.92 -58.37 16.17
N LYS G 42 4.84 -59.30 16.35
CA LYS G 42 4.58 -60.71 16.13
C LYS G 42 4.83 -61.42 17.45
N ASN G 43 3.74 -61.91 18.05
CA ASN G 43 3.76 -62.56 19.36
C ASN G 43 4.40 -61.71 20.46
N GLY G 44 4.11 -60.41 20.44
CA GLY G 44 4.64 -59.46 21.42
C GLY G 44 6.03 -58.94 21.10
N GLU G 45 6.61 -59.42 19.99
CA GLU G 45 7.96 -59.05 19.58
C GLU G 45 7.92 -58.08 18.39
N ARG G 46 8.63 -56.96 18.54
CA ARG G 46 8.73 -55.94 17.51
C ARG G 46 9.24 -56.51 16.18
N ILE G 47 8.52 -56.23 15.10
CA ILE G 47 8.92 -56.66 13.75
C ILE G 47 9.91 -55.65 13.16
N GLU G 48 10.95 -56.15 12.52
CA GLU G 48 12.07 -55.31 12.07
C GLU G 48 11.78 -54.48 10.82
N LYS G 49 11.55 -55.14 9.69
CA LYS G 49 11.52 -54.49 8.38
C LYS G 49 10.17 -53.85 8.04
N VAL G 50 9.69 -52.98 8.92
CA VAL G 50 8.41 -52.29 8.72
C VAL G 50 8.60 -50.95 8.05
N GLU G 51 7.92 -50.76 6.92
CA GLU G 51 7.99 -49.51 6.15
C GLU G 51 6.71 -48.69 6.33
N HIS G 52 6.83 -47.39 6.14
CA HIS G 52 5.68 -46.48 6.27
C HIS G 52 5.57 -45.52 5.08
N SER G 53 4.35 -45.02 4.88
CA SER G 53 4.08 -44.02 3.84
C SER G 53 4.64 -42.66 4.24
N ASP G 54 4.69 -41.74 3.28
CA ASP G 54 5.16 -40.38 3.52
C ASP G 54 4.07 -39.58 4.22
N LEU G 55 4.46 -38.81 5.23
CA LEU G 55 3.51 -38.10 6.08
C LEU G 55 2.60 -37.16 5.29
N SER G 56 1.29 -37.40 5.40
CA SER G 56 0.28 -36.53 4.83
C SER G 56 -0.75 -36.18 5.88
N PHE G 57 -1.76 -35.39 5.50
CA PHE G 57 -2.83 -35.01 6.43
C PHE G 57 -4.19 -34.86 5.75
N SER G 58 -5.25 -34.87 6.56
CA SER G 58 -6.62 -34.74 6.08
C SER G 58 -7.06 -33.29 6.14
N LYS G 59 -8.29 -33.03 5.71
CA LYS G 59 -8.85 -31.67 5.64
C LYS G 59 -8.85 -30.94 6.99
N ASP G 60 -9.15 -31.67 8.06
CA ASP G 60 -9.16 -31.10 9.41
C ASP G 60 -7.75 -30.88 9.98
N TRP G 61 -6.74 -31.11 9.14
CA TRP G 61 -5.32 -30.92 9.46
C TRP G 61 -4.67 -32.06 10.26
N SER G 62 -5.44 -33.10 10.57
CA SER G 62 -4.92 -34.24 11.34
C SER G 62 -4.14 -35.20 10.46
N PHE G 63 -3.01 -35.68 10.99
CA PHE G 63 -2.08 -36.51 10.22
C PHE G 63 -2.55 -37.96 10.07
N TYR G 64 -1.98 -38.65 9.08
CA TYR G 64 -2.20 -40.08 8.89
C TYR G 64 -0.96 -40.75 8.29
N LEU G 65 -0.74 -42.00 8.69
CA LEU G 65 0.40 -42.80 8.23
C LEU G 65 0.01 -44.26 8.09
N LEU G 66 0.54 -44.90 7.05
CA LEU G 66 0.37 -46.33 6.88
C LEU G 66 1.69 -47.02 7.12
N TYR G 67 1.70 -47.89 8.13
CA TYR G 67 2.83 -48.78 8.40
C TYR G 67 2.47 -50.17 7.89
N TYR G 68 3.41 -50.81 7.21
CA TYR G 68 3.13 -52.10 6.57
C TYR G 68 4.35 -53.01 6.50
N THR G 69 4.09 -54.31 6.56
CA THR G 69 5.14 -55.33 6.39
C THR G 69 4.57 -56.60 5.76
N GLU G 70 5.41 -57.28 4.99
CA GLU G 70 5.06 -58.56 4.39
C GLU G 70 5.09 -59.65 5.45
N PHE G 71 4.01 -60.43 5.51
CA PHE G 71 3.90 -61.51 6.48
C PHE G 71 3.09 -62.68 5.97
N THR G 72 3.25 -63.82 6.61
CA THR G 72 2.49 -65.03 6.31
C THR G 72 1.62 -65.38 7.52
N PRO G 73 0.30 -65.16 7.43
CA PRO G 73 -0.63 -65.45 8.53
C PRO G 73 -0.70 -66.94 8.83
N THR G 74 -0.70 -67.28 10.11
CA THR G 74 -0.85 -68.67 10.55
C THR G 74 -1.94 -68.76 11.62
N GLU G 75 -2.25 -69.98 12.02
CA GLU G 75 -3.25 -70.23 13.05
C GLU G 75 -2.79 -69.70 14.42
N LYS G 76 -1.56 -70.03 14.80
CA LYS G 76 -1.06 -69.81 16.17
C LYS G 76 -0.38 -68.47 16.43
N ASP G 77 0.06 -67.79 15.37
CA ASP G 77 0.77 -66.51 15.52
C ASP G 77 -0.18 -65.34 15.76
N GLU G 78 0.18 -64.51 16.73
CA GLU G 78 -0.58 -63.30 17.05
C GLU G 78 0.13 -62.06 16.54
N TYR G 79 -0.64 -61.14 15.95
CA TYR G 79 -0.11 -59.88 15.45
C TYR G 79 -0.82 -58.70 16.08
N ALA G 80 -0.08 -57.61 16.28
CA ALA G 80 -0.62 -56.41 16.91
C ALA G 80 0.12 -55.16 16.44
N CYS G 81 -0.47 -54.00 16.73
CA CYS G 81 0.15 -52.72 16.46
C CYS G 81 0.29 -51.93 17.77
N ARG G 82 1.52 -51.50 18.05
CA ARG G 82 1.83 -50.74 19.26
C ARG G 82 2.19 -49.30 18.88
N VAL G 83 1.38 -48.36 19.36
CA VAL G 83 1.53 -46.95 19.03
C VAL G 83 1.79 -46.12 20.29
N ASN G 84 2.79 -45.24 20.23
CA ASN G 84 3.01 -44.24 21.28
C ASN G 84 2.93 -42.82 20.71
N HIS G 85 2.42 -41.90 21.52
CA HIS G 85 2.13 -40.53 21.12
C HIS G 85 2.18 -39.66 22.37
N VAL G 86 2.29 -38.34 22.18
CA VAL G 86 2.35 -37.40 23.30
C VAL G 86 1.08 -37.47 24.15
N THR G 87 -0.05 -37.73 23.48
CA THR G 87 -1.36 -37.82 24.12
C THR G 87 -1.51 -39.07 25.00
N LEU G 88 -0.66 -40.08 24.78
CA LEU G 88 -0.74 -41.36 25.46
C LEU G 88 0.26 -41.49 26.63
N SER G 89 -0.26 -41.86 27.80
CA SER G 89 0.57 -42.15 28.97
C SER G 89 1.33 -43.47 28.77
N GLN G 90 0.73 -44.36 27.99
CA GLN G 90 1.28 -45.69 27.70
C GLN G 90 1.14 -46.01 26.23
N PRO G 91 2.11 -46.76 25.67
CA PRO G 91 1.98 -47.25 24.30
C PRO G 91 0.73 -48.11 24.12
N LYS G 92 -0.19 -47.63 23.27
CA LYS G 92 -1.45 -48.33 23.00
C LYS G 92 -1.23 -49.51 22.07
N ILE G 93 -1.67 -50.69 22.51
CA ILE G 93 -1.55 -51.92 21.73
C ILE G 93 -2.92 -52.30 21.15
N VAL G 94 -2.96 -52.56 19.85
CA VAL G 94 -4.19 -52.99 19.17
C VAL G 94 -3.93 -54.29 18.41
N LYS G 95 -4.63 -55.34 18.84
CA LYS G 95 -4.47 -56.68 18.26
C LYS G 95 -5.14 -56.81 16.90
N TRP G 96 -4.54 -57.59 16.02
CA TRP G 96 -5.12 -57.91 14.72
C TRP G 96 -6.25 -58.92 14.84
N ASP G 97 -7.47 -58.48 14.56
CA ASP G 97 -8.63 -59.37 14.51
C ASP G 97 -9.04 -59.54 13.04
N ARG G 98 -8.75 -60.70 12.48
CA ARG G 98 -9.02 -60.96 11.06
C ARG G 98 -10.50 -61.20 10.80
N ASP G 99 -11.18 -61.75 11.80
CA ASP G 99 -12.60 -62.13 11.68
C ASP G 99 -13.54 -61.02 12.12
N MET G 100 -13.12 -59.77 11.97
CA MET G 100 -13.96 -58.63 12.35
C MET G 100 -15.12 -58.44 11.37
N ALA H 1 2.40 -30.40 -11.16
CA ALA H 1 3.52 -29.43 -10.96
C ALA H 1 3.23 -28.43 -9.85
N LEU H 2 4.27 -28.11 -9.08
CA LEU H 2 4.18 -27.15 -7.99
C LEU H 2 4.09 -25.71 -8.48
N TRP H 3 3.54 -24.84 -7.63
CA TRP H 3 3.53 -23.39 -7.87
C TRP H 3 4.96 -22.84 -7.81
N GLY H 4 5.24 -21.87 -8.66
CA GLY H 4 6.58 -21.25 -8.73
C GLY H 4 6.68 -19.89 -8.05
N PHE H 5 5.60 -19.47 -7.40
CA PHE H 5 5.60 -18.26 -6.59
C PHE H 5 5.53 -18.67 -5.13
N PHE H 6 6.39 -18.07 -4.30
CA PHE H 6 6.59 -18.55 -2.93
C PHE H 6 6.28 -17.47 -1.89
N PRO H 7 4.98 -17.31 -1.55
CA PRO H 7 4.57 -16.29 -0.57
C PRO H 7 4.90 -16.70 0.87
N VAL H 8 5.20 -15.70 1.70
CA VAL H 8 5.58 -15.92 3.09
C VAL H 8 4.45 -15.48 4.04
N LEU H 9 4.45 -16.03 5.25
CA LEU H 9 3.46 -15.66 6.26
C LEU H 9 3.90 -14.43 7.05
N MET I 1 7.12 -20.58 -26.39
CA MET I 1 6.41 -19.40 -25.79
C MET I 1 7.22 -18.73 -24.68
N ASP I 2 6.51 -17.94 -23.88
CA ASP I 2 7.07 -17.19 -22.75
C ASP I 2 8.23 -16.26 -23.15
N SER I 3 7.88 -15.25 -23.94
CA SER I 3 8.86 -14.29 -24.46
C SER I 3 8.29 -12.88 -24.49
N VAL I 4 9.18 -11.89 -24.66
CA VAL I 4 8.81 -10.48 -24.77
C VAL I 4 9.39 -9.89 -26.05
N THR I 5 8.58 -9.08 -26.75
CA THR I 5 9.04 -8.33 -27.92
C THR I 5 8.75 -6.84 -27.73
N GLN I 6 9.81 -6.03 -27.83
CA GLN I 6 9.71 -4.58 -27.70
C GLN I 6 10.03 -3.85 -29.02
N THR I 7 9.80 -2.54 -29.02
CA THR I 7 10.14 -1.67 -30.14
C THR I 7 11.65 -1.70 -30.39
N GLU I 8 12.02 -1.89 -31.65
CA GLU I 8 13.41 -2.11 -32.04
C GLU I 8 14.24 -0.83 -32.04
N GLY I 9 15.28 -0.81 -31.20
CA GLY I 9 16.29 0.24 -31.23
C GLY I 9 15.98 1.51 -30.48
N LEU I 10 16.12 2.64 -31.18
CA LEU I 10 16.03 3.97 -30.59
C LEU I 10 14.82 4.76 -31.10
N VAL I 11 14.00 5.22 -30.16
CA VAL I 11 12.84 6.04 -30.45
C VAL I 11 13.18 7.50 -30.15
N THR I 12 13.15 8.33 -31.19
CA THR I 12 13.44 9.75 -31.06
C THR I 12 12.14 10.53 -31.08
N LEU I 13 11.98 11.40 -30.09
CA LEU I 13 10.71 12.06 -29.83
C LEU I 13 10.94 13.50 -29.35
N THR I 14 10.18 14.43 -29.92
CA THR I 14 10.23 15.82 -29.51
C THR I 14 9.51 16.00 -28.17
N GLU I 15 10.07 16.83 -27.30
CA GLU I 15 9.47 17.16 -26.02
C GLU I 15 8.07 17.76 -26.20
N GLY I 16 7.13 17.30 -25.38
CA GLY I 16 5.74 17.75 -25.45
C GLY I 16 4.82 16.76 -26.15
N LEU I 17 5.42 15.85 -26.91
CA LEU I 17 4.66 14.86 -27.68
C LEU I 17 4.46 13.55 -26.90
N PRO I 18 3.41 12.78 -27.23
CA PRO I 18 3.11 11.55 -26.50
C PRO I 18 4.14 10.43 -26.70
N VAL I 19 4.43 9.69 -25.62
CA VAL I 19 5.29 8.53 -25.65
C VAL I 19 4.45 7.29 -25.95
N MET I 20 4.97 6.42 -26.80
CA MET I 20 4.30 5.17 -27.14
C MET I 20 5.34 4.10 -27.47
N LEU I 21 5.71 3.30 -26.46
CA LEU I 21 6.71 2.24 -26.62
C LEU I 21 6.02 0.89 -26.57
N ASN I 22 6.18 0.11 -27.64
CA ASN I 22 5.46 -1.16 -27.78
C ASN I 22 6.05 -2.32 -27.01
N CYS I 23 5.17 -3.15 -26.48
CA CYS I 23 5.53 -4.41 -25.87
C CYS I 23 4.44 -5.44 -26.13
N THR I 24 4.81 -6.53 -26.79
CA THR I 24 3.92 -7.69 -26.93
C THR I 24 4.61 -8.94 -26.39
N TYR I 25 3.80 -9.95 -26.03
CA TYR I 25 4.31 -11.13 -25.37
C TYR I 25 3.60 -12.40 -25.81
N GLN I 26 4.14 -13.54 -25.37
CA GLN I 26 3.50 -14.83 -25.50
C GLN I 26 3.57 -15.48 -24.13
N SER I 27 2.41 -15.72 -23.53
CA SER I 27 2.33 -16.28 -22.19
C SER I 27 1.43 -17.52 -22.20
N THR I 28 1.96 -18.62 -21.66
CA THR I 28 1.18 -19.86 -21.52
C THR I 28 0.01 -19.66 -20.54
N TYR I 29 0.30 -19.02 -19.42
CA TYR I 29 -0.71 -18.81 -18.38
C TYR I 29 -0.99 -17.32 -18.19
N SER I 30 -1.98 -17.00 -17.35
CA SER I 30 -2.40 -15.62 -17.11
C SER I 30 -1.19 -14.71 -16.88
N PRO I 31 -1.08 -13.62 -17.67
CA PRO I 31 0.12 -12.81 -17.73
C PRO I 31 0.25 -11.71 -16.68
N PHE I 32 1.48 -11.50 -16.21
CA PHE I 32 1.82 -10.40 -15.34
C PHE I 32 3.06 -9.71 -15.87
N LEU I 33 2.91 -8.46 -16.30
CA LEU I 33 3.99 -7.73 -16.96
C LEU I 33 4.44 -6.46 -16.22
N PHE I 34 5.69 -6.08 -16.48
CA PHE I 34 6.29 -4.95 -15.78
C PHE I 34 7.15 -4.13 -16.73
N TRP I 35 7.22 -2.84 -16.45
CA TRP I 35 8.14 -1.94 -17.13
C TRP I 35 9.24 -1.52 -16.18
N TYR I 36 10.48 -1.67 -16.64
CA TYR I 36 11.66 -1.24 -15.91
C TYR I 36 12.34 -0.12 -16.69
N VAL I 37 12.91 0.84 -15.96
CA VAL I 37 13.57 1.97 -16.57
C VAL I 37 15.02 2.06 -16.11
N GLN I 38 15.92 2.30 -17.05
CA GLN I 38 17.32 2.60 -16.74
C GLN I 38 17.79 3.91 -17.37
N HIS I 39 18.09 4.89 -16.52
CA HIS I 39 18.70 6.14 -16.93
C HIS I 39 20.21 5.97 -17.08
N LEU I 40 20.86 6.96 -17.70
CA LEU I 40 22.31 6.96 -17.87
C LEU I 40 23.01 7.20 -16.53
N ASN I 41 24.11 6.45 -16.31
CA ASN I 41 24.87 6.46 -15.04
C ASN I 41 24.08 5.85 -13.88
N GLU I 42 23.12 4.98 -14.20
CA GLU I 42 22.16 4.49 -13.21
C GLU I 42 21.79 3.01 -13.33
N ALA I 43 21.22 2.47 -12.26
CA ALA I 43 20.73 1.10 -12.20
C ALA I 43 19.29 1.03 -12.70
N PRO I 44 18.90 -0.09 -13.35
CA PRO I 44 17.50 -0.31 -13.69
C PRO I 44 16.63 -0.37 -12.44
N LYS I 45 15.43 0.19 -12.53
CA LYS I 45 14.46 0.16 -11.44
C LYS I 45 13.05 -0.10 -11.97
N LEU I 46 12.17 -0.61 -11.11
CA LEU I 46 10.78 -0.84 -11.46
C LEU I 46 10.06 0.49 -11.72
N LEU I 47 9.35 0.56 -12.85
CA LEU I 47 8.57 1.74 -13.19
C LEU I 47 7.10 1.52 -12.86
N LEU I 48 6.50 0.48 -13.44
CA LEU I 48 5.10 0.16 -13.20
C LEU I 48 4.75 -1.33 -13.34
N LYS I 49 3.56 -1.70 -12.86
CA LYS I 49 3.08 -3.08 -12.88
C LYS I 49 1.79 -3.19 -13.71
N SER I 50 1.48 -4.40 -14.17
CA SER I 50 0.25 -4.65 -14.92
C SER I 50 -0.99 -4.86 -14.02
N PHE I 51 -0.77 -4.96 -12.71
CA PHE I 51 -1.83 -5.22 -11.75
C PHE I 51 -2.93 -4.15 -11.74
N THR I 52 -4.02 -4.47 -11.05
CA THR I 52 -5.20 -3.60 -10.90
C THR I 52 -4.84 -2.17 -10.49
N ASP I 53 -7.26 -4.63 -11.24
CA ASP I 53 -8.34 -5.19 -12.08
C ASP I 53 -8.11 -5.26 -13.59
N ASN I 54 -8.84 -4.41 -14.31
CA ASN I 54 -9.19 -4.65 -15.69
C ASN I 54 -8.40 -3.87 -16.77
N LYS I 55 -7.09 -3.66 -16.58
CA LYS I 55 -6.23 -3.09 -17.67
C LYS I 55 -5.18 -2.05 -17.24
N ARG I 56 -5.68 -0.89 -16.77
CA ARG I 56 -4.92 0.37 -16.67
C ARG I 56 -3.59 0.41 -15.92
N PRO I 57 -3.20 1.66 -15.73
CA PRO I 57 -2.12 2.30 -15.20
C PRO I 57 -2.68 3.29 -14.31
N GLU I 58 -2.76 4.38 -15.01
CA GLU I 58 -3.32 5.40 -14.27
C GLU I 58 -2.84 6.95 -14.22
N HIS I 59 -1.74 7.69 -14.68
CA HIS I 59 -1.69 9.17 -14.23
C HIS I 59 -1.66 10.46 -15.08
N GLN I 60 -0.49 11.07 -14.75
CA GLN I 60 0.36 12.21 -15.06
C GLN I 60 1.66 11.57 -15.66
N GLY I 61 2.11 10.67 -15.11
CA GLY I 61 3.32 10.37 -15.88
C GLY I 61 3.14 9.17 -16.78
N PHE I 62 4.02 8.19 -16.60
CA PHE I 62 3.97 6.95 -17.39
C PHE I 62 2.85 6.02 -16.94
N HIS I 63 2.11 5.51 -17.92
CA HIS I 63 1.08 4.51 -17.67
C HIS I 63 1.08 3.44 -18.76
N ALA I 64 0.55 2.27 -18.43
CA ALA I 64 0.45 1.16 -19.36
C ALA I 64 -0.78 0.32 -19.07
N THR I 65 -1.53 0.01 -20.13
CA THR I 65 -2.75 -0.79 -20.01
C THR I 65 -2.55 -2.15 -20.67
N LEU I 66 -2.84 -3.21 -19.91
CA LEU I 66 -2.72 -4.57 -20.41
C LEU I 66 -3.94 -4.98 -21.24
N HIS I 67 -3.68 -5.34 -22.50
CA HIS I 67 -4.70 -5.91 -23.37
C HIS I 67 -4.34 -7.35 -23.65
N LYS I 68 -5.01 -8.25 -22.93
CA LYS I 68 -4.72 -9.67 -22.99
C LYS I 68 -5.09 -10.32 -24.32
N SER I 69 -6.15 -9.81 -24.95
CA SER I 69 -6.62 -10.32 -26.25
C SER I 69 -5.55 -10.25 -27.35
N SER I 70 -4.84 -9.13 -27.42
CA SER I 70 -3.77 -8.96 -28.42
C SER I 70 -2.38 -9.09 -27.80
N SER I 71 -2.35 -9.40 -26.51
CA SER I 71 -1.11 -9.54 -25.72
C SER I 71 -0.24 -8.28 -25.77
N SER I 72 -0.81 -7.17 -25.34
CA SER I 72 -0.15 -5.87 -25.41
C SER I 72 0.04 -5.26 -24.04
N PHE I 73 1.17 -4.57 -23.85
CA PHE I 73 1.44 -3.81 -22.64
C PHE I 73 2.35 -2.62 -22.97
N HIS I 74 1.83 -1.75 -23.82
CA HIS I 74 2.59 -0.62 -24.34
C HIS I 74 2.75 0.50 -23.31
N LEU I 75 3.93 1.10 -23.27
CA LEU I 75 4.20 2.20 -22.33
C LEU I 75 3.76 3.52 -22.93
N GLN I 76 2.99 4.28 -22.15
CA GLN I 76 2.41 5.53 -22.62
C GLN I 76 2.68 6.69 -21.67
N LYS I 77 2.60 7.90 -22.22
CA LYS I 77 2.78 9.16 -21.49
C LYS I 77 2.21 10.27 -22.39
N SER I 78 1.44 11.18 -21.78
CA SER I 78 0.80 12.27 -22.52
C SER I 78 1.77 13.28 -23.13
N SER I 79 2.77 13.70 -22.36
CA SER I 79 3.72 14.73 -22.77
C SER I 79 5.13 14.38 -22.36
N ALA I 80 5.98 14.08 -23.34
CA ALA I 80 7.36 13.68 -23.10
C ALA I 80 8.22 14.81 -22.56
N GLN I 81 9.10 14.45 -21.63
CA GLN I 81 10.04 15.40 -21.03
C GLN I 81 11.46 14.98 -21.37
N LEU I 82 12.39 15.94 -21.38
CA LEU I 82 13.79 15.67 -21.67
C LEU I 82 14.43 14.78 -20.60
N SER I 83 13.83 14.78 -19.41
CA SER I 83 14.26 13.92 -18.31
C SER I 83 13.86 12.46 -18.54
N ASP I 84 12.87 12.25 -19.40
CA ASP I 84 12.39 10.90 -19.74
C ASP I 84 13.33 10.11 -20.66
N SER I 85 14.43 10.73 -21.08
CA SER I 85 15.40 10.05 -21.94
C SER I 85 16.12 8.95 -21.18
N ALA I 86 15.74 7.71 -21.50
CA ALA I 86 16.27 6.53 -20.81
C ALA I 86 16.05 5.27 -21.64
N LEU I 87 16.60 4.16 -21.15
CA LEU I 87 16.33 2.84 -21.71
C LEU I 87 15.15 2.22 -20.95
N TYR I 88 14.23 1.63 -21.69
CA TYR I 88 13.01 1.09 -21.09
C TYR I 88 12.86 -0.40 -21.38
N TYR I 89 12.73 -1.20 -20.31
CA TYR I 89 12.58 -2.65 -20.43
C TYR I 89 11.16 -3.07 -20.11
N CYS I 90 10.59 -3.89 -20.99
CA CYS I 90 9.35 -4.58 -20.70
C CYS I 90 9.70 -5.99 -20.21
N ALA I 91 9.00 -6.43 -19.16
CA ALA I 91 9.30 -7.70 -18.50
C ALA I 91 8.06 -8.56 -18.25
N LEU I 92 8.19 -9.86 -18.54
CA LEU I 92 7.13 -10.82 -18.27
C LEU I 92 7.54 -11.71 -17.09
N PHE I 93 6.68 -11.77 -16.08
CA PHE I 93 6.94 -12.54 -14.87
C PHE I 93 6.30 -13.92 -14.97
N LEU I 94 7.14 -14.96 -14.98
CA LEU I 94 6.70 -16.36 -15.09
C LEU I 94 6.92 -17.07 -13.76
N ALA I 95 5.83 -17.45 -13.10
CA ALA I 95 5.90 -18.08 -11.77
C ALA I 95 4.75 -19.05 -11.49
N SER I 96 3.93 -19.34 -12.49
CA SER I 96 2.83 -20.28 -12.33
C SER I 96 3.30 -21.73 -12.29
N SER I 97 4.05 -22.13 -13.31
CA SER I 97 4.50 -23.52 -13.47
C SER I 97 6.01 -23.70 -13.27
N SER I 98 6.72 -22.58 -13.16
CA SER I 98 8.17 -22.62 -12.99
C SER I 98 8.65 -21.57 -12.00
N PHE I 99 9.84 -21.80 -11.44
CA PHE I 99 10.47 -20.92 -10.45
C PHE I 99 10.49 -19.45 -10.89
N SER I 100 10.01 -18.57 -10.01
CA SER I 100 9.84 -17.14 -10.30
C SER I 100 11.02 -16.50 -11.05
N LYS I 101 10.72 -15.92 -12.21
CA LYS I 101 11.70 -15.14 -12.95
C LYS I 101 11.05 -14.04 -13.80
N LEU I 102 11.76 -12.93 -13.93
CA LEU I 102 11.42 -11.90 -14.90
C LEU I 102 12.11 -12.23 -16.21
N VAL I 103 11.36 -12.14 -17.30
CA VAL I 103 11.90 -12.26 -18.64
C VAL I 103 11.85 -10.87 -19.28
N PHE I 104 13.01 -10.22 -19.33
CA PHE I 104 13.12 -8.87 -19.90
C PHE I 104 13.21 -8.95 -21.43
N GLY I 105 12.72 -7.91 -22.10
CA GLY I 105 12.89 -7.77 -23.54
C GLY I 105 14.22 -7.11 -23.87
N GLN I 106 14.44 -6.83 -25.15
CA GLN I 106 15.68 -6.21 -25.62
C GLN I 106 15.89 -4.80 -25.06
N GLY I 107 14.80 -4.13 -24.73
CA GLY I 107 14.85 -2.75 -24.27
C GLY I 107 14.68 -1.79 -25.43
N THR I 108 14.05 -0.66 -25.16
CA THR I 108 13.91 0.41 -26.14
C THR I 108 14.51 1.69 -25.59
N SER I 109 15.49 2.24 -26.31
CA SER I 109 16.09 3.52 -25.95
C SER I 109 15.16 4.66 -26.38
N LEU I 110 14.81 5.51 -25.42
CA LEU I 110 14.03 6.71 -25.70
C LEU I 110 14.93 7.93 -25.68
N SER I 111 14.86 8.72 -26.73
CA SER I 111 15.60 9.97 -26.82
C SER I 111 14.63 11.12 -27.05
N VAL I 112 14.34 11.86 -25.99
CA VAL I 112 13.51 13.05 -26.08
C VAL I 112 14.38 14.25 -26.46
N VAL I 113 14.02 14.90 -27.55
CA VAL I 113 14.78 16.02 -28.10
C VAL I 113 14.07 17.36 -27.90
N PRO I 114 14.83 18.46 -27.71
CA PRO I 114 14.23 19.76 -27.43
C PRO I 114 13.61 20.42 -28.68
N ASN I 115 12.54 21.18 -28.45
CA ASN I 115 11.94 21.99 -29.49
C ASN I 115 12.69 23.32 -29.59
N ILE I 116 13.68 23.36 -30.48
CA ILE I 116 14.48 24.57 -30.71
C ILE I 116 13.63 25.61 -31.43
N GLN I 117 13.28 26.68 -30.70
CA GLN I 117 12.33 27.68 -31.18
C GLN I 117 12.96 28.69 -32.15
N ASN I 118 14.19 29.09 -31.88
CA ASN I 118 14.90 30.07 -32.70
C ASN I 118 16.24 29.55 -33.22
N PRO I 119 16.22 28.62 -34.19
CA PRO I 119 17.44 27.96 -34.64
C PRO I 119 18.37 28.89 -35.41
N GLU I 120 19.64 28.89 -35.02
CA GLU I 120 20.66 29.71 -35.68
C GLU I 120 21.87 28.84 -36.05
N PRO I 121 21.69 27.90 -37.01
CA PRO I 121 22.73 26.92 -37.32
C PRO I 121 24.00 27.55 -37.88
N ALA I 122 25.15 27.17 -37.30
CA ALA I 122 26.44 27.70 -37.72
C ALA I 122 27.52 26.65 -37.52
N VAL I 123 28.52 26.68 -38.41
CA VAL I 123 29.68 25.79 -38.30
C VAL I 123 30.92 26.61 -37.94
N TYR I 124 31.65 26.14 -36.92
CA TYR I 124 32.82 26.84 -36.40
C TYR I 124 34.07 25.96 -36.41
N GLN I 125 35.21 26.60 -36.70
CA GLN I 125 36.51 25.95 -36.58
C GLN I 125 37.11 26.30 -35.22
N LEU I 126 37.65 25.29 -34.52
CA LEU I 126 38.31 25.50 -33.23
C LEU I 126 39.73 24.96 -33.27
N LYS I 127 40.60 25.50 -32.42
CA LYS I 127 42.02 25.12 -32.42
C LYS I 127 42.49 24.59 -31.07
N ASP I 128 43.44 23.65 -31.09
CA ASP I 128 44.15 23.22 -29.89
C ASP I 128 45.53 23.86 -29.87
N PRO I 129 45.73 24.87 -29.01
CA PRO I 129 46.98 25.65 -28.93
C PRO I 129 48.20 24.84 -28.45
N ARG I 130 47.94 23.68 -27.83
CA ARG I 130 49.03 22.81 -27.36
C ARG I 130 49.62 21.94 -28.48
N SER I 131 48.92 21.88 -29.60
CA SER I 131 49.39 21.18 -30.80
C SER I 131 49.52 22.17 -31.96
N GLN I 132 50.28 21.80 -32.98
CA GLN I 132 50.62 22.73 -34.07
C GLN I 132 49.46 22.97 -35.06
N ASP I 133 49.08 21.92 -35.79
CA ASP I 133 48.05 22.03 -36.82
C ASP I 133 46.77 21.28 -36.43
N SER I 134 46.47 21.26 -35.14
CA SER I 134 45.30 20.57 -34.61
C SER I 134 44.06 21.47 -34.62
N THR I 135 43.11 21.14 -35.50
CA THR I 135 41.85 21.87 -35.60
C THR I 135 40.65 20.92 -35.57
N LEU I 136 39.49 21.49 -35.24
CA LEU I 136 38.26 20.73 -35.03
C LEU I 136 37.06 21.53 -35.54
N CYS I 137 36.04 20.82 -36.01
CA CYS I 137 34.80 21.45 -36.50
C CYS I 137 33.65 21.28 -35.54
N LEU I 138 32.90 22.37 -35.33
CA LEU I 138 31.73 22.36 -34.47
C LEU I 138 30.49 22.82 -35.23
N PHE I 139 29.50 21.94 -35.33
CA PHE I 139 28.17 22.29 -35.85
C PHE I 139 27.24 22.44 -34.66
N THR I 140 26.61 23.61 -34.55
CA THR I 140 25.82 23.93 -33.37
C THR I 140 24.57 24.77 -33.68
N ASP I 141 23.65 24.83 -32.71
CA ASP I 141 22.47 25.69 -32.74
C ASP I 141 21.46 25.40 -33.86
N PHE I 142 21.51 24.17 -34.39
CA PHE I 142 20.56 23.72 -35.40
C PHE I 142 19.30 23.11 -34.76
N ASP I 143 18.26 22.93 -35.58
CA ASP I 143 17.01 22.29 -35.16
C ASP I 143 17.19 20.79 -34.86
N SER I 144 16.28 20.23 -34.08
CA SER I 144 16.33 18.83 -33.70
C SER I 144 15.84 17.88 -34.80
N GLN I 145 15.23 18.44 -35.85
CA GLN I 145 14.67 17.65 -36.94
C GLN I 145 15.69 17.28 -38.01
N ILE I 146 16.75 18.08 -38.15
CA ILE I 146 17.75 17.86 -39.22
C ILE I 146 18.70 16.70 -38.91
N ASN I 147 19.24 16.09 -39.96
CA ASN I 147 20.13 14.94 -39.83
C ASN I 147 21.61 15.31 -39.92
N VAL I 148 22.36 14.93 -38.89
CA VAL I 148 23.81 15.12 -38.87
C VAL I 148 24.46 13.97 -39.65
N PRO I 149 25.34 14.31 -40.63
CA PRO I 149 25.98 13.30 -41.48
C PRO I 149 26.88 12.34 -40.70
N LYS I 150 26.96 11.10 -41.19
CA LYS I 150 27.89 10.12 -40.65
C LYS I 150 29.15 10.12 -41.50
N THR I 151 30.28 9.71 -40.92
CA THR I 151 31.55 9.71 -41.63
C THR I 151 31.54 8.79 -42.85
N MET I 152 32.09 9.30 -43.95
CA MET I 152 32.18 8.55 -45.21
C MET I 152 33.60 8.08 -45.48
N GLU I 153 34.57 8.81 -44.91
CA GLU I 153 35.98 8.59 -45.20
C GLU I 153 36.80 8.21 -43.97
N SER I 154 37.86 7.43 -44.19
CA SER I 154 38.77 7.03 -43.12
C SER I 154 39.66 8.19 -42.70
N GLY I 155 39.85 8.33 -41.38
CA GLY I 155 40.62 9.44 -40.82
C GLY I 155 39.72 10.52 -40.26
N THR I 156 38.64 10.81 -40.98
CA THR I 156 37.64 11.79 -40.56
C THR I 156 36.57 11.15 -39.68
N PHE I 157 36.15 11.87 -38.65
CA PHE I 157 35.09 11.39 -37.78
C PHE I 157 34.05 12.48 -37.48
N ILE I 158 32.78 12.07 -37.45
CA ILE I 158 31.68 12.94 -37.03
C ILE I 158 30.92 12.28 -35.88
N THR I 159 30.62 13.05 -34.85
CA THR I 159 29.85 12.56 -33.70
C THR I 159 28.35 12.71 -33.96
N ASP I 160 27.55 11.91 -33.25
CA ASP I 160 26.10 12.08 -33.24
C ASP I 160 25.76 13.37 -32.49
N LYS I 161 24.58 13.91 -32.76
CA LYS I 161 24.13 15.14 -32.10
C LYS I 161 23.90 14.92 -30.60
N THR I 162 24.32 15.90 -29.81
CA THR I 162 24.06 15.92 -28.37
C THR I 162 23.35 17.22 -27.98
N VAL I 163 22.57 17.17 -26.91
CA VAL I 163 21.84 18.33 -26.42
C VAL I 163 22.59 19.00 -25.26
N LEU I 164 22.76 20.31 -25.38
CA LEU I 164 23.47 21.13 -24.41
C LEU I 164 22.43 21.98 -23.70
N ASP I 165 22.42 21.96 -22.37
CA ASP I 165 21.48 22.78 -21.61
C ASP I 165 22.22 23.86 -20.82
N MET I 166 22.34 25.04 -21.42
CA MET I 166 22.83 26.21 -20.69
C MET I 166 21.75 26.65 -19.72
N LYS I 167 22.05 26.51 -18.44
CA LYS I 167 21.11 26.89 -17.39
C LYS I 167 21.14 28.40 -17.14
N ALA I 168 22.00 29.11 -17.88
CA ALA I 168 22.14 30.55 -17.75
C ALA I 168 20.92 31.31 -18.27
N MET I 169 20.48 31.01 -19.50
CA MET I 169 19.37 31.75 -20.11
C MET I 169 18.44 30.88 -20.99
N ASP I 170 18.02 29.74 -20.45
CA ASP I 170 17.13 28.80 -21.14
C ASP I 170 17.50 28.66 -22.62
N SER I 171 18.71 28.21 -22.88
CA SER I 171 19.14 27.98 -24.24
C SER I 171 19.68 26.55 -24.38
N LYS I 172 18.85 25.72 -24.98
CA LYS I 172 19.23 24.34 -25.28
C LYS I 172 19.81 24.28 -26.69
N SER I 173 21.02 23.72 -26.79
CA SER I 173 21.77 23.69 -28.03
C SER I 173 21.97 22.27 -28.51
N ASN I 174 21.65 22.02 -29.78
CA ASN I 174 22.07 20.80 -30.44
C ASN I 174 23.47 20.99 -31.00
N GLY I 175 24.30 19.96 -30.89
CA GLY I 175 25.68 20.06 -31.31
C GLY I 175 26.29 18.77 -31.84
N ALA I 176 27.19 18.91 -32.80
CA ALA I 176 27.96 17.79 -33.32
C ALA I 176 29.40 18.23 -33.56
N ILE I 177 30.32 17.29 -33.40
CA ILE I 177 31.75 17.59 -33.54
C ILE I 177 32.38 16.72 -34.62
N ALA I 178 33.20 17.34 -35.45
CA ALA I 178 33.96 16.62 -36.47
C ALA I 178 35.43 16.99 -36.43
N TRP I 179 36.28 15.96 -36.51
CA TRP I 179 37.71 16.14 -36.66
C TRP I 179 38.21 15.19 -37.74
N SER I 180 39.43 15.41 -38.21
CA SER I 180 40.00 14.57 -39.26
C SER I 180 41.51 14.50 -39.16
N ASN I 181 42.10 13.67 -40.02
CA ASN I 181 43.55 13.58 -40.17
C ASN I 181 43.92 13.60 -41.64
N GLN I 182 43.33 14.56 -42.34
CA GLN I 182 43.69 14.89 -43.71
C GLN I 182 44.42 16.22 -43.66
N THR I 183 45.52 16.33 -44.43
CA THR I 183 46.38 17.51 -44.45
C THR I 183 45.62 18.82 -44.22
N SER I 184 44.67 19.12 -45.11
CA SER I 184 43.83 20.31 -45.00
C SER I 184 42.41 20.03 -45.49
N PHE I 185 41.46 19.99 -44.55
CA PHE I 185 40.05 19.77 -44.86
C PHE I 185 39.17 20.81 -44.15
N THR I 186 38.30 21.46 -44.92
CA THR I 186 37.42 22.53 -44.41
C THR I 186 36.27 22.00 -43.55
N CYS I 187 35.71 22.87 -42.72
CA CYS I 187 34.57 22.53 -41.86
C CYS I 187 33.23 22.69 -42.56
N GLN I 188 33.22 23.45 -43.65
CA GLN I 188 32.00 23.76 -44.40
C GLN I 188 31.36 22.52 -45.04
N ASP I 189 32.20 21.63 -45.57
CA ASP I 189 31.73 20.49 -46.33
C ASP I 189 31.67 19.18 -45.52
N ILE I 190 32.03 19.24 -44.25
CA ILE I 190 31.95 18.07 -43.37
C ILE I 190 30.51 17.80 -42.95
N PHE I 191 29.84 18.83 -42.44
CA PHE I 191 28.45 18.71 -41.98
C PHE I 191 27.43 18.89 -43.11
N LYS I 192 27.92 18.76 -44.34
CA LYS I 192 27.11 18.76 -45.55
C LYS I 192 26.24 17.51 -45.56
N GLU I 193 24.93 17.69 -45.67
CA GLU I 193 23.99 16.57 -45.68
C GLU I 193 24.15 15.75 -46.96
N THR I 194 24.58 14.50 -46.79
CA THR I 194 24.83 13.59 -47.91
C THR I 194 23.76 12.50 -48.01
N GLU J 2 15.15 2.05 2.52
CA GLU J 2 14.88 1.55 1.14
C GLU J 2 15.98 0.60 0.66
N ALA J 3 15.57 -0.42 -0.09
CA ALA J 3 16.48 -1.45 -0.58
C ALA J 3 17.59 -0.90 -1.45
N ALA J 4 18.83 -1.30 -1.13
CA ALA J 4 20.02 -0.85 -1.86
C ALA J 4 20.97 -2.02 -2.12
N VAL J 5 21.56 -2.03 -3.32
CA VAL J 5 22.45 -3.11 -3.76
C VAL J 5 23.75 -2.52 -4.29
N THR J 6 24.89 -3.12 -3.92
CA THR J 6 26.20 -2.63 -4.36
C THR J 6 27.07 -3.71 -5.02
N GLN J 7 27.87 -3.29 -6.00
CA GLN J 7 28.75 -4.19 -6.75
C GLN J 7 30.20 -3.72 -6.72
N SER J 8 31.12 -4.68 -6.76
CA SER J 8 32.55 -4.40 -6.90
C SER J 8 33.23 -5.53 -7.69
N PRO J 9 34.14 -5.18 -8.62
CA PRO J 9 34.52 -3.82 -9.00
C PRO J 9 33.49 -3.19 -9.94
N ARG J 10 33.53 -1.87 -10.07
CA ARG J 10 32.66 -1.15 -11.01
C ARG J 10 33.21 -1.25 -12.43
N SER J 11 34.51 -1.53 -12.53
CA SER J 11 35.21 -1.64 -13.81
C SER J 11 36.35 -2.65 -13.71
N LYS J 12 36.49 -3.46 -14.75
CA LYS J 12 37.54 -4.48 -14.80
C LYS J 12 37.97 -4.73 -16.24
N VAL J 13 39.28 -4.70 -16.47
CA VAL J 13 39.86 -5.11 -17.74
C VAL J 13 40.61 -6.41 -17.50
N ALA J 14 40.26 -7.43 -18.26
CA ALA J 14 40.84 -8.77 -18.09
C ALA J 14 41.42 -9.33 -19.38
N VAL J 15 42.32 -10.30 -19.24
CA VAL J 15 42.89 -11.03 -20.37
C VAL J 15 42.12 -12.33 -20.58
N THR J 16 42.16 -12.87 -21.81
CA THR J 16 41.49 -14.13 -22.13
C THR J 16 42.15 -15.31 -21.41
N GLY J 17 41.35 -16.07 -20.68
CA GLY J 17 41.83 -17.21 -19.90
C GLY J 17 42.11 -16.88 -18.45
N GLY J 18 41.91 -15.61 -18.07
CA GLY J 18 42.12 -15.17 -16.70
C GLY J 18 40.87 -15.31 -15.84
N LYS J 19 41.07 -15.40 -14.53
CA LYS J 19 39.98 -15.55 -13.56
C LYS J 19 39.40 -14.20 -13.16
N VAL J 20 38.09 -14.03 -13.38
CA VAL J 20 37.38 -12.81 -13.00
C VAL J 20 36.30 -13.12 -11.96
N THR J 21 36.34 -12.41 -10.84
CA THR J 21 35.33 -12.55 -9.79
C THR J 21 34.61 -11.23 -9.54
N LEU J 22 33.30 -11.25 -9.76
CA LEU J 22 32.45 -10.08 -9.51
C LEU J 22 31.65 -10.28 -8.24
N SER J 23 31.60 -9.24 -7.41
CA SER J 23 30.92 -9.32 -6.12
C SER J 23 29.64 -8.50 -6.08
N CYS J 24 28.66 -9.00 -5.35
CA CYS J 24 27.42 -8.29 -5.08
C CYS J 24 27.17 -8.32 -3.58
N HIS J 25 26.72 -7.19 -3.03
CA HIS J 25 26.44 -7.09 -1.60
C HIS J 25 25.15 -6.33 -1.36
N GLN J 26 24.34 -6.85 -0.44
CA GLN J 26 23.02 -6.31 -0.17
C GLN J 26 22.64 -6.51 1.31
N THR J 27 22.16 -5.44 1.94
CA THR J 27 21.75 -5.47 3.35
C THR J 27 20.23 -5.24 3.49
N ASN J 28 19.47 -5.82 2.56
CA ASN J 28 18.02 -5.66 2.51
C ASN J 28 17.26 -6.77 3.25
N ASN J 29 17.99 -7.77 3.73
CA ASN J 29 17.40 -9.00 4.29
C ASN J 29 16.60 -9.77 3.23
N HIS J 30 17.15 -9.78 2.01
CA HIS J 30 16.55 -10.47 0.87
C HIS J 30 17.19 -11.83 0.66
N ASP J 31 16.37 -12.84 0.39
CA ASP J 31 16.86 -14.20 0.16
C ASP J 31 17.15 -14.51 -1.31
N TYR J 32 16.54 -13.75 -2.21
CA TYR J 32 16.72 -13.95 -3.65
C TYR J 32 17.72 -12.96 -4.22
N MET J 33 18.72 -13.49 -4.93
CA MET J 33 19.74 -12.68 -5.60
C MET J 33 19.98 -13.16 -7.03
N TYR J 34 20.32 -12.22 -7.91
CA TYR J 34 20.36 -12.47 -9.36
C TYR J 34 21.63 -11.89 -10.01
N TRP J 35 22.03 -12.49 -11.13
CA TRP J 35 23.06 -11.90 -11.99
C TRP J 35 22.57 -11.79 -13.44
N TYR J 36 22.67 -10.59 -14.00
CA TYR J 36 22.28 -10.32 -15.39
C TYR J 36 23.46 -9.75 -16.18
N ARG J 37 23.44 -9.94 -17.50
CA ARG J 37 24.33 -9.20 -18.38
C ARG J 37 23.57 -8.34 -19.38
N GLN J 38 24.17 -7.22 -19.75
CA GLN J 38 23.59 -6.26 -20.67
C GLN J 38 24.53 -6.10 -21.86
N ASP J 39 23.98 -6.19 -23.08
CA ASP J 39 24.81 -6.16 -24.28
C ASP J 39 24.53 -4.97 -25.19
N THR J 40 25.55 -4.11 -25.32
CA THR J 40 25.52 -2.87 -26.11
C THR J 40 24.29 -2.01 -25.78
N GLY J 41 24.05 -1.82 -24.48
CA GLY J 41 22.91 -1.04 -23.99
C GLY J 41 21.56 -1.67 -24.28
N HIS J 42 21.55 -2.98 -24.49
CA HIS J 42 20.32 -3.71 -24.76
C HIS J 42 20.31 -5.12 -24.16
N GLY J 43 19.11 -5.61 -23.86
CA GLY J 43 18.94 -6.92 -23.25
C GLY J 43 19.29 -6.93 -21.78
N LEU J 44 18.69 -7.86 -21.05
CA LEU J 44 18.99 -8.09 -19.64
C LEU J 44 18.75 -9.57 -19.40
N ARG J 45 19.81 -10.35 -19.54
CA ARG J 45 19.72 -11.82 -19.56
C ARG J 45 20.24 -12.45 -18.27
N LEU J 46 19.45 -13.37 -17.72
CA LEU J 46 19.76 -14.02 -16.45
C LEU J 46 20.83 -15.10 -16.59
N ILE J 47 21.91 -14.93 -15.83
CA ILE J 47 23.04 -15.86 -15.84
C ILE J 47 22.87 -16.96 -14.78
N HIS J 48 22.80 -16.53 -13.51
CA HIS J 48 22.59 -17.40 -12.37
C HIS J 48 21.69 -16.69 -11.37
N TYR J 49 21.04 -17.45 -10.50
CA TYR J 49 20.31 -16.88 -9.37
C TYR J 49 20.47 -17.71 -8.10
N SER J 50 19.89 -17.23 -7.00
CA SER J 50 20.00 -17.90 -5.70
C SER J 50 18.77 -17.55 -4.86
N TYR J 51 18.18 -18.55 -4.21
CA TYR J 51 17.02 -18.34 -3.34
C TYR J 51 17.35 -18.53 -1.86
N VAL J 52 18.56 -19.02 -1.58
CA VAL J 52 19.04 -19.20 -0.21
C VAL J 52 20.57 -19.24 -0.18
N ALA J 53 21.15 -18.92 0.98
CA ALA J 53 22.60 -19.03 1.20
C ALA J 53 23.09 -20.44 0.90
N ASP J 54 24.34 -20.54 0.40
CA ASP J 54 25.01 -21.80 0.07
C ASP J 54 24.40 -22.60 -1.09
N SER J 55 23.43 -22.00 -1.78
CA SER J 55 22.84 -22.59 -2.98
C SER J 55 22.79 -21.59 -4.14
N THR J 56 23.11 -22.08 -5.35
CA THR J 56 22.92 -21.29 -6.57
C THR J 56 22.19 -22.12 -7.62
N GLU J 57 21.40 -21.44 -8.46
CA GLU J 57 20.72 -22.08 -9.58
C GLU J 57 21.16 -21.46 -10.89
N LYS J 58 21.13 -22.25 -11.97
CA LYS J 58 21.48 -21.78 -13.30
C LYS J 58 20.33 -21.00 -13.92
N GLY J 59 20.66 -19.89 -14.58
CA GLY J 59 19.68 -19.08 -15.29
C GLY J 59 19.54 -19.45 -16.74
N ASP J 60 19.24 -18.46 -17.58
CA ASP J 60 19.05 -18.68 -19.02
C ASP J 60 20.36 -18.86 -19.79
N ILE J 61 21.43 -18.22 -19.33
CA ILE J 61 22.74 -18.31 -19.98
C ILE J 61 23.89 -18.58 -19.00
N PRO J 62 23.91 -19.77 -18.37
CA PRO J 62 24.93 -20.04 -17.35
C PRO J 62 26.31 -20.39 -17.91
N ASP J 63 26.36 -20.81 -19.18
CA ASP J 63 27.60 -21.28 -19.82
C ASP J 63 28.75 -20.26 -19.71
N GLY J 64 29.87 -20.70 -19.16
CA GLY J 64 31.02 -19.85 -18.94
C GLY J 64 31.08 -19.18 -17.57
N TYR J 65 30.01 -19.31 -16.80
CA TYR J 65 29.90 -18.66 -15.50
C TYR J 65 29.61 -19.64 -14.37
N LYS J 66 30.16 -19.35 -13.19
CA LYS J 66 29.78 -20.02 -11.95
C LYS J 66 29.39 -18.99 -10.91
N ALA J 67 28.49 -19.37 -10.01
CA ALA J 67 28.00 -18.47 -8.96
C ALA J 67 28.26 -19.05 -7.57
N SER J 68 28.43 -18.16 -6.61
CA SER J 68 28.64 -18.53 -5.22
C SER J 68 27.81 -17.63 -4.29
N ARG J 69 27.04 -18.25 -3.41
CA ARG J 69 26.28 -17.53 -2.39
C ARG J 69 26.79 -17.95 -1.00
N PRO J 70 27.90 -17.34 -0.54
CA PRO J 70 28.50 -17.72 0.75
C PRO J 70 27.67 -17.31 1.97
N SER J 71 26.78 -16.33 1.78
CA SER J 71 25.88 -15.84 2.83
C SER J 71 24.67 -15.16 2.20
N GLN J 72 23.73 -14.70 3.03
CA GLN J 72 22.53 -14.02 2.56
C GLN J 72 22.84 -12.69 1.84
N GLU J 73 23.88 -12.01 2.32
CA GLU J 73 24.25 -10.68 1.83
C GLU J 73 25.12 -10.67 0.57
N ASN J 74 25.92 -11.73 0.40
CA ASN J 74 26.90 -11.78 -0.68
C ASN J 74 26.60 -12.82 -1.76
N PHE J 75 26.78 -12.42 -3.02
CA PHE J 75 26.52 -13.28 -4.18
C PHE J 75 27.52 -13.01 -5.29
N SER J 76 28.46 -13.94 -5.47
CA SER J 76 29.58 -13.76 -6.39
C SER J 76 29.34 -14.36 -7.77
N LEU J 77 29.86 -13.71 -8.80
CA LEU J 77 29.89 -14.28 -10.15
C LEU J 77 31.34 -14.53 -10.54
N ILE J 78 31.64 -15.77 -10.93
CA ILE J 78 33.00 -16.20 -11.20
C ILE J 78 33.17 -16.61 -12.67
N LEU J 79 34.07 -15.93 -13.37
CA LEU J 79 34.47 -16.35 -14.70
C LEU J 79 35.83 -17.02 -14.59
N GLU J 80 35.87 -18.34 -14.74
CA GLU J 80 37.09 -19.12 -14.56
C GLU J 80 38.07 -18.85 -15.69
N LEU J 81 37.57 -18.95 -16.92
CA LEU J 81 38.35 -18.68 -18.13
C LEU J 81 37.64 -17.59 -18.93
N ALA J 82 38.08 -16.35 -18.77
CA ALA J 82 37.45 -15.21 -19.44
C ALA J 82 37.64 -15.29 -20.95
N SER J 83 36.57 -14.98 -21.67
CA SER J 83 36.58 -15.00 -23.13
C SER J 83 36.04 -13.69 -23.70
N LEU J 84 36.35 -13.43 -24.97
CA LEU J 84 35.94 -12.20 -25.66
C LEU J 84 34.44 -12.00 -25.68
N SER J 85 33.69 -13.11 -25.57
CA SER J 85 32.23 -13.09 -25.58
C SER J 85 31.62 -12.54 -24.29
N GLN J 86 32.45 -12.47 -23.24
CA GLN J 86 31.98 -12.08 -21.92
C GLN J 86 32.19 -10.59 -21.62
N THR J 87 32.69 -9.85 -22.61
CA THR J 87 32.72 -8.39 -22.55
C THR J 87 31.29 -7.86 -22.54
N ALA J 88 30.90 -7.24 -21.42
CA ALA J 88 29.55 -6.73 -21.22
C ALA J 88 29.43 -5.91 -19.94
N VAL J 89 28.23 -5.40 -19.68
CA VAL J 89 27.89 -4.78 -18.40
C VAL J 89 27.10 -5.80 -17.57
N TYR J 90 27.59 -6.08 -16.37
CA TYR J 90 26.97 -7.07 -15.50
C TYR J 90 26.24 -6.42 -14.34
N PHE J 91 24.95 -6.75 -14.21
CA PHE J 91 24.12 -6.26 -13.13
C PHE J 91 23.76 -7.37 -12.16
N CYS J 92 23.87 -7.08 -10.87
CA CYS J 92 23.33 -7.97 -9.87
C CYS J 92 22.08 -7.34 -9.28
N ALA J 93 21.12 -8.17 -8.90
CA ALA J 93 19.87 -7.70 -8.31
C ALA J 93 19.52 -8.50 -7.04
N SER J 94 18.57 -7.97 -6.27
CA SER J 94 18.04 -8.67 -5.11
C SER J 94 16.55 -8.42 -4.96
N SER J 95 15.85 -9.38 -4.37
CA SER J 95 14.44 -9.24 -4.04
C SER J 95 14.08 -10.10 -2.84
N ASP J 96 12.97 -9.78 -2.21
CA ASP J 96 12.32 -10.73 -1.32
C ASP J 96 11.42 -11.63 -2.17
N TRP J 97 10.48 -12.29 -1.52
CA TRP J 97 9.57 -13.22 -2.19
C TRP J 97 8.72 -12.57 -3.28
N VAL J 98 8.45 -11.27 -3.13
CA VAL J 98 7.78 -10.47 -4.15
C VAL J 98 8.80 -10.21 -5.26
N SER J 99 9.18 -11.28 -5.95
CA SER J 99 10.36 -11.32 -6.82
C SER J 99 10.17 -10.64 -8.18
N TYR J 100 9.07 -9.92 -8.35
CA TYR J 100 8.88 -9.12 -9.55
C TYR J 100 9.41 -7.70 -9.37
N GLU J 101 9.60 -7.28 -8.12
CA GLU J 101 10.35 -6.06 -7.82
C GLU J 101 11.76 -6.44 -7.40
N GLN J 102 12.68 -6.34 -8.36
CA GLN J 102 14.07 -6.67 -8.12
C GLN J 102 14.88 -5.38 -8.15
N TYR J 103 15.72 -5.21 -7.12
CA TYR J 103 16.50 -3.99 -6.95
C TYR J 103 17.90 -4.24 -7.49
N PHE J 104 18.30 -3.42 -8.45
CA PHE J 104 19.56 -3.63 -9.17
C PHE J 104 20.74 -2.89 -8.57
N GLY J 105 21.92 -3.49 -8.71
CA GLY J 105 23.18 -2.83 -8.38
C GLY J 105 23.58 -1.86 -9.48
N PRO J 106 24.62 -1.05 -9.23
CA PRO J 106 25.04 0.01 -10.16
C PRO J 106 25.65 -0.50 -11.46
N GLY J 107 26.06 -1.77 -11.48
CA GLY J 107 26.60 -2.39 -12.69
C GLY J 107 28.10 -2.49 -12.69
N THR J 108 28.61 -3.49 -13.42
CA THR J 108 30.04 -3.69 -13.59
C THR J 108 30.37 -3.74 -15.08
N ARG J 109 31.20 -2.80 -15.54
CA ARG J 109 31.67 -2.80 -16.91
C ARG J 109 32.90 -3.68 -17.02
N LEU J 110 32.79 -4.76 -17.79
CA LEU J 110 33.89 -5.68 -18.00
C LEU J 110 34.28 -5.75 -19.48
N THR J 111 35.58 -5.72 -19.73
CA THR J 111 36.12 -5.92 -21.07
C THR J 111 37.25 -6.93 -21.05
N VAL J 112 37.10 -7.98 -21.86
CA VAL J 112 38.11 -9.02 -21.98
C VAL J 112 38.89 -8.81 -23.27
N LEU J 113 40.21 -8.82 -23.16
CA LEU J 113 41.10 -8.62 -24.31
C LEU J 113 42.08 -9.78 -24.46
N GLU J 114 42.46 -10.07 -25.70
CA GLU J 114 43.41 -11.14 -26.01
C GLU J 114 44.82 -10.80 -25.53
N ASP J 115 45.17 -9.52 -25.62
CA ASP J 115 46.50 -9.04 -25.23
C ASP J 115 46.37 -7.71 -24.48
N LEU J 116 46.92 -7.66 -23.27
CA LEU J 116 46.80 -6.47 -22.42
C LEU J 116 47.75 -5.33 -22.80
N ARG J 117 48.66 -5.59 -23.72
CA ARG J 117 49.59 -4.58 -24.23
C ARG J 117 48.89 -3.49 -25.06
N ASN J 118 47.66 -3.79 -25.49
CA ASN J 118 46.86 -2.84 -26.26
C ASN J 118 46.19 -1.76 -25.40
N VAL J 119 46.18 -1.97 -24.09
CA VAL J 119 45.57 -1.03 -23.15
C VAL J 119 46.39 0.26 -23.08
N THR J 120 45.74 1.39 -23.37
CA THR J 120 46.41 2.68 -23.45
C THR J 120 45.50 3.82 -22.95
N PRO J 121 46.08 4.78 -22.20
CA PRO J 121 45.32 5.92 -21.68
C PRO J 121 45.01 6.96 -22.77
N PRO J 122 44.03 7.86 -22.52
CA PRO J 122 43.67 8.87 -23.51
C PRO J 122 44.67 10.03 -23.59
N LYS J 123 44.76 10.62 -24.78
CA LYS J 123 45.38 11.92 -24.94
C LYS J 123 44.25 12.94 -24.94
N VAL J 124 44.32 13.89 -23.99
CA VAL J 124 43.23 14.85 -23.82
C VAL J 124 43.61 16.23 -24.36
N SER J 125 42.77 16.75 -25.24
CA SER J 125 42.96 18.08 -25.83
C SER J 125 41.77 18.99 -25.55
N LEU J 126 42.06 20.25 -25.24
CA LEU J 126 41.01 21.25 -25.06
C LEU J 126 41.03 22.27 -26.20
N PHE J 127 39.97 22.26 -27.00
CA PHE J 127 39.83 23.17 -28.13
C PHE J 127 39.11 24.44 -27.70
N GLU J 128 39.79 25.57 -27.87
CA GLU J 128 39.30 26.88 -27.44
C GLU J 128 38.23 27.43 -28.39
N PRO J 129 37.28 28.23 -27.85
CA PRO J 129 36.13 28.77 -28.60
C PRO J 129 36.47 29.54 -29.87
N SER J 130 35.52 29.56 -30.81
CA SER J 130 35.65 30.34 -32.04
C SER J 130 35.24 31.78 -31.79
N LYS J 131 36.07 32.71 -32.26
CA LYS J 131 35.83 34.15 -32.09
C LYS J 131 34.59 34.62 -32.85
N ALA J 132 34.25 33.92 -33.93
CA ALA J 132 33.04 34.20 -34.69
C ALA J 132 31.77 33.86 -33.90
N GLU J 133 31.84 32.80 -33.09
CA GLU J 133 30.72 32.39 -32.22
C GLU J 133 30.52 33.38 -31.08
N ILE J 134 31.63 33.82 -30.50
CA ILE J 134 31.63 34.77 -29.38
C ILE J 134 31.11 36.15 -29.82
N ALA J 135 31.44 36.53 -31.05
CA ALA J 135 31.03 37.83 -31.59
C ALA J 135 29.56 37.85 -32.01
N ASN J 136 29.10 36.75 -32.62
CA ASN J 136 27.75 36.67 -33.18
C ASN J 136 26.67 36.22 -32.21
N LYS J 137 27.05 35.38 -31.25
CA LYS J 137 26.08 34.73 -30.36
C LYS J 137 26.28 35.04 -28.87
N GLN J 138 27.34 35.77 -28.55
CA GLN J 138 27.69 36.13 -27.17
C GLN J 138 27.85 34.88 -26.28
N LYS J 139 28.39 33.83 -26.88
CA LYS J 139 28.57 32.52 -26.25
C LYS J 139 29.90 31.89 -26.67
N ALA J 140 30.38 30.95 -25.88
CA ALA J 140 31.66 30.29 -26.14
C ALA J 140 31.62 28.79 -25.86
N THR J 141 31.77 27.99 -26.92
CA THR J 141 31.78 26.54 -26.80
C THR J 141 33.21 26.01 -26.73
N LEU J 142 33.56 25.44 -25.59
CA LEU J 142 34.82 24.75 -25.42
C LEU J 142 34.60 23.26 -25.68
N VAL J 143 35.47 22.67 -26.49
CA VAL J 143 35.34 21.25 -26.82
C VAL J 143 36.53 20.45 -26.30
N CYS J 144 36.25 19.50 -25.42
CA CYS J 144 37.23 18.54 -24.94
C CYS J 144 37.22 17.34 -25.88
N LEU J 145 38.40 16.78 -26.16
CA LEU J 145 38.51 15.63 -27.05
C LEU J 145 39.57 14.65 -26.56
N ALA J 146 39.09 13.53 -26.00
CA ALA J 146 39.96 12.43 -25.58
C ALA J 146 40.09 11.42 -26.72
N ARG J 147 41.33 11.04 -27.04
CA ARG J 147 41.59 10.14 -28.15
C ARG J 147 42.64 9.08 -27.82
N GLY J 148 42.69 8.02 -28.62
CA GLY J 148 43.73 7.01 -28.53
C GLY J 148 43.71 6.14 -27.28
N PHE J 149 42.54 5.99 -26.66
CA PHE J 149 42.41 5.15 -25.47
C PHE J 149 41.71 3.83 -25.76
N PHE J 150 42.04 2.81 -24.96
CA PHE J 150 41.55 1.46 -25.14
C PHE J 150 41.70 0.68 -23.83
N PRO J 151 40.61 0.05 -23.34
CA PRO J 151 39.23 0.11 -23.85
C PRO J 151 38.50 1.40 -23.42
N ASP J 152 37.17 1.39 -23.50
CA ASP J 152 36.37 2.60 -23.30
C ASP J 152 35.75 2.74 -21.90
N HIS J 153 36.53 2.42 -20.87
CA HIS J 153 36.08 2.61 -19.49
C HIS J 153 36.50 4.01 -19.04
N VAL J 154 35.79 5.02 -19.53
CA VAL J 154 36.14 6.42 -19.29
C VAL J 154 34.98 7.26 -18.77
N GLU J 155 35.31 8.22 -17.92
CA GLU J 155 34.36 9.21 -17.40
C GLU J 155 34.92 10.61 -17.59
N LEU J 156 34.19 11.44 -18.32
CA LEU J 156 34.60 12.83 -18.59
C LEU J 156 33.88 13.82 -17.67
N SER J 157 34.63 14.76 -17.12
CA SER J 157 34.07 15.83 -16.30
C SER J 157 34.69 17.20 -16.65
N TRP J 158 33.95 18.26 -16.36
CA TRP J 158 34.43 19.63 -16.55
C TRP J 158 34.59 20.32 -15.21
N TRP J 159 35.65 21.12 -15.09
CA TRP J 159 35.96 21.83 -13.86
C TRP J 159 36.19 23.31 -14.12
N VAL J 160 35.37 24.15 -13.50
CA VAL J 160 35.49 25.60 -13.63
C VAL J 160 35.86 26.20 -12.27
N ASN J 161 36.99 26.90 -12.25
CA ASN J 161 37.55 27.50 -11.02
C ASN J 161 37.75 26.48 -9.89
N GLY J 162 38.12 25.26 -10.28
CA GLY J 162 38.41 24.19 -9.31
C GLY J 162 37.19 23.43 -8.81
N LYS J 163 36.03 23.74 -9.37
CA LYS J 163 34.78 23.09 -8.98
C LYS J 163 34.13 22.43 -10.19
N GLU J 164 33.63 21.21 -10.00
CA GLU J 164 33.00 20.44 -11.07
C GLU J 164 31.63 21.04 -11.43
N VAL J 165 31.44 21.26 -12.73
CA VAL J 165 30.18 21.82 -13.24
C VAL J 165 29.39 20.79 -14.04
N HIS J 166 28.06 20.88 -13.96
CA HIS J 166 27.17 20.01 -14.73
C HIS J 166 26.34 20.82 -15.73
N SER J 167 26.12 22.10 -15.40
CA SER J 167 25.37 23.01 -16.26
C SER J 167 26.16 23.41 -17.51
N GLY J 168 25.48 23.44 -18.65
CA GLY J 168 26.08 23.83 -19.91
C GLY J 168 27.06 22.80 -20.44
N VAL J 169 26.91 21.56 -19.98
CA VAL J 169 27.79 20.47 -20.37
C VAL J 169 27.02 19.44 -21.19
N SER J 170 27.66 18.95 -22.24
CA SER J 170 27.10 17.89 -23.09
C SER J 170 28.20 16.94 -23.54
N THR J 171 28.35 15.84 -22.81
CA THR J 171 29.33 14.81 -23.14
C THR J 171 28.65 13.67 -23.89
N ASP J 172 29.37 13.08 -24.85
CA ASP J 172 28.92 11.88 -25.54
C ASP J 172 28.59 10.77 -24.55
N PRO J 173 27.39 10.16 -24.68
CA PRO J 173 26.98 9.06 -23.81
C PRO J 173 27.87 7.83 -23.95
N GLN J 174 28.24 7.50 -25.20
CA GLN J 174 29.13 6.38 -25.49
C GLN J 174 30.37 6.83 -26.26
N ALA J 175 31.50 6.23 -25.92
CA ALA J 175 32.76 6.49 -26.63
C ALA J 175 32.70 5.92 -28.05
N TYR J 176 33.30 6.64 -28.99
CA TYR J 176 33.30 6.24 -30.39
C TYR J 176 34.58 5.50 -30.76
N LYS J 177 34.42 4.34 -31.38
CA LYS J 177 35.56 3.53 -31.80
C LYS J 177 36.11 4.05 -33.13
N GLU J 178 37.26 4.73 -33.06
CA GLU J 178 37.87 5.34 -34.26
C GLU J 178 38.74 4.37 -35.09
N SER J 179 39.44 3.47 -34.41
CA SER J 179 40.12 2.36 -35.08
C SER J 179 39.74 1.05 -34.37
N ASN J 180 40.47 -0.03 -34.66
CA ASN J 180 40.22 -1.31 -34.00
C ASN J 180 40.69 -1.32 -32.54
N TYR J 181 41.66 -0.48 -32.23
CA TYR J 181 42.22 -0.40 -30.88
C TYR J 181 42.28 1.03 -30.34
N SER J 182 41.34 1.86 -30.78
CA SER J 182 41.32 3.27 -30.39
C SER J 182 39.90 3.80 -30.27
N TYR J 183 39.65 4.49 -29.15
CA TYR J 183 38.35 5.10 -28.90
C TYR J 183 38.49 6.62 -28.82
N ALA J 184 37.37 7.31 -29.02
CA ALA J 184 37.34 8.76 -28.90
C ALA J 184 36.09 9.20 -28.15
N LEU J 185 36.26 10.17 -27.25
CA LEU J 185 35.15 10.76 -26.53
C LEU J 185 35.29 12.27 -26.55
N SER J 186 34.17 12.96 -26.78
CA SER J 186 34.16 14.41 -26.80
C SER J 186 33.07 14.98 -25.90
N SER J 187 33.19 16.27 -25.59
CA SER J 187 32.23 16.98 -24.75
C SER J 187 32.24 18.46 -25.08
N ARG J 188 31.13 19.12 -24.76
CA ARG J 188 31.01 20.56 -24.92
C ARG J 188 30.77 21.23 -23.58
N LEU J 189 31.47 22.35 -23.36
CA LEU J 189 31.14 23.27 -22.29
C LEU J 189 30.86 24.63 -22.91
N ARG J 190 29.64 25.12 -22.76
CA ARG J 190 29.28 26.43 -23.29
C ARG J 190 28.97 27.43 -22.19
N VAL J 191 29.71 28.54 -22.19
CA VAL J 191 29.51 29.64 -21.26
C VAL J 191 29.25 30.95 -22.02
N SER J 192 28.95 32.02 -21.28
CA SER J 192 28.72 33.33 -21.89
C SER J 192 30.03 33.95 -22.42
N ALA J 193 29.89 34.98 -23.25
CA ALA J 193 31.05 35.68 -23.82
C ALA J 193 31.87 36.38 -22.75
N THR J 194 31.17 37.00 -21.79
CA THR J 194 31.82 37.72 -20.70
C THR J 194 32.58 36.78 -19.76
N PHE J 195 32.03 35.58 -19.55
CA PHE J 195 32.66 34.57 -18.69
C PHE J 195 33.96 34.05 -19.31
N TRP J 196 33.95 33.83 -20.63
CA TRP J 196 35.15 33.42 -21.36
C TRP J 196 36.19 34.54 -21.46
N HIS J 197 35.72 35.79 -21.49
CA HIS J 197 36.61 36.94 -21.64
C HIS J 197 37.35 37.33 -20.36
N ASN J 198 36.84 36.89 -19.22
CA ASN J 198 37.46 37.15 -17.92
C ASN J 198 38.69 36.26 -17.71
N PRO J 199 39.89 36.88 -17.62
CA PRO J 199 41.16 36.16 -17.46
C PRO J 199 41.25 35.37 -16.16
N ARG J 200 40.36 35.65 -15.22
CA ARG J 200 40.28 34.94 -13.94
C ARG J 200 39.85 33.48 -14.10
N ASN J 201 38.91 33.25 -15.01
CA ASN J 201 38.25 31.95 -15.16
C ASN J 201 39.11 30.82 -15.74
N HIS J 202 39.15 29.71 -15.01
CA HIS J 202 39.99 28.56 -15.33
C HIS J 202 39.13 27.38 -15.76
N PHE J 203 39.29 26.96 -17.01
CA PHE J 203 38.52 25.86 -17.58
C PHE J 203 39.39 24.63 -17.74
N ARG J 204 38.88 23.49 -17.27
CA ARG J 204 39.62 22.23 -17.31
C ARG J 204 38.68 21.05 -17.53
N CYS J 205 38.98 20.25 -18.55
CA CYS J 205 38.25 18.99 -18.75
C CYS J 205 39.10 17.80 -18.31
N GLN J 206 38.47 16.89 -17.58
CA GLN J 206 39.16 15.76 -16.99
C GLN J 206 38.57 14.45 -17.50
N VAL J 207 39.43 13.50 -17.86
CA VAL J 207 39.00 12.17 -18.26
C VAL J 207 39.60 11.13 -17.32
N GLN J 208 38.74 10.47 -16.54
CA GLN J 208 39.15 9.34 -15.72
C GLN J 208 39.16 8.07 -16.58
N PHE J 209 40.34 7.49 -16.73
CA PHE J 209 40.53 6.27 -17.48
C PHE J 209 40.66 5.10 -16.52
N HIS J 210 39.75 4.13 -16.66
CA HIS J 210 39.82 2.90 -15.86
C HIS J 210 40.55 1.84 -16.66
N GLY J 211 41.76 1.51 -16.23
CA GLY J 211 42.61 0.56 -16.95
C GLY J 211 42.90 -0.71 -16.17
N LEU J 212 44.17 -0.93 -15.89
CA LEU J 212 44.61 -2.14 -15.19
C LEU J 212 44.73 -1.91 -13.69
N SER J 213 44.70 -3.00 -12.93
CA SER J 213 44.94 -2.97 -11.50
C SER J 213 46.42 -3.23 -11.21
N GLU J 214 46.81 -3.09 -9.94
CA GLU J 214 48.19 -3.33 -9.51
C GLU J 214 48.59 -4.80 -9.63
N GLU J 215 47.61 -5.69 -9.53
CA GLU J 215 47.82 -7.13 -9.64
C GLU J 215 48.20 -7.56 -11.06
N ASP J 216 47.81 -6.76 -12.04
CA ASP J 216 48.10 -7.05 -13.45
C ASP J 216 49.58 -6.88 -13.79
N LYS J 217 50.11 -7.84 -14.54
CA LYS J 217 51.51 -7.85 -14.95
C LYS J 217 51.75 -6.91 -16.13
N TRP J 218 52.86 -6.18 -16.09
CA TRP J 218 53.24 -5.26 -17.16
C TRP J 218 54.77 -5.21 -17.34
N PRO J 219 55.25 -5.46 -18.58
CA PRO J 219 56.68 -5.44 -18.88
C PRO J 219 57.32 -4.06 -18.74
N GLU J 220 58.62 -4.05 -18.45
CA GLU J 220 59.37 -2.80 -18.23
C GLU J 220 59.51 -1.96 -19.49
N GLY J 221 59.79 -0.67 -19.31
CA GLY J 221 59.99 0.26 -20.43
C GLY J 221 58.79 1.17 -20.64
N SER J 222 57.62 0.56 -20.83
CA SER J 222 56.38 1.29 -21.01
C SER J 222 55.67 1.47 -19.67
N PRO J 223 55.07 2.66 -19.43
CA PRO J 223 54.27 2.92 -18.22
C PRO J 223 53.00 2.07 -18.18
N LYS J 224 52.72 1.49 -17.02
CA LYS J 224 51.53 0.65 -16.83
C LYS J 224 50.25 1.50 -16.93
N PRO J 225 49.34 1.13 -17.86
CA PRO J 225 48.10 1.87 -18.07
C PRO J 225 47.07 1.64 -16.96
N VAL J 226 47.44 2.04 -15.74
CA VAL J 226 46.57 1.94 -14.57
C VAL J 226 45.45 2.98 -14.62
N THR J 227 44.58 2.96 -13.61
CA THR J 227 43.52 3.95 -13.48
C THR J 227 44.11 5.33 -13.17
N GLN J 228 43.78 6.30 -14.01
CA GLN J 228 44.40 7.63 -13.94
C GLN J 228 43.48 8.73 -14.46
N ASN J 229 43.76 9.96 -14.02
CA ASN J 229 43.07 11.16 -14.52
C ASN J 229 43.99 11.94 -15.45
N ILE J 230 43.47 12.30 -16.62
CA ILE J 230 44.23 13.08 -17.60
C ILE J 230 43.44 14.33 -18.00
N SER J 231 44.08 15.49 -17.85
CA SER J 231 43.41 16.77 -18.01
C SER J 231 44.05 17.68 -19.05
N ALA J 232 43.21 18.56 -19.60
CA ALA J 232 43.65 19.65 -20.47
C ALA J 232 42.94 20.92 -20.00
N GLU J 233 43.69 22.02 -19.91
CA GLU J 233 43.15 23.24 -19.32
C GLU J 233 43.39 24.51 -20.16
N ALA J 234 42.61 25.54 -19.87
CA ALA J 234 42.74 26.85 -20.51
C ALA J 234 42.21 27.95 -19.59
N TRP J 235 42.64 29.17 -19.83
CA TRP J 235 42.17 30.33 -19.08
C TRP J 235 41.48 31.35 -19.98
N GLY J 236 40.77 32.29 -19.35
CA GLY J 236 40.03 33.33 -20.06
C GLY J 236 40.90 34.29 -20.85
N ARG J 237 40.41 34.66 -22.03
CA ARG J 237 41.13 35.55 -22.95
C ARG J 237 40.24 36.73 -23.37
N ALA J 238 40.82 37.92 -23.39
CA ALA J 238 40.10 39.12 -23.82
C ALA J 238 39.79 39.12 -25.32
#